data_8RB9
#
_entry.id   8RB9
#
_cell.length_a   1.00
_cell.length_b   1.00
_cell.length_c   1.00
_cell.angle_alpha   90.00
_cell.angle_beta   90.00
_cell.angle_gamma   90.00
#
_symmetry.space_group_name_H-M   'P 1'
#
loop_
_entity.id
_entity.type
_entity.pdbx_description
1 polymer 'Ion-translocating oxidoreductase complex subunit A'
2 polymer 'Ion-translocating oxidoreductase complex subunit C'
3 polymer 'Ion-translocating oxidoreductase complex subunit D'
4 polymer 'Ion-translocating oxidoreductase complex subunit E'
5 polymer 'Ion-translocating oxidoreductase complex subunit G'
6 polymer 'Protein RnfH'
7 polymer 'Ion-translocating oxidoreductase complex subunit B'
8 non-polymer 'FE2/S2 (INORGANIC) CLUSTER'
9 non-polymer DODECYL-BETA-D-MALTOSIDE
10 non-polymer PHOSPHATIDYLETHANOLAMINE
11 non-polymer 'FLAVIN MONONUCLEOTIDE'
12 non-polymer 'IRON/SULFUR CLUSTER'
13 non-polymer RIBOFLAVIN
#
loop_
_entity_poly.entity_id
_entity_poly.type
_entity_poly.pdbx_seq_one_letter_code
_entity_poly.pdbx_strand_id
1 'polypeptide(L)'
;MEYVLFLLGTVLVHNVVLVGFLGLCPFMGVSSKLDPSIGLAVATTLVMGLGGASSWLLEHYVLLPLGIGFIRILAYIVVI
AGMVQLIEMIIRKASPSLYRSLGIYLPLITTNCAVLGVPLLSVREGHDLTMAVLFGLGSGLGFSLIMIIFAGLRERLALA
NVPAAFSGPPIAFVTAGLLALAFMGFGGLI
;
A
2 'polypeptide(L)'
;MYFNLSSIRGGVHPAAHKDLSAALPIGSLPLPPRLYLPLRQHAGAEALPMVAVGDKVLKGQLLAFPPTEVSAPVHAPTSG
RIVAIGPVPAPHPSGLTTTGIVLESDGEDRWIDLDVSTDPFAEDPLVLADRVAKAGIVGLGGAIFPAAVKLKQGTRHEIK
TVLVNGSECEPYLTCDDRIMRERAEAIVDGARLIQHILRAYSVVIAIEDNKPEALAAMRAAAEHFGAIEVMAVPALYPMG
SAKQLIQAVTGREVPAGGRSTDVGVLVHNAGTVYAIQQALRFGRPLISRVVTVSGACVKTPQNLDVLIGTPVQALIDACG
GLSGDPQQLLLGGPMMGAVLPSTEVPVIKGATGLLALARHELPNKDPAPCIRCASCVDACPMGLTPLDMALYARADDYDG
ASEYGLRDCILCGCCSYVCPSHIPLVHYFQYAKGQQDERRSAARKSDYIKRQTEVRAARLAEEEAAKAAAKAAKEAAKAA
KAAKTKAAKPSNEVES
;
C
3 'polypeptide(L)'
;MSTISVAAGPFAHDRSSVNRIMLDVCLALTPATLFGLVMFGWPAINLWLVTCVSALAIEAACLRLLGQPMRRLLDGSALL
TGWLLAISLPPWAPWWIGVGGSLFAIGIGKQLYGGIGQNPFNPAMLARVALLIAFPLQMTTWALPHPLFSSSAPGFFDSL
AITFAGAPLADGMTGATALGNLKTELTLNRTAQEILEGGFSTISALFGSTPGSLGETSELLLLVGGVWLVLRRIIHWEIP
VAILASVFVMATLAYLINPERYAGGLYQLTSGGLILCAFFIATDPVTSPISRVGRLIFGVGCGVLIYVIRTWGSFPEAAA
FAVLFMNALTPLIDRYWRPRAYGRNVRGKPLVAAKWTSQVKEVDKV
;
D
4 'polypeptide(L)'
;MSHCGAPSVPEPEKKVPWQYFTSALWQYNVALVQMLALCPTLAVTTTATNGLGMGLATTLVLVMTNALISSMRHTISPEV
RNPVMIGVIAGVVTLTDMAMNAWMHELYKVLGLFIALIVTNCAVLGRAESFCLRNPVIPSILDGAGMGAGFTAVLVVIGG
IREILGSGTLFSQASSLLGSHFKWMEITVIPDFQGILLAILPPGAFIVLGFLLAAKRVIDRKRAERRQQTHGELVVLQ
;
E
5 'polypeptide(L)'
;MNDTTMTPAEENAAPAEAAAGKPTLLARLEKWRPMVAYQGLSLGLVCAVVALLLLTGNIMTHGTIAEQQMQDRLATLREV
LPQSLYDNNPLADSFKVQDAELGEVEVLPARLQGKLTAVVFQGRNIGYGGPIEQMMSVDAQGKILGVRVLTHKETPGLAD
KIEASRSDWIKVFDGLSLENTALDKWKVKKDGGQFDQFAGATITPRAVVKTVLQGLQFQARHAEQLKAE
;
G
6 'polypeptide(L)'
;MRVSVVYADPAKPLQLSCKVEDGCSVEQAIQQSGVLRCCPDIDLKKQKVGVFGKFVKLDSPLKDGDRIEIYQRVTRVDDD
DDDDDD
;
H
7 'polypeptide(L)'
;MIEATLALTVMGVLLGCGLGLAARKFAVTDENPLIKEVSDLMPGSQCGQCGFPGCGAAAVAIVEGNASVTCCPPGGVGLA
EKLAAILGVPLDASQVAAPMLARVEASQCIGCTRCYRACPTDAIVGASGQVHVVLEDACTGCGKCRDACPEDCVLLIPQE
QTLDTWRWDKPAAA
;
B
#
loop_
_chem_comp.id
_chem_comp.type
_chem_comp.name
_chem_comp.formula
FES non-polymer 'FE2/S2 (INORGANIC) CLUSTER' 'Fe2 S2'
FMN non-polymer 'FLAVIN MONONUCLEOTIDE' 'C17 H21 N4 O9 P'
LMT D-saccharide DODECYL-BETA-D-MALTOSIDE 'C24 H46 O11'
PTY non-polymer PHOSPHATIDYLETHANOLAMINE 'C40 H80 N O8 P'
RBF non-polymer RIBOFLAVIN 'C17 H20 N4 O6'
SF4 non-polymer 'IRON/SULFUR CLUSTER' 'Fe4 S4'
#
# COMPACT_ATOMS: atom_id res chain seq x y z
N GLU A 2 -0.89 -31.58 -21.92
CA GLU A 2 0.20 -31.53 -20.96
C GLU A 2 -0.33 -31.11 -19.59
N TYR A 3 0.52 -31.19 -18.56
CA TYR A 3 0.14 -30.83 -17.21
C TYR A 3 0.46 -29.39 -16.86
N VAL A 4 1.50 -28.81 -17.45
CA VAL A 4 1.80 -27.40 -17.22
C VAL A 4 0.67 -26.52 -17.75
N LEU A 5 0.14 -26.87 -18.93
CA LEU A 5 -1.01 -26.14 -19.46
C LEU A 5 -2.21 -26.28 -18.54
N PHE A 6 -2.47 -27.48 -18.03
CA PHE A 6 -3.59 -27.68 -17.12
C PHE A 6 -3.44 -26.83 -15.87
N LEU A 7 -2.24 -26.82 -15.29
CA LEU A 7 -2.00 -26.04 -14.08
C LEU A 7 -2.15 -24.54 -14.34
N LEU A 8 -1.62 -24.06 -15.46
CA LEU A 8 -1.73 -22.64 -15.78
C LEU A 8 -3.17 -22.25 -16.07
N GLY A 9 -3.93 -23.12 -16.73
CA GLY A 9 -5.34 -22.84 -16.95
C GLY A 9 -6.14 -22.80 -15.66
N THR A 10 -5.81 -23.69 -14.73
CA THR A 10 -6.48 -23.66 -13.43
C THR A 10 -6.14 -22.40 -12.66
N VAL A 11 -4.88 -21.96 -12.72
CA VAL A 11 -4.44 -20.82 -11.93
C VAL A 11 -4.98 -19.51 -12.51
N LEU A 12 -4.87 -19.34 -13.83
CA LEU A 12 -5.13 -18.05 -14.46
C LEU A 12 -6.46 -18.02 -15.19
N VAL A 13 -6.70 -18.94 -16.13
CA VAL A 13 -7.91 -18.90 -16.94
C VAL A 13 -9.15 -19.23 -16.11
N HIS A 14 -9.03 -20.16 -15.18
CA HIS A 14 -10.18 -20.63 -14.42
C HIS A 14 -10.00 -20.37 -12.92
N ASN A 15 -9.62 -19.14 -12.57
CA ASN A 15 -9.34 -18.81 -11.18
C ASN A 15 -10.53 -19.12 -10.29
N VAL A 16 -10.26 -19.72 -9.14
CA VAL A 16 -11.32 -20.25 -8.28
C VAL A 16 -12.09 -19.17 -7.55
N VAL A 17 -11.62 -17.93 -7.55
CA VAL A 17 -12.27 -16.84 -6.84
C VAL A 17 -12.92 -15.85 -7.80
N LEU A 18 -12.16 -15.37 -8.78
CA LEU A 18 -12.67 -14.31 -9.66
C LEU A 18 -13.76 -14.82 -10.59
N VAL A 19 -13.67 -16.07 -11.03
CA VAL A 19 -14.67 -16.65 -11.92
C VAL A 19 -15.37 -17.85 -11.29
N GLY A 20 -14.90 -18.31 -10.13
CA GLY A 20 -15.48 -19.48 -9.50
C GLY A 20 -16.31 -19.15 -8.28
N PHE A 21 -16.03 -18.01 -7.63
CA PHE A 21 -16.76 -17.55 -6.46
C PHE A 21 -16.75 -18.59 -5.34
N LEU A 22 -15.57 -19.12 -5.03
CA LEU A 22 -15.40 -20.11 -3.98
C LEU A 22 -14.39 -19.61 -2.97
N GLY A 23 -14.67 -19.83 -1.69
CA GLY A 23 -13.78 -19.41 -0.63
C GLY A 23 -13.61 -17.91 -0.51
N LEU A 24 -14.71 -17.16 -0.59
CA LEU A 24 -14.63 -15.70 -0.57
C LEU A 24 -14.68 -15.11 0.83
N CYS A 25 -15.29 -15.79 1.80
CA CYS A 25 -15.36 -15.23 3.15
C CYS A 25 -13.98 -15.10 3.80
N PRO A 26 -13.15 -16.16 3.90
CA PRO A 26 -11.80 -15.98 4.47
C PRO A 26 -10.94 -15.09 3.59
N PHE A 27 -11.19 -15.15 2.27
CA PHE A 27 -10.42 -14.35 1.34
C PHE A 27 -10.64 -12.86 1.56
N MET A 28 -11.88 -12.46 1.84
CA MET A 28 -12.22 -11.07 2.11
C MET A 28 -11.98 -10.68 3.57
N GLY A 29 -11.85 -11.66 4.47
CA GLY A 29 -11.63 -11.34 5.86
C GLY A 29 -10.17 -11.23 6.27
N VAL A 30 -9.31 -12.06 5.68
CA VAL A 30 -7.90 -12.12 6.09
C VAL A 30 -6.98 -11.32 5.17
N SER A 31 -7.46 -10.88 4.02
CA SER A 31 -6.59 -10.16 3.08
C SER A 31 -6.31 -8.73 3.50
N SER A 32 -6.65 -8.31 4.72
CA SER A 32 -6.29 -6.97 5.16
C SER A 32 -4.80 -6.83 5.37
N LYS A 33 -4.15 -7.88 5.87
CA LYS A 33 -2.71 -7.88 6.10
C LYS A 33 -2.04 -8.91 5.18
N LEU A 34 -0.72 -8.77 5.02
CA LEU A 34 -0.02 -9.61 4.05
C LEU A 34 0.45 -10.92 4.67
N ASP A 35 1.00 -10.88 5.88
CA ASP A 35 1.50 -12.09 6.52
C ASP A 35 0.41 -13.12 6.78
N PRO A 36 -0.74 -12.78 7.37
CA PRO A 36 -1.83 -13.77 7.46
C PRO A 36 -2.28 -14.26 6.10
N SER A 37 -2.24 -13.39 5.08
CA SER A 37 -2.62 -13.82 3.74
C SER A 37 -1.69 -14.91 3.23
N ILE A 38 -0.37 -14.73 3.41
CA ILE A 38 0.58 -15.74 2.97
C ILE A 38 0.39 -17.03 3.75
N GLY A 39 0.22 -16.92 5.06
CA GLY A 39 0.03 -18.12 5.88
C GLY A 39 -1.20 -18.91 5.46
N LEU A 40 -2.33 -18.22 5.30
CA LEU A 40 -3.55 -18.89 4.87
C LEU A 40 -3.43 -19.44 3.46
N ALA A 41 -2.67 -18.76 2.59
CA ALA A 41 -2.46 -19.26 1.24
C ALA A 41 -1.74 -20.60 1.26
N VAL A 42 -0.65 -20.69 2.01
CA VAL A 42 0.08 -21.96 2.08
C VAL A 42 -0.79 -23.04 2.71
N ALA A 43 -1.49 -22.68 3.80
CA ALA A 43 -2.32 -23.67 4.49
C ALA A 43 -3.41 -24.19 3.57
N THR A 44 -4.07 -23.30 2.82
CA THR A 44 -5.18 -23.73 1.98
C THR A 44 -4.68 -24.51 0.77
N THR A 45 -3.48 -24.20 0.25
CA THR A 45 -2.93 -25.01 -0.81
C THR A 45 -2.72 -26.45 -0.35
N LEU A 46 -2.08 -26.61 0.81
CA LEU A 46 -1.85 -27.96 1.33
C LEU A 46 -3.16 -28.67 1.61
N VAL A 47 -4.12 -27.97 2.23
CA VAL A 47 -5.39 -28.58 2.60
C VAL A 47 -6.16 -29.00 1.36
N MET A 48 -6.16 -28.16 0.32
CA MET A 48 -6.88 -28.50 -0.90
C MET A 48 -6.26 -29.69 -1.61
N GLY A 49 -4.92 -29.75 -1.65
CA GLY A 49 -4.29 -30.93 -2.24
C GLY A 49 -4.66 -32.21 -1.51
N LEU A 50 -4.55 -32.19 -0.17
CA LEU A 50 -4.89 -33.37 0.62
C LEU A 50 -6.37 -33.73 0.46
N GLY A 51 -7.24 -32.74 0.45
CA GLY A 51 -8.66 -33.00 0.31
C GLY A 51 -9.01 -33.58 -1.04
N GLY A 52 -8.39 -33.08 -2.11
CA GLY A 52 -8.62 -33.67 -3.42
C GLY A 52 -8.19 -35.12 -3.47
N ALA A 53 -6.99 -35.41 -2.95
CA ALA A 53 -6.52 -36.81 -2.96
C ALA A 53 -7.46 -37.71 -2.16
N SER A 54 -7.81 -37.30 -0.94
CA SER A 54 -8.67 -38.12 -0.09
C SER A 54 -10.05 -38.30 -0.70
N SER A 55 -10.61 -37.23 -1.28
CA SER A 55 -11.94 -37.31 -1.88
C SER A 55 -11.93 -38.25 -3.08
N TRP A 56 -10.91 -38.18 -3.93
CA TRP A 56 -10.86 -39.11 -5.06
C TRP A 56 -10.74 -40.54 -4.58
N LEU A 57 -9.88 -40.79 -3.58
CA LEU A 57 -9.73 -42.15 -3.06
C LEU A 57 -11.05 -42.66 -2.50
N LEU A 58 -11.73 -41.84 -1.72
CA LEU A 58 -12.99 -42.26 -1.11
C LEU A 58 -14.06 -42.51 -2.17
N GLU A 59 -14.08 -41.69 -3.22
CA GLU A 59 -15.12 -41.84 -4.23
C GLU A 59 -14.89 -43.06 -5.11
N HIS A 60 -13.64 -43.30 -5.51
CA HIS A 60 -13.36 -44.37 -6.45
C HIS A 60 -13.01 -45.70 -5.78
N TYR A 61 -12.93 -45.74 -4.45
CA TYR A 61 -12.67 -47.00 -3.75
C TYR A 61 -13.77 -47.45 -2.81
N VAL A 62 -14.65 -46.55 -2.37
CA VAL A 62 -15.66 -46.90 -1.38
C VAL A 62 -17.06 -46.59 -1.91
N LEU A 63 -17.26 -45.35 -2.37
CA LEU A 63 -18.59 -44.90 -2.75
C LEU A 63 -19.09 -45.64 -4.00
N LEU A 64 -18.37 -45.50 -5.11
CA LEU A 64 -18.82 -46.11 -6.36
C LEU A 64 -18.91 -47.63 -6.30
N PRO A 65 -17.92 -48.37 -5.76
CA PRO A 65 -18.07 -49.83 -5.69
C PRO A 65 -19.29 -50.28 -4.92
N LEU A 66 -19.67 -49.56 -3.86
CA LEU A 66 -20.86 -49.93 -3.11
C LEU A 66 -22.14 -49.38 -3.74
N GLY A 67 -22.03 -48.49 -4.72
CA GLY A 67 -23.17 -47.96 -5.42
C GLY A 67 -23.77 -46.69 -4.83
N ILE A 68 -23.30 -46.26 -3.67
CA ILE A 68 -23.81 -45.05 -3.03
C ILE A 68 -22.98 -43.86 -3.49
N GLY A 69 -23.55 -43.04 -4.38
CA GLY A 69 -22.88 -41.85 -4.84
C GLY A 69 -23.53 -40.60 -4.28
N PHE A 70 -24.84 -40.66 -4.04
CA PHE A 70 -25.57 -39.50 -3.55
C PHE A 70 -25.11 -39.09 -2.15
N ILE A 71 -24.47 -40.00 -1.42
CA ILE A 71 -23.94 -39.66 -0.10
C ILE A 71 -22.70 -38.79 -0.19
N ARG A 72 -22.07 -38.72 -1.38
CA ARG A 72 -20.69 -38.28 -1.48
C ARG A 72 -20.44 -36.99 -0.71
N ILE A 73 -21.31 -35.99 -0.90
CA ILE A 73 -21.11 -34.68 -0.28
C ILE A 73 -20.80 -34.85 1.20
N LEU A 74 -21.74 -35.46 1.93
CA LEU A 74 -21.54 -35.68 3.35
C LEU A 74 -20.18 -36.31 3.60
N ALA A 75 -19.95 -37.48 3.02
CA ALA A 75 -18.70 -38.19 3.27
C ALA A 75 -17.52 -37.26 3.03
N TYR A 76 -17.52 -36.59 1.86
CA TYR A 76 -16.43 -35.70 1.52
C TYR A 76 -16.12 -34.78 2.68
N ILE A 77 -17.11 -33.94 3.04
CA ILE A 77 -16.81 -32.88 4.00
C ILE A 77 -16.37 -33.50 5.31
N VAL A 78 -17.04 -34.58 5.72
CA VAL A 78 -16.72 -35.18 7.01
C VAL A 78 -15.25 -35.57 7.03
N VAL A 79 -14.81 -36.30 6.00
CA VAL A 79 -13.42 -36.75 5.98
C VAL A 79 -12.51 -35.54 6.03
N ILE A 80 -12.79 -34.54 5.19
CA ILE A 80 -11.94 -33.36 5.16
C ILE A 80 -11.86 -32.75 6.54
N ALA A 81 -13.02 -32.58 7.18
CA ALA A 81 -13.03 -31.99 8.52
C ALA A 81 -12.09 -32.74 9.44
N GLY A 82 -12.24 -34.07 9.49
CA GLY A 82 -11.36 -34.84 10.35
C GLY A 82 -9.91 -34.59 10.04
N MET A 83 -9.55 -34.68 8.75
CA MET A 83 -8.17 -34.46 8.36
C MET A 83 -7.68 -33.13 8.89
N VAL A 84 -8.46 -32.06 8.68
CA VAL A 84 -8.00 -30.74 9.08
C VAL A 84 -7.68 -30.73 10.57
N GLN A 85 -8.56 -31.31 11.38
CA GLN A 85 -8.33 -31.30 12.82
C GLN A 85 -6.99 -31.94 13.14
N LEU A 86 -6.71 -33.10 12.54
CA LEU A 86 -5.43 -33.74 12.77
C LEU A 86 -4.29 -32.81 12.35
N ILE A 87 -4.37 -32.25 11.14
CA ILE A 87 -3.30 -31.40 10.65
C ILE A 87 -3.16 -30.17 11.52
N GLU A 88 -4.15 -29.86 12.34
CA GLU A 88 -3.97 -28.82 13.33
C GLU A 88 -3.26 -29.36 14.56
N MET A 89 -3.84 -30.39 15.19
CA MET A 89 -3.37 -30.83 16.50
C MET A 89 -1.99 -31.45 16.41
N ILE A 90 -1.72 -32.22 15.36
CA ILE A 90 -0.40 -32.79 15.16
C ILE A 90 0.66 -31.70 15.06
N ILE A 91 0.26 -30.51 14.60
CA ILE A 91 1.22 -29.41 14.45
C ILE A 91 0.98 -28.39 15.57
N ARG A 92 0.47 -28.87 16.71
CA ARG A 92 0.28 -28.02 17.87
C ARG A 92 0.95 -28.71 19.07
N LYS A 93 2.15 -29.24 18.83
CA LYS A 93 2.93 -29.98 19.82
C LYS A 93 4.22 -30.53 19.22
N ALA A 94 4.12 -31.12 18.03
CA ALA A 94 5.31 -31.65 17.37
C ALA A 94 6.28 -30.54 16.99
N SER A 95 5.75 -29.42 16.49
CA SER A 95 6.55 -28.27 16.10
C SER A 95 5.81 -27.01 16.54
N PRO A 96 6.00 -26.57 17.79
CA PRO A 96 5.30 -25.36 18.26
C PRO A 96 5.66 -24.12 17.47
N SER A 97 6.88 -24.04 16.94
CA SER A 97 7.22 -22.91 16.06
C SER A 97 6.41 -22.96 14.77
N LEU A 98 6.11 -24.16 14.27
CA LEU A 98 5.31 -24.29 13.06
C LEU A 98 3.85 -23.88 13.29
N TYR A 99 3.40 -23.84 14.53
CA TYR A 99 2.04 -23.35 14.82
C TYR A 99 2.01 -21.83 14.89
N ARG A 100 2.59 -21.21 13.87
CA ARG A 100 2.50 -19.77 13.69
C ARG A 100 2.37 -19.38 12.22
N SER A 101 2.43 -20.34 11.30
CA SER A 101 2.36 -20.03 9.87
C SER A 101 1.32 -20.91 9.19
N LEU A 102 1.03 -22.06 9.77
CA LEU A 102 0.03 -22.97 9.22
C LEU A 102 -1.05 -23.35 10.22
N GLY A 103 -0.68 -23.58 11.48
CA GLY A 103 -1.66 -24.08 12.44
C GLY A 103 -2.74 -23.06 12.79
N ILE A 104 -2.36 -21.79 12.91
CA ILE A 104 -3.31 -20.77 13.33
C ILE A 104 -4.42 -20.60 12.30
N TYR A 105 -4.07 -20.57 11.03
CA TYR A 105 -5.04 -20.35 9.97
C TYR A 105 -5.78 -21.60 9.54
N LEU A 106 -5.36 -22.77 10.04
CA LEU A 106 -6.01 -24.02 9.65
C LEU A 106 -7.49 -24.10 10.04
N PRO A 107 -7.91 -23.66 11.24
CA PRO A 107 -9.36 -23.72 11.54
C PRO A 107 -10.21 -22.88 10.60
N LEU A 108 -9.64 -21.86 9.95
CA LEU A 108 -10.40 -21.05 9.03
C LEU A 108 -10.87 -21.83 7.80
N ILE A 109 -10.14 -22.85 7.40
CA ILE A 109 -10.42 -23.56 6.16
C ILE A 109 -10.95 -24.96 6.41
N THR A 110 -11.55 -25.20 7.59
CA THR A 110 -12.23 -26.47 7.82
C THR A 110 -13.44 -26.60 6.90
N THR A 111 -14.19 -25.50 6.72
CA THR A 111 -15.30 -25.42 5.77
C THR A 111 -15.12 -24.11 5.02
N ASN A 112 -14.59 -24.19 3.80
CA ASN A 112 -14.16 -23.02 3.05
C ASN A 112 -14.99 -22.77 1.79
N CYS A 113 -15.79 -23.74 1.36
CA CYS A 113 -16.55 -23.83 0.12
C CYS A 113 -15.65 -24.10 -1.06
N ALA A 114 -14.33 -23.99 -0.91
CA ALA A 114 -13.40 -24.32 -1.98
C ALA A 114 -12.88 -25.74 -1.82
N VAL A 115 -12.52 -26.10 -0.58
CA VAL A 115 -12.12 -27.47 -0.27
C VAL A 115 -13.24 -28.46 -0.55
N LEU A 116 -14.48 -27.98 -0.66
CA LEU A 116 -15.59 -28.82 -1.09
C LEU A 116 -16.04 -28.54 -2.52
N GLY A 117 -15.89 -27.31 -3.00
CA GLY A 117 -16.25 -27.02 -4.37
C GLY A 117 -15.35 -27.73 -5.38
N VAL A 118 -14.05 -27.75 -5.12
CA VAL A 118 -13.11 -28.37 -6.06
C VAL A 118 -13.34 -29.87 -6.21
N PRO A 119 -13.47 -30.66 -5.13
CA PRO A 119 -13.76 -32.09 -5.33
C PRO A 119 -15.04 -32.36 -6.10
N LEU A 120 -16.11 -31.60 -5.82
CA LEU A 120 -17.38 -31.82 -6.52
C LEU A 120 -17.26 -31.46 -7.99
N LEU A 121 -16.52 -30.39 -8.31
CA LEU A 121 -16.26 -30.05 -9.71
C LEU A 121 -15.43 -31.13 -10.39
N SER A 122 -14.42 -31.64 -9.69
CA SER A 122 -13.53 -32.65 -10.28
C SER A 122 -14.26 -33.97 -10.51
N VAL A 123 -15.27 -34.28 -9.68
CA VAL A 123 -16.04 -35.51 -9.89
C VAL A 123 -16.77 -35.45 -11.23
N ARG A 124 -17.38 -34.32 -11.56
CA ARG A 124 -18.13 -34.22 -12.81
C ARG A 124 -17.23 -34.35 -14.03
N GLU A 125 -15.97 -33.92 -13.93
CA GLU A 125 -15.03 -34.07 -15.04
C GLU A 125 -14.47 -35.47 -15.17
N GLY A 126 -14.64 -36.32 -14.17
CA GLY A 126 -14.11 -37.68 -14.23
C GLY A 126 -12.60 -37.74 -14.26
N HIS A 127 -11.93 -36.92 -13.45
CA HIS A 127 -10.48 -36.93 -13.38
C HIS A 127 -9.99 -38.21 -12.70
N ASP A 128 -8.76 -38.61 -13.04
CA ASP A 128 -8.09 -39.69 -12.36
C ASP A 128 -7.40 -39.14 -11.12
N LEU A 129 -6.60 -39.96 -10.44
CA LEU A 129 -5.99 -39.53 -9.18
C LEU A 129 -5.00 -38.39 -9.42
N THR A 130 -4.11 -38.54 -10.41
CA THR A 130 -3.13 -37.50 -10.67
C THR A 130 -3.81 -36.20 -11.10
N MET A 131 -4.83 -36.30 -11.96
CA MET A 131 -5.53 -35.11 -12.41
C MET A 131 -6.29 -34.45 -11.27
N ALA A 132 -6.88 -35.25 -10.38
CA ALA A 132 -7.58 -34.67 -9.23
C ALA A 132 -6.63 -33.95 -8.30
N VAL A 133 -5.47 -34.55 -8.02
CA VAL A 133 -4.49 -33.88 -7.16
C VAL A 133 -3.99 -32.61 -7.81
N LEU A 134 -3.74 -32.64 -9.12
CA LEU A 134 -3.26 -31.45 -9.81
C LEU A 134 -4.34 -30.36 -9.84
N PHE A 135 -5.60 -30.75 -10.00
CA PHE A 135 -6.68 -29.77 -9.96
C PHE A 135 -6.75 -29.10 -8.59
N GLY A 136 -6.66 -29.90 -7.52
CA GLY A 136 -6.65 -29.32 -6.19
C GLY A 136 -5.49 -28.37 -5.97
N LEU A 137 -4.28 -28.80 -6.37
CA LEU A 137 -3.10 -27.97 -6.18
C LEU A 137 -3.17 -26.70 -7.01
N GLY A 138 -3.65 -26.78 -8.24
CA GLY A 138 -3.77 -25.59 -9.08
C GLY A 138 -4.80 -24.61 -8.56
N SER A 139 -5.95 -25.12 -8.10
CA SER A 139 -6.93 -24.23 -7.50
C SER A 139 -6.38 -23.56 -6.24
N GLY A 140 -5.65 -24.31 -5.42
CA GLY A 140 -5.02 -23.72 -4.26
C GLY A 140 -4.01 -22.65 -4.63
N LEU A 141 -3.22 -22.90 -5.67
CA LEU A 141 -2.23 -21.92 -6.11
C LEU A 141 -2.89 -20.65 -6.63
N GLY A 142 -3.98 -20.80 -7.40
CA GLY A 142 -4.70 -19.63 -7.86
C GLY A 142 -5.30 -18.82 -6.73
N PHE A 143 -5.90 -19.51 -5.76
CA PHE A 143 -6.42 -18.85 -4.57
C PHE A 143 -5.32 -18.11 -3.82
N SER A 144 -4.15 -18.75 -3.69
CA SER A 144 -3.03 -18.13 -2.99
C SER A 144 -2.54 -16.88 -3.70
N LEU A 145 -2.34 -16.97 -5.02
CA LEU A 145 -1.85 -15.83 -5.77
C LEU A 145 -2.83 -14.66 -5.73
N ILE A 146 -4.12 -14.96 -5.91
CA ILE A 146 -5.12 -13.90 -5.86
C ILE A 146 -5.16 -13.25 -4.47
N MET A 147 -5.09 -14.07 -3.42
CA MET A 147 -5.13 -13.52 -2.07
C MET A 147 -3.92 -12.64 -1.79
N ILE A 148 -2.74 -13.05 -2.26
CA ILE A 148 -1.53 -12.26 -2.03
C ILE A 148 -1.63 -10.92 -2.76
N ILE A 149 -2.06 -10.95 -4.02
CA ILE A 149 -2.17 -9.71 -4.78
C ILE A 149 -3.19 -8.78 -4.12
N PHE A 150 -4.34 -9.34 -3.72
CA PHE A 150 -5.38 -8.52 -3.11
C PHE A 150 -4.94 -7.98 -1.76
N ALA A 151 -4.17 -8.76 -1.00
CA ALA A 151 -3.64 -8.28 0.27
C ALA A 151 -2.69 -7.11 0.06
N GLY A 152 -1.82 -7.20 -0.95
CA GLY A 152 -0.96 -6.06 -1.26
C GLY A 152 -1.76 -4.83 -1.64
N LEU A 153 -2.78 -5.01 -2.49
CA LEU A 153 -3.60 -3.88 -2.90
C LEU A 153 -4.31 -3.25 -1.71
N ARG A 154 -4.89 -4.07 -0.83
CA ARG A 154 -5.60 -3.53 0.33
C ARG A 154 -4.66 -2.87 1.32
N GLU A 155 -3.45 -3.41 1.49
CA GLU A 155 -2.47 -2.75 2.34
C GLU A 155 -2.08 -1.39 1.80
N ARG A 156 -1.93 -1.26 0.48
CA ARG A 156 -1.63 0.07 -0.05
C ARG A 156 -2.84 1.00 0.03
N LEU A 157 -4.06 0.46 -0.12
CA LEU A 157 -5.25 1.29 0.01
C LEU A 157 -5.50 1.76 1.44
N ALA A 158 -5.03 1.00 2.43
CA ALA A 158 -5.28 1.38 3.82
C ALA A 158 -4.56 2.68 4.20
N LEU A 159 -3.56 3.08 3.41
CA LEU A 159 -2.82 4.31 3.65
C LEU A 159 -3.17 5.40 2.65
N ALA A 160 -4.32 5.29 1.99
CA ALA A 160 -4.75 6.24 0.99
C ALA A 160 -5.95 7.02 1.51
N ASN A 161 -6.34 8.04 0.77
CA ASN A 161 -7.43 8.94 1.17
C ASN A 161 -8.76 8.49 0.59
N VAL A 162 -9.13 7.24 0.86
CA VAL A 162 -10.41 6.69 0.43
C VAL A 162 -11.52 7.43 1.18
N PRO A 163 -12.64 7.76 0.54
CA PRO A 163 -13.70 8.48 1.24
C PRO A 163 -14.24 7.68 2.43
N ALA A 164 -14.72 8.40 3.44
CA ALA A 164 -15.19 7.77 4.66
C ALA A 164 -16.37 6.85 4.44
N ALA A 165 -17.15 7.07 3.37
CA ALA A 165 -18.29 6.21 3.07
C ALA A 165 -17.89 4.94 2.31
N PHE A 166 -16.64 4.83 1.87
CA PHE A 166 -16.18 3.67 1.13
C PHE A 166 -14.95 3.00 1.74
N SER A 167 -14.31 3.61 2.73
CA SER A 167 -13.11 3.02 3.32
C SER A 167 -13.43 1.70 3.98
N GLY A 168 -12.63 0.68 3.68
CA GLY A 168 -12.79 -0.62 4.29
C GLY A 168 -13.29 -1.67 3.32
N PRO A 169 -14.30 -2.43 3.75
CA PRO A 169 -14.81 -3.54 2.93
C PRO A 169 -15.36 -3.09 1.59
N PRO A 170 -16.14 -1.99 1.51
CA PRO A 170 -16.69 -1.63 0.17
C PRO A 170 -15.62 -1.36 -0.87
N ILE A 171 -14.55 -0.66 -0.50
CA ILE A 171 -13.49 -0.41 -1.47
C ILE A 171 -12.79 -1.72 -1.82
N ALA A 172 -12.73 -2.66 -0.88
CA ALA A 172 -12.15 -3.97 -1.18
C ALA A 172 -13.00 -4.71 -2.21
N PHE A 173 -14.32 -4.66 -2.07
CA PHE A 173 -15.19 -5.32 -3.05
C PHE A 173 -15.07 -4.67 -4.42
N VAL A 174 -15.03 -3.34 -4.46
CA VAL A 174 -14.89 -2.66 -5.75
C VAL A 174 -13.55 -3.03 -6.40
N THR A 175 -12.48 -3.06 -5.60
CA THR A 175 -11.17 -3.42 -6.12
C THR A 175 -11.14 -4.87 -6.60
N ALA A 176 -11.86 -5.76 -5.90
CA ALA A 176 -11.94 -7.15 -6.34
C ALA A 176 -12.68 -7.27 -7.66
N GLY A 177 -13.73 -6.48 -7.84
CA GLY A 177 -14.41 -6.45 -9.13
C GLY A 177 -13.51 -5.97 -10.25
N LEU A 178 -12.75 -4.91 -9.99
CA LEU A 178 -11.79 -4.44 -10.99
C LEU A 178 -10.71 -5.48 -11.26
N LEU A 179 -10.28 -6.22 -10.23
CA LEU A 179 -9.29 -7.26 -10.40
C LEU A 179 -9.83 -8.40 -11.27
N ALA A 180 -11.09 -8.79 -11.06
CA ALA A 180 -11.71 -9.78 -11.92
C ALA A 180 -11.80 -9.28 -13.36
N LEU A 181 -12.15 -8.00 -13.53
CA LEU A 181 -12.18 -7.43 -14.87
C LEU A 181 -10.81 -7.49 -15.54
N ALA A 182 -9.75 -7.20 -14.78
CA ALA A 182 -8.39 -7.28 -15.31
C ALA A 182 -8.03 -8.70 -15.68
N PHE A 183 -8.36 -9.67 -14.82
CA PHE A 183 -8.08 -11.07 -15.10
C PHE A 183 -8.92 -11.62 -16.25
N MET A 184 -10.00 -10.92 -16.62
CA MET A 184 -10.86 -11.40 -17.71
C MET A 184 -10.14 -11.45 -19.05
N GLY A 185 -8.89 -10.99 -19.12
CA GLY A 185 -8.16 -11.01 -20.37
C GLY A 185 -7.51 -12.34 -20.69
N PHE A 186 -7.47 -13.27 -19.73
CA PHE A 186 -6.87 -14.58 -19.97
C PHE A 186 -7.84 -15.59 -20.54
N GLY A 187 -9.10 -15.21 -20.75
CA GLY A 187 -10.09 -16.12 -21.29
C GLY A 187 -9.75 -16.66 -22.65
N GLY A 188 -9.81 -17.98 -22.81
CA GLY A 188 -9.51 -18.63 -24.06
C GLY A 188 -8.04 -18.88 -24.32
N LEU A 189 -7.15 -18.42 -23.44
CA LEU A 189 -5.73 -18.64 -23.65
C LEU A 189 -5.38 -20.12 -23.51
N ILE A 190 -5.95 -20.80 -22.52
CA ILE A 190 -5.72 -22.22 -22.32
C ILE A 190 -7.05 -22.94 -22.11
N PHE B 3 43.71 12.45 -4.13
CA PHE B 3 43.04 11.27 -4.65
C PHE B 3 42.19 11.64 -5.86
N ASN B 4 41.08 10.92 -6.04
CA ASN B 4 40.13 11.20 -7.10
C ASN B 4 38.72 11.22 -6.51
N LEU B 5 37.92 12.19 -6.94
CA LEU B 5 36.58 12.35 -6.41
C LEU B 5 35.65 11.27 -6.93
N SER B 6 34.92 10.61 -6.03
CA SER B 6 33.83 9.73 -6.43
C SER B 6 32.57 10.55 -6.68
N SER B 7 31.44 9.87 -6.84
CA SER B 7 30.18 10.56 -7.08
C SER B 7 29.18 10.16 -6.02
N ILE B 8 28.53 11.14 -5.41
CA ILE B 8 27.48 10.87 -4.43
C ILE B 8 26.18 10.62 -5.18
N ARG B 9 25.19 10.08 -4.49
CA ARG B 9 23.90 9.74 -5.08
C ARG B 9 22.88 10.80 -4.67
N GLY B 10 22.14 11.31 -5.64
CA GLY B 10 21.15 12.33 -5.38
C GLY B 10 21.75 13.71 -5.21
N GLY B 11 20.87 14.67 -4.94
CA GLY B 11 21.30 16.04 -4.78
C GLY B 11 20.57 16.98 -5.72
N VAL B 12 20.56 18.27 -5.39
CA VAL B 12 19.86 19.28 -6.18
C VAL B 12 20.81 20.44 -6.47
N HIS B 13 20.36 21.33 -7.35
CA HIS B 13 21.15 22.50 -7.71
C HIS B 13 20.33 23.78 -7.50
N PRO B 14 20.17 24.22 -6.26
CA PRO B 14 19.43 25.47 -6.02
C PRO B 14 20.23 26.68 -6.47
N ALA B 15 19.51 27.78 -6.70
CA ALA B 15 20.16 29.03 -7.09
C ALA B 15 21.10 29.50 -5.98
N ALA B 16 22.37 29.68 -6.32
CA ALA B 16 23.39 29.96 -5.31
C ALA B 16 23.13 31.28 -4.60
N HIS B 17 22.91 32.36 -5.37
CA HIS B 17 22.74 33.70 -4.82
C HIS B 17 23.92 34.10 -3.94
N LYS B 18 25.12 33.65 -4.28
CA LYS B 18 26.30 33.93 -3.48
C LYS B 18 27.11 35.12 -3.99
N ASP B 19 26.73 35.70 -5.13
CA ASP B 19 27.53 36.77 -5.74
C ASP B 19 27.17 38.15 -5.22
N LEU B 20 26.07 38.29 -4.48
CA LEU B 20 25.65 39.62 -4.01
C LEU B 20 26.23 39.98 -2.65
N SER B 21 26.86 39.05 -1.96
CA SER B 21 27.44 39.30 -0.65
C SER B 21 28.90 38.89 -0.53
N ALA B 22 29.40 38.02 -1.39
CA ALA B 22 30.80 37.62 -1.35
C ALA B 22 31.67 38.51 -2.23
N ALA B 23 31.54 39.81 -2.04
CA ALA B 23 32.40 40.79 -2.71
C ALA B 23 33.12 41.69 -1.72
N LEU B 24 32.40 42.27 -0.77
CA LEU B 24 32.98 43.13 0.24
C LEU B 24 33.71 42.29 1.30
N PRO B 25 34.79 42.82 1.87
CA PRO B 25 35.50 42.08 2.92
C PRO B 25 34.66 41.96 4.18
N ILE B 26 35.19 41.20 5.14
CA ILE B 26 34.50 40.99 6.40
C ILE B 26 34.45 42.30 7.17
N GLY B 27 33.25 42.77 7.47
CA GLY B 27 33.07 44.01 8.19
C GLY B 27 33.20 43.83 9.69
N SER B 28 32.93 44.91 10.41
CA SER B 28 33.01 44.93 11.86
C SER B 28 31.78 45.61 12.44
N LEU B 29 31.50 45.29 13.71
CA LEU B 29 30.35 45.81 14.42
C LEU B 29 30.76 46.77 15.52
N PRO B 30 30.09 47.90 15.66
CA PRO B 30 30.23 48.70 16.88
C PRO B 30 29.66 47.92 18.06
N LEU B 31 30.23 48.15 19.23
CA LEU B 31 29.83 47.39 20.42
C LEU B 31 28.40 47.73 20.79
N PRO B 32 27.49 46.75 20.81
CA PRO B 32 26.12 47.02 21.24
C PRO B 32 26.06 47.25 22.74
N PRO B 33 25.01 47.92 23.23
CA PRO B 33 24.93 48.20 24.67
C PRO B 33 24.86 46.94 25.54
N ARG B 34 24.00 45.99 25.17
CA ARG B 34 23.81 44.80 25.98
C ARG B 34 23.85 43.55 25.12
N LEU B 35 24.33 42.46 25.71
CA LEU B 35 24.40 41.15 25.07
C LEU B 35 23.57 40.16 25.86
N TYR B 36 22.94 39.22 25.15
CA TYR B 36 22.16 38.15 25.77
C TYR B 36 22.82 36.82 25.42
N LEU B 37 23.45 36.20 26.40
CA LEU B 37 24.16 34.94 26.18
C LEU B 37 23.34 33.79 26.75
N PRO B 38 22.73 32.95 25.92
CA PRO B 38 22.08 31.74 26.45
C PRO B 38 23.12 30.80 27.04
N LEU B 39 22.73 30.10 28.09
CA LEU B 39 23.64 29.16 28.73
C LEU B 39 23.77 27.85 27.97
N ARG B 40 22.92 27.60 26.98
CA ARG B 40 22.96 26.37 26.18
C ARG B 40 23.07 26.77 24.71
N GLN B 41 24.30 26.99 24.25
CA GLN B 41 24.59 27.24 22.84
C GLN B 41 25.19 26.04 22.16
N HIS B 42 25.16 24.87 22.81
CA HIS B 42 25.84 23.67 22.32
C HIS B 42 24.85 22.51 22.39
N ALA B 43 25.35 21.32 22.09
CA ALA B 43 24.59 20.09 22.26
C ALA B 43 25.03 19.39 23.53
N GLY B 44 24.08 18.72 24.18
CA GLY B 44 24.35 18.09 25.46
C GLY B 44 23.87 18.90 26.64
N ALA B 45 24.55 18.77 27.78
CA ALA B 45 24.10 19.41 28.99
C ALA B 45 24.29 20.93 28.91
N GLU B 46 23.60 21.64 29.79
CA GLU B 46 23.65 23.09 29.85
C GLU B 46 24.66 23.54 30.90
N ALA B 47 25.48 24.52 30.54
CA ALA B 47 26.50 25.03 31.45
C ALA B 47 25.85 25.77 32.62
N LEU B 48 26.58 25.81 33.73
CA LEU B 48 26.11 26.42 34.97
C LEU B 48 26.83 27.73 35.23
N PRO B 49 26.10 28.79 35.61
CA PRO B 49 26.74 30.09 35.82
C PRO B 49 27.69 30.07 37.01
N MET B 50 28.75 30.87 36.91
CA MET B 50 29.71 31.02 37.99
C MET B 50 29.73 32.43 38.59
N VAL B 51 29.08 33.40 37.95
CA VAL B 51 29.09 34.78 38.41
C VAL B 51 27.71 35.13 38.97
N ALA B 52 27.66 36.23 39.70
CA ALA B 52 26.43 36.72 40.31
C ALA B 52 26.03 38.04 39.67
N VAL B 53 24.88 38.56 40.09
CA VAL B 53 24.39 39.82 39.54
C VAL B 53 25.24 40.97 40.04
N GLY B 54 25.65 41.84 39.11
CA GLY B 54 26.46 43.00 39.44
C GLY B 54 27.95 42.79 39.38
N ASP B 55 28.41 41.57 39.12
CA ASP B 55 29.85 41.30 39.05
C ASP B 55 30.46 41.94 37.81
N LYS B 56 31.71 42.37 37.94
CA LYS B 56 32.46 42.95 36.85
C LYS B 56 33.31 41.86 36.20
N VAL B 57 33.16 41.69 34.89
CA VAL B 57 33.87 40.64 34.16
C VAL B 57 34.68 41.29 33.05
N LEU B 58 35.72 40.58 32.62
CA LEU B 58 36.61 41.02 31.56
C LEU B 58 36.37 40.17 30.32
N LYS B 59 36.83 40.69 29.18
CA LYS B 59 36.65 40.01 27.90
C LYS B 59 37.40 38.69 27.92
N GLY B 60 36.66 37.58 28.02
CA GLY B 60 37.25 36.26 28.08
C GLY B 60 37.04 35.52 29.38
N GLN B 61 36.36 36.11 30.36
CA GLN B 61 36.08 35.42 31.60
C GLN B 61 35.11 34.27 31.39
N LEU B 62 35.30 33.20 32.16
CA LEU B 62 34.48 32.00 32.05
C LEU B 62 33.21 32.21 32.86
N LEU B 63 32.17 32.72 32.20
CA LEU B 63 30.91 33.00 32.89
C LEU B 63 30.23 31.72 33.37
N ALA B 64 30.24 30.68 32.53
CA ALA B 64 29.61 29.41 32.87
C ALA B 64 30.56 28.28 32.55
N PHE B 65 30.51 27.22 33.36
CA PHE B 65 31.38 26.07 33.24
C PHE B 65 30.56 24.82 32.93
N PRO B 66 31.16 23.85 32.24
CA PRO B 66 30.40 22.64 31.89
C PRO B 66 30.16 21.77 33.10
N PRO B 67 28.94 21.22 33.25
CA PRO B 67 28.70 20.30 34.35
C PRO B 67 29.16 18.88 34.09
N THR B 68 29.24 18.46 32.81
CA THR B 68 29.66 17.11 32.48
C THR B 68 30.66 17.12 31.34
N GLU B 69 31.05 15.93 30.86
CA GLU B 69 32.05 15.83 29.80
C GLU B 69 31.54 16.44 28.49
N VAL B 70 30.29 16.14 28.13
CA VAL B 70 29.73 16.60 26.85
C VAL B 70 29.05 17.94 27.12
N SER B 71 29.82 19.01 27.05
CA SER B 71 29.33 20.38 27.22
C SER B 71 30.46 21.32 26.82
N ALA B 72 30.21 22.62 26.99
CA ALA B 72 31.19 23.63 26.64
C ALA B 72 30.94 24.87 27.48
N PRO B 73 31.99 25.56 27.92
CA PRO B 73 31.80 26.77 28.72
C PRO B 73 31.36 27.95 27.87
N VAL B 74 30.88 28.99 28.54
CA VAL B 74 30.46 30.22 27.89
C VAL B 74 31.31 31.36 28.43
N HIS B 75 31.96 32.09 27.52
CA HIS B 75 32.86 33.18 27.88
C HIS B 75 32.20 34.52 27.61
N ALA B 76 32.62 35.53 28.36
CA ALA B 76 32.07 36.87 28.18
C ALA B 76 32.65 37.51 26.93
N PRO B 77 31.83 37.88 25.94
CA PRO B 77 32.37 38.49 24.72
C PRO B 77 33.06 39.82 24.95
N THR B 78 32.64 40.59 25.94
CA THR B 78 33.23 41.90 26.18
C THR B 78 33.15 42.23 27.67
N SER B 79 34.01 43.14 28.09
CA SER B 79 34.04 43.55 29.49
C SER B 79 32.78 44.32 29.86
N GLY B 80 32.28 44.09 31.07
CA GLY B 80 31.07 44.76 31.49
C GLY B 80 30.61 44.23 32.84
N ARG B 81 29.37 44.55 33.18
CA ARG B 81 28.77 44.16 34.45
C ARG B 81 27.57 43.27 34.20
N ILE B 82 27.52 42.14 34.91
CA ILE B 82 26.39 41.23 34.79
C ILE B 82 25.16 41.86 35.43
N VAL B 83 24.05 41.84 34.70
CA VAL B 83 22.82 42.45 35.19
C VAL B 83 21.69 41.46 35.40
N ALA B 84 21.76 40.26 34.81
CA ALA B 84 20.70 39.28 34.98
C ALA B 84 21.24 37.89 34.63
N ILE B 85 20.75 36.89 35.37
CA ILE B 85 21.11 35.49 35.15
C ILE B 85 19.84 34.72 34.87
N GLY B 86 18.92 35.34 34.13
CA GLY B 86 17.54 34.92 34.13
C GLY B 86 17.05 34.34 32.81
N PRO B 87 15.87 34.77 32.37
CA PRO B 87 15.38 34.33 31.06
C PRO B 87 15.71 35.31 29.95
N VAL B 88 16.09 34.76 28.79
CA VAL B 88 16.41 35.56 27.61
C VAL B 88 15.76 34.93 26.40
N PRO B 89 15.45 35.75 25.39
CA PRO B 89 14.90 35.21 24.14
C PRO B 89 15.88 34.25 23.48
N ALA B 90 15.33 33.24 22.81
CA ALA B 90 16.15 32.21 22.19
C ALA B 90 15.96 32.19 20.69
N PRO B 91 17.05 31.99 19.93
CA PRO B 91 16.91 31.89 18.47
C PRO B 91 16.26 30.58 18.04
N HIS B 92 14.96 30.46 18.29
CA HIS B 92 14.21 29.26 18.00
C HIS B 92 12.92 29.64 17.28
N PRO B 93 12.40 28.76 16.42
CA PRO B 93 11.12 29.07 15.76
C PRO B 93 9.97 29.29 16.73
N SER B 94 9.96 28.56 17.85
CA SER B 94 8.85 28.68 18.79
C SER B 94 8.80 30.07 19.42
N GLY B 95 9.96 30.61 19.78
CA GLY B 95 10.01 31.89 20.47
C GLY B 95 10.06 31.80 21.98
N LEU B 96 10.11 30.59 22.54
CA LEU B 96 10.18 30.42 23.98
C LEU B 96 11.53 30.89 24.51
N THR B 97 11.53 31.40 25.74
CA THR B 97 12.74 31.89 26.37
C THR B 97 13.57 30.74 26.93
N THR B 98 14.81 31.07 27.30
CA THR B 98 15.71 30.06 27.86
C THR B 98 16.62 30.73 28.88
N THR B 99 17.22 29.91 29.74
CA THR B 99 18.12 30.42 30.75
C THR B 99 19.33 31.08 30.10
N GLY B 100 19.67 32.27 30.56
CA GLY B 100 20.75 33.01 29.95
C GLY B 100 21.14 34.22 30.78
N ILE B 101 22.35 34.69 30.53
CA ILE B 101 22.91 35.84 31.21
C ILE B 101 22.75 37.06 30.31
N VAL B 102 22.63 38.22 30.95
CA VAL B 102 22.56 39.51 30.26
C VAL B 102 23.76 40.33 30.70
N LEU B 103 24.59 40.73 29.74
CA LEU B 103 25.83 41.44 30.02
C LEU B 103 25.72 42.87 29.48
N GLU B 104 25.94 43.85 30.34
CA GLU B 104 25.94 45.24 29.94
C GLU B 104 27.35 45.63 29.52
N SER B 105 27.53 45.90 28.23
CA SER B 105 28.85 46.19 27.69
C SER B 105 29.36 47.51 28.25
N ASP B 106 30.51 47.47 28.93
CA ASP B 106 31.10 48.68 29.48
C ASP B 106 31.64 49.58 28.38
N GLY B 107 32.17 49.00 27.30
CA GLY B 107 32.74 49.75 26.21
C GLY B 107 34.25 49.82 26.21
N GLU B 108 34.89 49.56 27.35
CA GLU B 108 36.35 49.56 27.39
C GLU B 108 36.93 48.44 26.53
N ASP B 109 36.30 47.27 26.56
CA ASP B 109 36.73 46.10 25.79
C ASP B 109 38.16 45.71 26.13
N ARG B 110 38.37 45.35 27.39
CA ARG B 110 39.68 45.00 27.90
C ARG B 110 39.80 43.50 28.05
N TRP B 111 40.85 42.93 27.46
CA TRP B 111 41.07 41.50 27.50
C TRP B 111 41.49 41.05 28.90
N ILE B 112 41.20 39.79 29.21
CA ILE B 112 41.65 39.17 30.45
C ILE B 112 43.08 38.65 30.22
N ASP B 113 43.78 38.32 31.30
CA ASP B 113 45.12 37.75 31.20
C ASP B 113 45.00 36.33 30.69
N LEU B 114 45.12 36.18 29.38
CA LEU B 114 44.94 34.89 28.74
C LEU B 114 46.08 33.93 29.11
N ASP B 115 45.78 32.63 29.04
CA ASP B 115 46.76 31.59 29.32
C ASP B 115 47.32 31.08 27.99
N VAL B 116 48.30 31.81 27.47
CA VAL B 116 48.91 31.44 26.20
C VAL B 116 49.76 30.19 26.39
N SER B 117 49.98 29.48 25.28
CA SER B 117 50.82 28.30 25.28
C SER B 117 52.22 28.64 24.80
N THR B 118 53.06 27.60 24.65
CA THR B 118 54.42 27.77 24.16
C THR B 118 54.77 26.57 23.28
N ASP B 119 55.04 26.83 22.00
CA ASP B 119 55.36 25.80 21.02
C ASP B 119 54.30 24.70 21.02
N PRO B 120 53.12 24.95 20.43
CA PRO B 120 52.05 23.95 20.49
C PRO B 120 52.43 22.61 19.88
N PHE B 121 53.37 22.58 18.95
CA PHE B 121 53.85 21.32 18.38
C PHE B 121 54.93 20.70 19.26
N ALA B 122 54.67 20.65 20.57
CA ALA B 122 55.57 20.01 21.51
C ALA B 122 54.87 19.13 22.55
N GLU B 123 53.57 19.29 22.76
CA GLU B 123 52.85 18.62 23.84
C GLU B 123 52.09 17.41 23.32
N ASP B 124 51.75 16.51 24.24
CA ASP B 124 50.99 15.33 23.91
C ASP B 124 49.56 15.70 23.53
N PRO B 125 48.89 14.86 22.74
CA PRO B 125 47.56 15.24 22.22
C PRO B 125 46.52 15.51 23.30
N LEU B 126 46.60 14.86 24.46
CA LEU B 126 45.59 15.05 25.49
C LEU B 126 45.64 16.46 26.06
N VAL B 127 46.84 17.03 26.20
CA VAL B 127 46.94 18.40 26.69
C VAL B 127 46.28 19.37 25.73
N LEU B 128 46.54 19.22 24.43
CA LEU B 128 45.90 20.08 23.44
C LEU B 128 44.39 19.87 23.44
N ALA B 129 43.95 18.63 23.63
CA ALA B 129 42.50 18.35 23.67
C ALA B 129 41.84 19.07 24.84
N ASP B 130 42.46 19.03 26.02
CA ASP B 130 41.84 19.73 27.15
C ASP B 130 41.97 21.24 27.02
N ARG B 131 43.01 21.72 26.33
CA ARG B 131 43.10 23.15 26.04
C ARG B 131 41.94 23.59 25.16
N VAL B 132 41.62 22.78 24.14
CA VAL B 132 40.45 23.06 23.32
C VAL B 132 39.18 22.96 24.16
N ALA B 133 39.15 22.02 25.10
CA ALA B 133 37.98 21.85 25.96
C ALA B 133 37.73 23.08 26.81
N LYS B 134 38.79 23.70 27.32
CA LYS B 134 38.66 24.89 28.16
C LYS B 134 38.67 26.17 27.35
N ALA B 135 38.23 26.11 26.08
CA ALA B 135 38.15 27.28 25.24
C ALA B 135 36.77 27.50 24.64
N GLY B 136 35.86 26.53 24.75
CA GLY B 136 34.51 26.69 24.26
C GLY B 136 34.29 26.40 22.79
N ILE B 137 35.25 25.76 22.11
CA ILE B 137 35.06 25.43 20.71
C ILE B 137 33.89 24.47 20.58
N VAL B 138 32.97 24.78 19.68
CA VAL B 138 31.67 24.11 19.66
C VAL B 138 31.31 23.59 18.27
N GLY B 139 32.27 23.63 17.35
CA GLY B 139 31.99 23.12 16.03
C GLY B 139 31.04 23.99 15.23
N LEU B 140 31.52 25.15 14.77
CA LEU B 140 30.67 26.13 14.09
C LEU B 140 30.34 25.63 12.68
N GLY B 141 29.50 24.61 12.62
CA GLY B 141 29.10 24.04 11.36
C GLY B 141 27.61 23.81 11.26
N GLY B 142 26.91 24.05 12.36
CA GLY B 142 25.48 23.83 12.42
C GLY B 142 25.11 22.73 13.39
N ALA B 143 25.97 21.72 13.50
CA ALA B 143 25.72 20.61 14.41
C ALA B 143 25.94 20.99 15.87
N ILE B 144 26.62 22.12 16.11
CA ILE B 144 27.02 22.62 17.44
C ILE B 144 27.33 21.49 18.41
N PHE B 145 28.24 20.60 18.01
CA PHE B 145 28.74 19.56 18.90
C PHE B 145 30.11 19.96 19.41
N PRO B 146 30.41 19.73 20.68
CA PRO B 146 31.72 20.16 21.21
C PRO B 146 32.88 19.55 20.44
N ALA B 147 33.89 20.37 20.16
CA ALA B 147 35.04 19.90 19.40
C ALA B 147 35.98 19.05 20.24
N ALA B 148 36.07 19.33 21.54
CA ALA B 148 36.97 18.56 22.40
C ALA B 148 36.56 17.11 22.47
N VAL B 149 35.25 16.84 22.60
CA VAL B 149 34.77 15.47 22.65
C VAL B 149 35.07 14.75 21.34
N LYS B 150 34.84 15.42 20.22
CA LYS B 150 35.11 14.81 18.92
C LYS B 150 36.59 14.49 18.77
N LEU B 151 37.46 15.41 19.16
CA LEU B 151 38.91 15.15 19.06
C LEU B 151 39.33 14.01 19.98
N LYS B 152 38.80 13.98 21.20
CA LYS B 152 39.16 12.91 22.14
C LYS B 152 38.71 11.55 21.61
N GLN B 153 37.51 11.48 21.04
CA GLN B 153 37.07 10.23 20.44
C GLN B 153 37.93 9.86 19.24
N GLY B 154 38.34 10.86 18.45
CA GLY B 154 39.20 10.58 17.31
C GLY B 154 40.57 10.05 17.71
N THR B 155 41.08 10.49 18.87
CA THR B 155 42.39 10.05 19.32
C THR B 155 42.43 8.54 19.56
N ARG B 156 41.37 7.98 20.13
CA ARG B 156 41.38 6.57 20.50
C ARG B 156 41.46 5.65 19.29
N HIS B 157 40.82 6.01 18.19
CA HIS B 157 40.88 5.22 16.97
C HIS B 157 42.13 5.59 16.18
N GLU B 158 42.28 4.99 15.00
CA GLU B 158 43.35 5.35 14.07
C GLU B 158 42.75 6.20 12.97
N ILE B 159 43.19 7.45 12.88
CA ILE B 159 42.69 8.40 11.90
C ILE B 159 43.68 8.44 10.73
N LYS B 160 43.16 8.23 9.52
CA LYS B 160 43.99 8.25 8.32
C LYS B 160 43.82 9.53 7.52
N THR B 161 42.90 10.42 7.91
CA THR B 161 42.61 11.59 7.12
C THR B 161 41.83 12.58 7.98
N VAL B 162 42.26 13.84 7.95
CA VAL B 162 41.54 14.95 8.57
C VAL B 162 40.92 15.77 7.45
N LEU B 163 39.60 15.87 7.44
CA LEU B 163 38.87 16.53 6.37
C LEU B 163 38.34 17.87 6.86
N VAL B 164 38.83 18.95 6.26
CA VAL B 164 38.35 20.29 6.57
C VAL B 164 37.15 20.59 5.69
N ASN B 165 35.97 20.70 6.30
CA ASN B 165 34.72 20.84 5.58
C ASN B 165 34.53 22.30 5.19
N GLY B 166 35.29 22.73 4.20
CA GLY B 166 35.19 24.07 3.68
C GLY B 166 34.21 24.24 2.53
N SER B 167 33.44 23.20 2.20
CA SER B 167 32.50 23.25 1.09
C SER B 167 31.17 23.81 1.59
N GLU B 168 31.10 25.13 1.66
CA GLU B 168 29.87 25.82 2.04
C GLU B 168 28.85 25.65 0.91
N CYS B 169 27.74 24.98 1.20
CA CYS B 169 26.80 24.56 0.17
C CYS B 169 25.44 25.22 0.23
N GLU B 170 25.07 25.80 1.36
CA GLU B 170 23.76 26.41 1.48
C GLU B 170 23.67 27.65 0.57
N PRO B 171 22.53 27.87 -0.07
CA PRO B 171 22.34 29.11 -0.83
C PRO B 171 22.35 30.32 0.08
N TYR B 172 22.80 31.45 -0.47
CA TYR B 172 22.86 32.78 0.14
C TYR B 172 23.97 32.90 1.17
N LEU B 173 24.67 31.83 1.52
CA LEU B 173 25.65 31.86 2.61
C LEU B 173 27.06 31.92 2.03
N THR B 174 27.84 32.91 2.49
CA THR B 174 29.20 33.10 2.00
C THR B 174 30.19 33.39 3.12
N CYS B 175 29.94 32.89 4.33
CA CYS B 175 30.86 33.14 5.44
C CYS B 175 32.14 32.34 5.29
N ASP B 176 32.02 31.06 4.92
CA ASP B 176 33.21 30.22 4.75
C ASP B 176 34.08 30.72 3.61
N ASP B 177 33.45 31.23 2.54
CA ASP B 177 34.20 31.74 1.40
C ASP B 177 35.15 32.84 1.83
N ARG B 178 34.65 33.82 2.59
CA ARG B 178 35.50 34.92 3.04
C ARG B 178 36.47 34.45 4.13
N ILE B 179 36.03 33.54 5.00
CA ILE B 179 36.90 33.07 6.07
C ILE B 179 38.09 32.30 5.49
N MET B 180 37.94 31.74 4.29
CA MET B 180 39.05 31.08 3.63
C MET B 180 39.82 31.99 2.70
N ARG B 181 39.17 33.03 2.14
CA ARG B 181 39.89 34.00 1.33
C ARG B 181 40.85 34.81 2.18
N GLU B 182 40.42 35.24 3.37
CA GLU B 182 41.19 36.16 4.18
C GLU B 182 42.08 35.48 5.21
N ARG B 183 41.71 34.31 5.72
CA ARG B 183 42.40 33.67 6.82
C ARG B 183 42.82 32.25 6.46
N ALA B 184 43.42 32.09 5.27
CA ALA B 184 43.87 30.77 4.84
C ALA B 184 45.03 30.27 5.69
N GLU B 185 45.96 31.17 6.04
CA GLU B 185 47.13 30.74 6.80
C GLU B 185 46.74 30.19 8.17
N ALA B 186 45.82 30.87 8.86
CA ALA B 186 45.40 30.39 10.18
C ALA B 186 44.66 29.06 10.07
N ILE B 187 43.85 28.89 9.03
CA ILE B 187 43.13 27.64 8.84
C ILE B 187 44.11 26.49 8.56
N VAL B 188 45.14 26.76 7.76
CA VAL B 188 46.16 25.74 7.49
C VAL B 188 46.91 25.38 8.76
N ASP B 189 47.25 26.38 9.57
CA ASP B 189 47.93 26.11 10.83
C ASP B 189 47.04 25.29 11.77
N GLY B 190 45.75 25.60 11.82
CA GLY B 190 44.84 24.81 12.62
C GLY B 190 44.70 23.38 12.13
N ALA B 191 44.69 23.20 10.81
CA ALA B 191 44.65 21.85 10.25
C ALA B 191 45.89 21.07 10.64
N ARG B 192 47.06 21.72 10.59
CA ARG B 192 48.29 21.06 11.02
C ARG B 192 48.24 20.71 12.50
N LEU B 193 47.70 21.61 13.33
CA LEU B 193 47.57 21.32 14.75
C LEU B 193 46.64 20.13 14.99
N ILE B 194 45.54 20.05 14.24
CA ILE B 194 44.63 18.92 14.38
C ILE B 194 45.29 17.63 13.92
N GLN B 195 46.08 17.69 12.84
CA GLN B 195 46.81 16.51 12.40
C GLN B 195 47.86 16.10 13.42
N HIS B 196 48.37 17.05 14.21
CA HIS B 196 49.27 16.68 15.29
C HIS B 196 48.51 16.05 16.46
N ILE B 197 47.33 16.58 16.76
CA ILE B 197 46.53 16.04 17.86
C ILE B 197 46.10 14.60 17.56
N LEU B 198 45.54 14.37 16.38
CA LEU B 198 45.15 13.05 15.93
C LEU B 198 46.24 12.54 15.00
N ARG B 199 46.99 11.53 15.42
CA ARG B 199 48.11 11.05 14.63
C ARG B 199 47.55 10.49 13.33
N ALA B 200 47.74 11.24 12.24
CA ALA B 200 47.13 10.91 10.96
C ALA B 200 48.15 10.94 9.84
N TYR B 201 47.68 10.85 8.60
CA TYR B 201 48.55 10.82 7.43
C TYR B 201 48.53 12.10 6.62
N SER B 202 47.33 12.63 6.34
CA SER B 202 47.23 13.83 5.53
C SER B 202 45.92 14.54 5.85
N VAL B 203 45.86 15.82 5.47
CA VAL B 203 44.64 16.61 5.53
C VAL B 203 44.20 16.90 4.10
N VAL B 204 42.90 16.88 3.87
CA VAL B 204 42.33 16.78 2.53
C VAL B 204 41.39 17.94 2.25
N ILE B 205 41.75 19.14 2.72
CA ILE B 205 40.86 20.31 2.75
C ILE B 205 40.06 20.42 1.46
N ALA B 206 38.73 20.47 1.59
CA ALA B 206 37.82 20.37 0.46
C ALA B 206 37.01 21.65 0.33
N ILE B 207 36.94 22.18 -0.89
CA ILE B 207 36.16 23.37 -1.19
C ILE B 207 35.34 23.07 -2.45
N GLU B 208 34.15 23.65 -2.53
CA GLU B 208 33.36 23.50 -3.74
C GLU B 208 34.00 24.27 -4.89
N ASP B 209 33.67 23.86 -6.11
CA ASP B 209 34.28 24.46 -7.29
C ASP B 209 33.74 25.85 -7.60
N ASN B 210 32.67 26.28 -6.93
CA ASN B 210 32.11 27.61 -7.14
C ASN B 210 32.78 28.67 -6.27
N LYS B 211 33.96 28.38 -5.74
CA LYS B 211 34.73 29.32 -4.93
C LYS B 211 36.16 29.38 -5.46
N PRO B 212 36.35 29.93 -6.66
CA PRO B 212 37.71 29.96 -7.23
C PRO B 212 38.69 30.78 -6.40
N GLU B 213 38.24 31.89 -5.81
CA GLU B 213 39.13 32.71 -5.01
C GLU B 213 39.54 31.99 -3.73
N ALA B 214 38.61 31.30 -3.09
CA ALA B 214 38.95 30.53 -1.89
C ALA B 214 39.93 29.41 -2.22
N LEU B 215 39.70 28.71 -3.34
CA LEU B 215 40.63 27.66 -3.75
C LEU B 215 42.02 28.23 -4.02
N ALA B 216 42.09 29.36 -4.72
CA ALA B 216 43.38 29.97 -5.01
C ALA B 216 44.09 30.38 -3.74
N ALA B 217 43.37 31.00 -2.80
CA ALA B 217 43.98 31.42 -1.54
C ALA B 217 44.48 30.22 -0.75
N MET B 218 43.68 29.15 -0.68
CA MET B 218 44.09 27.97 0.08
C MET B 218 45.30 27.30 -0.55
N ARG B 219 45.32 27.19 -1.88
CA ARG B 219 46.46 26.58 -2.55
C ARG B 219 47.73 27.43 -2.38
N ALA B 220 47.59 28.75 -2.43
CA ALA B 220 48.73 29.62 -2.19
C ALA B 220 49.24 29.49 -0.76
N ALA B 221 48.33 29.38 0.21
CA ALA B 221 48.75 29.29 1.61
C ALA B 221 49.40 27.96 1.93
N ALA B 222 48.82 26.86 1.45
CA ALA B 222 49.32 25.52 1.73
C ALA B 222 49.93 24.96 0.45
N GLU B 223 51.22 25.24 0.26
CA GLU B 223 51.93 24.74 -0.90
C GLU B 223 53.31 24.23 -0.50
N HIS B 224 53.75 24.57 0.71
CA HIS B 224 55.06 24.18 1.21
C HIS B 224 54.99 23.15 2.33
N PHE B 225 53.80 22.82 2.82
CA PHE B 225 53.68 21.95 3.99
C PHE B 225 53.54 20.47 3.63
N GLY B 226 53.43 20.14 2.34
CA GLY B 226 53.49 18.74 1.96
C GLY B 226 52.18 17.99 1.97
N ALA B 227 51.92 17.27 3.07
CA ALA B 227 50.78 16.37 3.15
C ALA B 227 49.45 17.10 3.02
N ILE B 228 49.41 18.42 3.22
CA ILE B 228 48.19 19.18 3.01
C ILE B 228 47.76 19.06 1.56
N GLU B 229 46.46 18.83 1.35
CA GLU B 229 45.89 18.77 0.01
C GLU B 229 44.66 19.66 -0.06
N VAL B 230 44.44 20.22 -1.25
CA VAL B 230 43.26 21.03 -1.54
C VAL B 230 42.50 20.35 -2.67
N MET B 231 41.21 20.11 -2.45
CA MET B 231 40.37 19.39 -3.39
C MET B 231 39.15 20.25 -3.74
N ALA B 232 38.68 20.09 -4.97
CA ALA B 232 37.58 20.90 -5.49
C ALA B 232 36.41 19.96 -5.79
N VAL B 233 35.51 19.83 -4.82
CA VAL B 233 34.33 18.97 -4.93
C VAL B 233 33.31 19.64 -5.84
N PRO B 234 32.39 18.89 -6.45
CA PRO B 234 31.38 19.52 -7.31
C PRO B 234 30.41 20.39 -6.53
N ALA B 235 29.67 21.21 -7.27
CA ALA B 235 28.73 22.16 -6.68
C ALA B 235 27.35 21.51 -6.60
N LEU B 236 27.17 20.70 -5.56
CA LEU B 236 25.91 20.05 -5.27
C LEU B 236 25.49 20.46 -3.86
N TYR B 237 24.16 20.59 -3.65
CA TYR B 237 23.70 21.11 -2.37
C TYR B 237 24.05 20.20 -1.20
N PRO B 238 23.62 18.91 -1.17
CA PRO B 238 23.96 18.06 -0.01
C PRO B 238 25.39 17.49 -0.09
N MET B 239 26.34 18.35 -0.40
CA MET B 239 27.74 17.96 -0.49
C MET B 239 28.55 18.33 0.75
N GLY B 240 28.17 19.39 1.45
CA GLY B 240 28.87 19.75 2.67
C GLY B 240 28.58 18.87 3.85
N SER B 241 27.55 18.03 3.75
CA SER B 241 27.26 17.08 4.81
C SER B 241 28.42 16.11 4.98
N ALA B 242 28.71 15.76 6.22
CA ALA B 242 29.87 14.90 6.50
C ALA B 242 29.72 13.55 5.82
N LYS B 243 28.54 12.95 5.92
CA LYS B 243 28.33 11.61 5.36
C LYS B 243 28.47 11.60 3.84
N GLN B 244 28.13 12.71 3.18
CA GLN B 244 28.26 12.79 1.73
C GLN B 244 29.65 13.25 1.30
N LEU B 245 30.26 14.18 2.03
CA LEU B 245 31.60 14.62 1.67
C LEU B 245 32.62 13.50 1.88
N ILE B 246 32.43 12.68 2.91
CA ILE B 246 33.31 11.54 3.13
C ILE B 246 33.23 10.57 1.96
N GLN B 247 32.02 10.30 1.48
CA GLN B 247 31.87 9.43 0.31
C GLN B 247 32.48 10.07 -0.93
N ALA B 248 32.33 11.38 -1.10
CA ALA B 248 32.88 12.05 -2.27
C ALA B 248 34.40 12.00 -2.27
N VAL B 249 35.04 12.19 -1.11
CA VAL B 249 36.50 12.25 -1.04
C VAL B 249 37.09 10.85 -0.97
N THR B 250 36.79 10.11 0.10
CA THR B 250 37.41 8.81 0.30
C THR B 250 36.82 7.75 -0.62
N GLY B 251 35.51 7.75 -0.80
CA GLY B 251 34.81 6.73 -1.54
C GLY B 251 34.09 5.71 -0.67
N ARG B 252 34.38 5.68 0.63
CA ARG B 252 33.70 4.78 1.55
C ARG B 252 32.39 5.40 2.02
N GLU B 253 31.56 4.58 2.66
CA GLU B 253 30.31 5.03 3.25
C GLU B 253 30.35 4.80 4.75
N VAL B 254 29.96 5.82 5.50
CA VAL B 254 29.90 5.70 6.96
C VAL B 254 28.83 4.68 7.33
N PRO B 255 29.15 3.63 8.08
CA PRO B 255 28.14 2.62 8.43
C PRO B 255 26.99 3.24 9.21
N ALA B 256 25.79 2.72 8.96
CA ALA B 256 24.60 3.22 9.62
C ALA B 256 24.72 3.05 11.13
N GLY B 257 24.34 4.10 11.87
CA GLY B 257 24.49 4.09 13.31
C GLY B 257 25.94 4.05 13.75
N GLY B 258 26.82 4.70 12.99
CA GLY B 258 28.23 4.75 13.33
C GLY B 258 28.81 6.12 13.05
N ARG B 259 29.94 6.40 13.69
CA ARG B 259 30.59 7.68 13.54
C ARG B 259 31.58 7.67 12.38
N SER B 260 32.07 8.85 12.02
CA SER B 260 32.97 8.99 10.88
C SER B 260 34.35 8.41 11.16
N THR B 261 34.69 8.17 12.43
CA THR B 261 36.01 7.63 12.75
C THR B 261 36.13 6.15 12.38
N ASP B 262 35.02 5.48 12.10
CA ASP B 262 35.07 4.08 11.71
C ASP B 262 35.82 3.91 10.39
N VAL B 263 35.59 4.81 9.44
CA VAL B 263 36.26 4.77 8.15
C VAL B 263 37.56 5.57 8.23
N GLY B 264 37.94 5.97 9.43
CA GLY B 264 39.17 6.71 9.64
C GLY B 264 39.21 8.10 9.06
N VAL B 265 38.11 8.85 9.19
CA VAL B 265 38.03 10.22 8.71
C VAL B 265 37.40 11.08 9.79
N LEU B 266 38.00 12.24 10.04
CA LEU B 266 37.44 13.24 10.94
C LEU B 266 37.11 14.49 10.14
N VAL B 267 35.90 15.01 10.31
CA VAL B 267 35.40 16.15 9.55
C VAL B 267 35.26 17.34 10.48
N HIS B 268 35.85 18.47 10.09
CA HIS B 268 35.74 19.72 10.83
C HIS B 268 35.45 20.86 9.87
N ASN B 269 34.68 21.84 10.34
CA ASN B 269 34.33 22.98 9.51
C ASN B 269 35.52 23.92 9.36
N ALA B 270 35.46 24.78 8.34
CA ALA B 270 36.53 25.73 8.10
C ALA B 270 36.57 26.84 9.14
N GLY B 271 35.50 27.00 9.93
CA GLY B 271 35.50 27.97 11.01
C GLY B 271 35.94 27.35 12.31
N THR B 272 35.56 26.08 12.53
CA THR B 272 35.99 25.38 13.72
C THR B 272 37.50 25.21 13.74
N VAL B 273 38.10 24.95 12.57
CA VAL B 273 39.55 24.83 12.49
C VAL B 273 40.23 26.14 12.85
N TYR B 274 39.69 27.26 12.35
CA TYR B 274 40.25 28.56 12.69
C TYR B 274 40.12 28.84 14.19
N ALA B 275 38.98 28.49 14.78
CA ALA B 275 38.79 28.67 16.21
C ALA B 275 39.77 27.82 17.00
N ILE B 276 40.00 26.58 16.57
CA ILE B 276 40.97 25.71 17.23
C ILE B 276 42.37 26.30 17.14
N GLN B 277 42.74 26.82 15.96
CA GLN B 277 44.05 27.43 15.80
C GLN B 277 44.21 28.62 16.73
N GLN B 278 43.20 29.49 16.79
CA GLN B 278 43.28 30.64 17.69
C GLN B 278 43.40 30.20 19.14
N ALA B 279 42.59 29.25 19.56
CA ALA B 279 42.61 28.80 20.95
C ALA B 279 43.95 28.17 21.32
N LEU B 280 44.52 27.37 20.42
CA LEU B 280 45.78 26.70 20.74
C LEU B 280 46.95 27.70 20.71
N ARG B 281 47.02 28.53 19.68
CA ARG B 281 48.17 29.43 19.54
C ARG B 281 48.15 30.57 20.55
N PHE B 282 47.00 31.22 20.72
CA PHE B 282 46.95 32.44 21.52
C PHE B 282 46.14 32.31 22.80
N GLY B 283 45.42 31.22 23.00
CA GLY B 283 44.61 31.04 24.18
C GLY B 283 43.28 31.78 24.15
N ARG B 284 42.91 32.36 23.02
CA ARG B 284 41.66 33.10 22.94
C ARG B 284 40.48 32.13 22.90
N PRO B 285 39.48 32.30 23.76
CA PRO B 285 38.32 31.41 23.73
C PRO B 285 37.41 31.70 22.54
N LEU B 286 36.30 30.98 22.43
CA LEU B 286 35.33 31.21 21.36
C LEU B 286 34.41 32.35 21.80
N ILE B 287 34.66 33.54 21.25
CA ILE B 287 33.96 34.75 21.63
C ILE B 287 33.12 35.31 20.48
N SER B 288 33.68 35.34 19.28
CA SER B 288 32.99 35.89 18.12
C SER B 288 33.13 34.93 16.94
N ARG B 289 32.20 35.05 16.00
CA ARG B 289 32.25 34.27 14.77
C ARG B 289 31.93 35.18 13.60
N VAL B 290 31.73 34.60 12.43
CA VAL B 290 31.44 35.35 11.21
C VAL B 290 30.10 34.91 10.67
N VAL B 291 29.20 35.87 10.45
CA VAL B 291 27.86 35.57 9.95
C VAL B 291 27.64 36.33 8.65
N THR B 292 26.64 35.88 7.89
CA THR B 292 26.32 36.44 6.59
C THR B 292 24.94 37.07 6.64
N VAL B 293 24.85 38.36 6.30
CA VAL B 293 23.59 39.07 6.21
C VAL B 293 23.29 39.25 4.72
N SER B 294 22.23 38.61 4.24
CA SER B 294 21.91 38.64 2.82
C SER B 294 20.40 38.67 2.66
N GLY B 295 19.96 38.70 1.40
CA GLY B 295 18.56 38.78 1.08
C GLY B 295 18.23 40.02 0.28
N ALA B 296 17.07 40.00 -0.40
CA ALA B 296 16.70 41.15 -1.24
C ALA B 296 16.18 42.31 -0.42
N CYS B 297 15.89 42.11 0.87
CA CYS B 297 15.39 43.16 1.73
C CYS B 297 16.48 43.84 2.56
N VAL B 298 17.74 43.49 2.34
CA VAL B 298 18.87 44.13 3.02
C VAL B 298 19.57 45.03 2.01
N LYS B 299 19.88 46.26 2.44
CA LYS B 299 20.48 47.23 1.53
C LYS B 299 21.82 46.75 1.00
N THR B 300 22.72 46.35 1.88
CA THR B 300 24.06 45.91 1.50
C THR B 300 24.35 44.57 2.16
N PRO B 301 24.09 43.45 1.47
CA PRO B 301 24.49 42.15 2.02
C PRO B 301 26.00 42.09 2.23
N GLN B 302 26.41 41.47 3.32
CA GLN B 302 27.81 41.48 3.71
C GLN B 302 28.06 40.33 4.68
N ASN B 303 29.29 40.22 5.15
CA ASN B 303 29.68 39.30 6.20
C ASN B 303 30.23 40.10 7.38
N LEU B 304 29.72 39.81 8.57
CA LEU B 304 30.07 40.56 9.76
C LEU B 304 30.74 39.67 10.79
N ASP B 305 31.77 40.20 11.42
CA ASP B 305 32.44 39.55 12.54
C ASP B 305 31.66 39.90 13.80
N VAL B 306 30.76 39.00 14.20
CA VAL B 306 29.76 39.28 15.23
C VAL B 306 30.17 38.59 16.52
N LEU B 307 30.17 39.35 17.62
CA LEU B 307 30.36 38.78 18.94
C LEU B 307 29.13 37.97 19.35
N ILE B 308 29.36 36.90 20.10
CA ILE B 308 28.26 36.04 20.54
C ILE B 308 27.33 36.82 21.45
N GLY B 309 26.03 36.65 21.26
CA GLY B 309 25.03 37.33 22.06
C GLY B 309 24.55 38.66 21.52
N THR B 310 25.09 39.11 20.39
CA THR B 310 24.62 40.34 19.79
C THR B 310 23.20 40.16 19.25
N PRO B 311 22.28 41.08 19.56
CA PRO B 311 20.92 40.97 19.00
C PRO B 311 20.92 41.09 17.49
N VAL B 312 19.91 40.47 16.87
CA VAL B 312 19.80 40.47 15.42
C VAL B 312 19.61 41.88 14.87
N GLN B 313 18.87 42.72 15.59
CA GLN B 313 18.59 44.07 15.09
C GLN B 313 19.86 44.87 14.86
N ALA B 314 20.89 44.65 15.69
CA ALA B 314 22.16 45.33 15.47
C ALA B 314 22.78 44.91 14.14
N LEU B 315 22.75 43.61 13.84
CA LEU B 315 23.27 43.14 12.56
C LEU B 315 22.48 43.71 11.39
N ILE B 316 21.16 43.78 11.53
CA ILE B 316 20.33 44.33 10.46
C ILE B 316 20.65 45.81 10.24
N ASP B 317 20.78 46.57 11.33
CA ASP B 317 21.07 47.99 11.22
C ASP B 317 22.45 48.24 10.64
N ALA B 318 23.42 47.38 10.97
CA ALA B 318 24.78 47.58 10.48
C ALA B 318 24.85 47.49 8.96
N CYS B 319 24.11 46.57 8.35
CA CYS B 319 24.11 46.39 6.91
C CYS B 319 23.08 47.30 6.23
N GLY B 320 23.19 48.60 6.46
CA GLY B 320 22.30 49.56 5.86
C GLY B 320 20.93 49.61 6.51
N GLY B 321 20.17 48.53 6.35
CA GLY B 321 18.83 48.48 6.91
C GLY B 321 17.85 47.72 6.03
N LEU B 322 16.64 47.52 6.52
CA LEU B 322 15.62 46.79 5.77
C LEU B 322 15.08 47.69 4.66
N SER B 323 15.50 47.41 3.42
CA SER B 323 15.02 48.17 2.26
C SER B 323 13.75 47.52 1.71
N GLY B 324 12.68 47.65 2.49
CA GLY B 324 11.40 47.08 2.11
C GLY B 324 10.77 46.26 3.22
N ASP B 325 9.90 45.34 2.86
CA ASP B 325 9.23 44.47 3.83
C ASP B 325 9.80 43.06 3.73
N PRO B 326 10.54 42.59 4.74
CA PRO B 326 11.06 41.22 4.71
C PRO B 326 9.96 40.21 5.01
N GLN B 327 9.57 39.44 3.98
CA GLN B 327 8.53 38.45 4.18
C GLN B 327 8.98 37.35 5.12
N GLN B 328 10.24 36.94 5.05
CA GLN B 328 10.74 35.92 5.97
C GLN B 328 12.10 36.33 6.51
N LEU B 329 12.32 36.07 7.79
CA LEU B 329 13.64 36.21 8.41
C LEU B 329 14.13 34.83 8.81
N LEU B 330 15.29 34.43 8.29
CA LEU B 330 15.82 33.10 8.50
C LEU B 330 17.18 33.17 9.16
N LEU B 331 17.39 32.28 10.12
CA LEU B 331 18.68 32.12 10.80
C LEU B 331 19.37 30.93 10.15
N GLY B 332 20.03 31.17 9.03
CA GLY B 332 20.68 30.15 8.23
C GLY B 332 20.22 30.22 6.80
N GLY B 333 20.64 29.21 6.03
CA GLY B 333 20.26 29.12 4.64
C GLY B 333 18.80 28.78 4.47
N PRO B 334 18.26 28.97 3.27
CA PRO B 334 16.85 28.66 3.04
C PRO B 334 16.51 27.18 3.23
N MET B 335 17.44 26.28 2.95
CA MET B 335 17.17 24.85 2.99
C MET B 335 17.11 24.28 4.40
N MET B 336 17.79 24.90 5.37
CA MET B 336 17.75 24.39 6.74
C MET B 336 17.59 25.50 7.77
N GLY B 337 17.19 26.71 7.38
CA GLY B 337 17.05 27.79 8.32
C GLY B 337 15.77 27.71 9.12
N ALA B 338 15.68 28.59 10.11
CA ALA B 338 14.53 28.66 11.01
C ALA B 338 14.01 30.09 11.04
N VAL B 339 12.69 30.22 11.16
CA VAL B 339 12.06 31.54 11.17
C VAL B 339 12.34 32.21 12.50
N LEU B 340 12.93 33.40 12.45
CA LEU B 340 13.19 34.16 13.67
C LEU B 340 11.88 34.75 14.20
N PRO B 341 11.65 34.69 15.51
CA PRO B 341 10.44 35.31 16.07
C PRO B 341 10.46 36.82 15.94
N SER B 342 11.57 37.45 16.33
CA SER B 342 11.70 38.89 16.27
C SER B 342 13.18 39.23 16.11
N THR B 343 13.48 40.53 16.11
CA THR B 343 14.84 41.01 15.96
C THR B 343 15.55 41.21 17.30
N GLU B 344 14.90 40.89 18.41
CA GLU B 344 15.53 40.95 19.72
C GLU B 344 16.30 39.67 20.06
N VAL B 345 16.26 38.68 19.17
CA VAL B 345 16.93 37.40 19.40
C VAL B 345 18.43 37.57 19.29
N PRO B 346 19.23 36.96 20.18
CA PRO B 346 20.68 37.11 20.11
C PRO B 346 21.32 36.24 19.02
N VAL B 347 22.64 36.23 18.96
CA VAL B 347 23.39 35.42 18.01
C VAL B 347 24.14 34.36 18.80
N ILE B 348 23.74 33.10 18.64
CA ILE B 348 24.40 31.98 19.30
C ILE B 348 25.61 31.56 18.47
N LYS B 349 26.44 30.67 19.04
CA LYS B 349 27.62 30.19 18.32
C LYS B 349 27.24 29.44 17.04
N GLY B 350 26.04 28.85 17.00
CA GLY B 350 25.60 28.09 15.86
C GLY B 350 24.90 28.90 14.78
N ALA B 351 24.80 30.21 14.93
CA ALA B 351 24.16 31.03 13.92
C ALA B 351 25.05 31.12 12.68
N THR B 352 24.47 30.86 11.52
CA THR B 352 25.21 30.85 10.26
C THR B 352 24.86 32.03 9.36
N GLY B 353 23.59 32.44 9.33
CA GLY B 353 23.17 33.54 8.49
C GLY B 353 21.99 34.28 9.08
N LEU B 354 21.67 35.42 8.48
CA LEU B 354 20.57 36.28 8.89
C LEU B 354 19.77 36.72 7.68
N LEU B 355 19.35 35.75 6.86
CA LEU B 355 18.72 36.06 5.59
C LEU B 355 17.41 36.80 5.79
N ALA B 356 17.18 37.81 4.96
CA ALA B 356 15.92 38.55 4.91
C ALA B 356 15.35 38.33 3.51
N LEU B 357 14.48 37.33 3.37
CA LEU B 357 13.95 36.95 2.08
C LEU B 357 12.65 37.69 1.79
N ALA B 358 12.56 38.27 0.60
CA ALA B 358 11.40 39.02 0.15
C ALA B 358 10.36 38.07 -0.41
N ARG B 359 9.29 38.62 -0.98
CA ARG B 359 8.22 37.79 -1.52
C ARG B 359 8.59 37.16 -2.85
N HIS B 360 9.40 37.83 -3.68
CA HIS B 360 9.75 37.32 -4.99
C HIS B 360 10.87 36.28 -4.94
N GLU B 361 11.49 36.07 -3.77
CA GLU B 361 12.48 35.02 -3.60
C GLU B 361 11.91 33.75 -2.99
N LEU B 362 10.75 33.84 -2.35
CA LEU B 362 10.13 32.68 -1.73
C LEU B 362 9.11 32.08 -2.68
N PRO B 363 9.23 30.79 -3.03
CA PRO B 363 8.26 30.18 -3.94
C PRO B 363 6.90 30.02 -3.26
N ASN B 364 5.84 30.18 -4.07
CA ASN B 364 4.50 29.90 -3.60
C ASN B 364 4.16 28.43 -3.78
N LYS B 365 3.53 27.86 -2.76
CA LYS B 365 3.24 26.43 -2.74
C LYS B 365 1.78 26.18 -2.43
N ASP B 366 1.13 25.36 -3.25
CA ASP B 366 -0.24 24.91 -3.03
C ASP B 366 -0.21 23.38 -2.96
N PRO B 367 -0.24 22.82 -1.75
CA PRO B 367 -0.11 21.36 -1.62
C PRO B 367 -1.19 20.61 -2.36
N ALA B 368 -0.81 19.46 -2.91
CA ALA B 368 -1.68 18.60 -3.69
C ALA B 368 -1.38 17.16 -3.34
N PRO B 369 -2.29 16.23 -3.64
CA PRO B 369 -2.02 14.82 -3.37
C PRO B 369 -0.80 14.31 -4.13
N CYS B 370 -0.09 13.38 -3.51
CA CYS B 370 1.09 12.79 -4.13
C CYS B 370 0.73 12.05 -5.41
N ILE B 371 1.47 12.32 -6.48
CA ILE B 371 1.25 11.68 -7.76
C ILE B 371 2.24 10.55 -8.02
N ARG B 372 3.08 10.21 -7.03
CA ARG B 372 4.02 9.09 -7.13
C ARG B 372 4.94 9.22 -8.33
N CYS B 373 5.45 10.43 -8.57
CA CYS B 373 6.39 10.65 -9.65
C CYS B 373 7.78 10.12 -9.34
N ALA B 374 8.06 9.81 -8.07
CA ALA B 374 9.34 9.26 -7.62
C ALA B 374 10.51 10.20 -7.90
N SER B 375 10.28 11.51 -7.89
CA SER B 375 11.38 12.46 -8.00
C SER B 375 12.04 12.73 -6.66
N CYS B 376 11.43 12.27 -5.56
CA CYS B 376 12.10 12.34 -4.26
C CYS B 376 13.19 11.28 -4.15
N VAL B 377 12.92 10.08 -4.65
CA VAL B 377 13.89 8.99 -4.55
C VAL B 377 15.13 9.31 -5.38
N ASP B 378 14.95 9.96 -6.52
CA ASP B 378 16.06 10.32 -7.39
C ASP B 378 16.93 11.44 -6.82
N ALA B 379 16.44 12.16 -5.81
CA ALA B 379 17.17 13.29 -5.26
C ALA B 379 17.62 13.11 -3.81
N CYS B 380 17.18 12.04 -3.15
CA CYS B 380 17.56 11.84 -1.76
C CYS B 380 19.02 11.43 -1.66
N PRO B 381 19.86 12.16 -0.93
CA PRO B 381 21.27 11.76 -0.79
C PRO B 381 21.45 10.42 -0.11
N MET B 382 20.56 10.04 0.81
CA MET B 382 20.72 8.82 1.58
C MET B 382 20.04 7.62 0.94
N GLY B 383 19.48 7.78 -0.25
CA GLY B 383 18.85 6.66 -0.94
C GLY B 383 17.62 6.11 -0.25
N LEU B 384 16.77 6.98 0.29
CA LEU B 384 15.56 6.56 0.98
C LEU B 384 14.37 6.74 0.04
N THR B 385 13.17 6.43 0.56
CA THR B 385 11.91 6.60 -0.17
C THR B 385 11.07 7.61 0.62
N PRO B 386 11.24 8.91 0.34
CA PRO B 386 10.52 9.92 1.13
C PRO B 386 9.01 9.82 1.06
N LEU B 387 8.46 9.38 -0.07
CA LEU B 387 7.01 9.31 -0.19
C LEU B 387 6.41 8.32 0.81
N ASP B 388 7.05 7.16 0.97
CA ASP B 388 6.55 6.18 1.94
C ASP B 388 6.69 6.69 3.37
N MET B 389 7.79 7.36 3.67
CA MET B 389 7.97 7.92 5.00
C MET B 389 6.89 8.96 5.32
N ALA B 390 6.58 9.82 4.34
CA ALA B 390 5.53 10.80 4.55
C ALA B 390 4.17 10.12 4.70
N LEU B 391 3.91 9.08 3.92
CA LEU B 391 2.65 8.36 4.02
C LEU B 391 2.48 7.74 5.41
N TYR B 392 3.55 7.14 5.94
CA TYR B 392 3.45 6.52 7.26
C TYR B 392 3.44 7.55 8.38
N ALA B 393 4.09 8.71 8.18
CA ALA B 393 4.08 9.74 9.21
C ALA B 393 2.75 10.47 9.27
N ARG B 394 2.05 10.58 8.13
CA ARG B 394 0.74 11.23 8.13
C ARG B 394 -0.30 10.38 8.85
N ALA B 395 -0.14 9.06 8.84
CA ALA B 395 -1.07 8.15 9.49
C ALA B 395 -0.65 7.79 10.91
N ASP B 396 0.30 8.53 11.49
CA ASP B 396 0.79 8.31 12.85
C ASP B 396 1.42 6.93 13.04
N ASP B 397 1.92 6.32 11.97
CA ASP B 397 2.64 5.06 12.06
C ASP B 397 4.14 5.34 12.01
N TYR B 398 4.65 5.86 13.13
CA TYR B 398 6.06 6.23 13.21
C TYR B 398 6.96 5.01 13.16
N ASP B 399 6.53 3.90 13.75
CA ASP B 399 7.34 2.68 13.72
C ASP B 399 7.51 2.17 12.29
N GLY B 400 6.46 2.25 11.49
CA GLY B 400 6.57 1.86 10.09
C GLY B 400 7.33 2.87 9.25
N ALA B 401 7.31 4.14 9.66
CA ALA B 401 8.09 5.15 8.96
C ALA B 401 9.58 4.97 9.21
N SER B 402 9.95 4.54 10.42
CA SER B 402 11.35 4.28 10.70
C SER B 402 11.90 3.14 9.85
N GLU B 403 11.06 2.17 9.50
CA GLU B 403 11.50 1.07 8.64
C GLU B 403 11.89 1.56 7.25
N TYR B 404 11.27 2.64 6.78
CA TYR B 404 11.52 3.14 5.44
C TYR B 404 12.62 4.20 5.39
N GLY B 405 13.27 4.48 6.51
CA GLY B 405 14.44 5.34 6.47
C GLY B 405 14.38 6.57 7.35
N LEU B 406 13.34 6.68 8.17
CA LEU B 406 13.22 7.84 9.04
C LEU B 406 14.36 7.91 10.05
N ARG B 407 14.99 6.77 10.33
CA ARG B 407 16.16 6.77 11.22
C ARG B 407 17.33 7.50 10.59
N ASP B 408 17.57 7.29 9.29
CA ASP B 408 18.75 7.80 8.61
C ASP B 408 18.52 9.15 7.95
N CYS B 409 17.34 9.73 8.07
CA CYS B 409 17.08 11.03 7.45
C CYS B 409 17.91 12.12 8.13
N ILE B 410 18.53 12.97 7.32
CA ILE B 410 19.35 14.07 7.81
C ILE B 410 18.68 15.42 7.64
N LEU B 411 17.42 15.44 7.23
CA LEU B 411 16.63 16.68 7.10
C LEU B 411 17.33 17.69 6.20
N CYS B 412 17.83 17.22 5.05
CA CYS B 412 18.54 18.10 4.13
C CYS B 412 17.61 19.00 3.34
N GLY B 413 16.40 18.54 3.04
CA GLY B 413 15.45 19.33 2.29
C GLY B 413 15.43 19.08 0.80
N CYS B 414 16.14 18.08 0.30
CA CYS B 414 16.12 17.78 -1.12
C CYS B 414 14.81 17.16 -1.57
N CYS B 415 13.96 16.74 -0.63
CA CYS B 415 12.66 16.19 -0.99
C CYS B 415 11.70 17.29 -1.45
N SER B 416 11.45 18.27 -0.59
CA SER B 416 10.49 19.32 -0.90
C SER B 416 10.98 20.22 -2.02
N TYR B 417 12.27 20.18 -2.37
CA TYR B 417 12.77 21.02 -3.43
C TYR B 417 12.42 20.49 -4.81
N VAL B 418 12.10 19.20 -4.92
CA VAL B 418 11.84 18.59 -6.22
C VAL B 418 10.46 17.95 -6.25
N CYS B 419 9.53 18.50 -5.49
CA CYS B 419 8.20 17.91 -5.39
C CYS B 419 7.24 18.65 -6.29
N PRO B 420 6.69 18.02 -7.34
CA PRO B 420 5.71 18.71 -8.19
C PRO B 420 4.49 19.18 -7.41
N SER B 421 3.82 18.25 -6.73
CA SER B 421 2.76 18.61 -5.80
C SER B 421 3.42 18.99 -4.48
N HIS B 422 3.41 20.28 -4.16
CA HIS B 422 4.26 20.81 -3.11
C HIS B 422 3.86 20.28 -1.74
N ILE B 423 4.52 19.23 -1.28
CA ILE B 423 4.19 18.59 -0.01
C ILE B 423 5.30 18.90 1.00
N PRO B 424 4.97 19.36 2.20
CA PRO B 424 6.00 19.62 3.22
C PRO B 424 6.55 18.32 3.81
N LEU B 425 7.34 17.61 2.99
CA LEU B 425 7.87 16.32 3.41
C LEU B 425 8.79 16.46 4.61
N VAL B 426 9.66 17.47 4.60
CA VAL B 426 10.56 17.68 5.73
C VAL B 426 9.77 18.03 6.99
N HIS B 427 8.66 18.75 6.84
CA HIS B 427 7.82 19.03 8.00
C HIS B 427 7.25 17.75 8.60
N TYR B 428 6.77 16.84 7.75
CA TYR B 428 6.27 15.56 8.23
C TYR B 428 7.38 14.78 8.94
N PHE B 429 8.58 14.76 8.36
CA PHE B 429 9.67 14.00 8.96
C PHE B 429 10.06 14.59 10.31
N GLN B 430 10.13 15.92 10.41
CA GLN B 430 10.46 16.54 11.68
C GLN B 430 9.39 16.28 12.74
N TYR B 431 8.11 16.34 12.35
CA TYR B 431 7.04 16.03 13.29
C TYR B 431 7.13 14.59 13.78
N ALA B 432 7.37 13.65 12.88
CA ALA B 432 7.46 12.25 13.28
C ALA B 432 8.66 12.01 14.19
N LYS B 433 9.80 12.63 13.87
CA LYS B 433 10.98 12.48 14.72
C LYS B 433 10.76 13.09 16.10
N GLY B 434 10.05 14.22 16.16
CA GLY B 434 9.72 14.81 17.44
C GLY B 434 8.83 13.91 18.27
N GLN B 435 7.81 13.31 17.64
CA GLN B 435 6.94 12.39 18.37
C GLN B 435 7.71 11.17 18.87
N GLN B 436 8.59 10.61 18.04
CA GLN B 436 9.42 9.49 18.48
C GLN B 436 10.31 9.88 19.64
N ASP B 437 10.90 11.08 19.59
CA ASP B 437 11.74 11.54 20.68
C ASP B 437 10.94 11.72 21.96
N GLU B 438 9.71 12.22 21.85
CA GLU B 438 8.86 12.37 23.03
C GLU B 438 8.54 11.02 23.66
N ARG B 439 8.19 10.03 22.83
CA ARG B 439 7.92 8.70 23.36
C ARG B 439 9.16 8.11 24.01
N ARG B 440 10.33 8.27 23.38
CA ARG B 440 11.57 7.75 23.95
C ARG B 440 11.89 8.41 25.28
N SER B 441 11.71 9.73 25.37
CA SER B 441 11.97 10.42 26.63
C SER B 441 11.01 9.98 27.73
N ALA B 442 9.74 9.78 27.39
CA ALA B 442 8.78 9.30 28.37
C ALA B 442 9.16 7.90 28.87
N ALA B 443 9.56 7.02 27.96
CA ALA B 443 9.98 5.68 28.36
C ALA B 443 11.23 5.74 29.24
N ARG B 444 12.19 6.60 28.90
CA ARG B 444 13.40 6.74 29.70
C ARG B 444 13.08 7.24 31.10
N LYS B 445 12.18 8.24 31.20
CA LYS B 445 11.79 8.74 32.51
C LYS B 445 11.10 7.66 33.32
N SER B 446 10.22 6.86 32.69
CA SER B 446 9.55 5.79 33.40
C SER B 446 10.56 4.76 33.93
N ASP B 447 11.53 4.37 33.09
CA ASP B 447 12.56 3.44 33.54
C ASP B 447 13.36 4.01 34.70
N TYR B 448 13.76 5.28 34.59
CA TYR B 448 14.56 5.89 35.66
C TYR B 448 13.79 5.95 36.96
N ILE B 449 12.51 6.36 36.91
CA ILE B 449 11.74 6.48 38.15
C ILE B 449 11.47 5.12 38.74
N LYS B 450 11.23 4.10 37.90
CA LYS B 450 11.03 2.75 38.44
C LYS B 450 12.29 2.24 39.12
N ARG B 451 13.46 2.46 38.51
CA ARG B 451 14.71 2.06 39.15
C ARG B 451 14.93 2.81 40.46
N GLN B 452 14.63 4.10 40.49
CA GLN B 452 14.78 4.88 41.71
C GLN B 452 13.87 4.35 42.82
N THR B 453 12.61 4.05 42.47
CA THR B 453 11.69 3.51 43.46
C THR B 453 12.17 2.16 43.98
N GLU B 454 12.65 1.29 43.09
CA GLU B 454 13.16 0.00 43.52
C GLU B 454 14.33 0.17 44.49
N VAL B 455 15.30 1.02 44.14
CA VAL B 455 16.48 1.20 44.98
C VAL B 455 16.09 1.79 46.33
N ARG B 456 15.24 2.82 46.33
CA ARG B 456 14.85 3.47 47.58
C ARG B 456 14.08 2.51 48.47
N ALA B 457 13.14 1.74 47.89
CA ALA B 457 12.39 0.79 48.69
C ALA B 457 13.30 -0.29 49.26
N ALA B 458 14.24 -0.79 48.46
CA ALA B 458 15.15 -1.83 48.93
C ALA B 458 16.01 -1.32 50.08
N ARG B 459 16.58 -0.13 49.92
CA ARG B 459 17.46 0.41 50.97
C ARG B 459 16.68 0.72 52.24
N LEU B 460 15.46 1.26 52.10
CA LEU B 460 14.64 1.54 53.28
C LEU B 460 14.27 0.24 54.00
N ALA B 461 13.90 -0.80 53.24
CA ALA B 461 13.53 -2.06 53.85
C ALA B 461 14.72 -2.70 54.57
N GLU B 462 15.90 -2.68 53.94
CA GLU B 462 17.06 -3.30 54.58
C GLU B 462 17.48 -2.51 55.83
N GLU B 463 17.39 -1.18 55.77
CA GLU B 463 17.70 -0.37 56.95
C GLU B 463 16.73 -0.67 58.08
N GLU B 464 15.43 -0.75 57.77
CA GLU B 464 14.43 -1.04 58.80
C GLU B 464 14.65 -2.43 59.40
N ALA B 465 14.97 -3.42 58.55
CA ALA B 465 15.22 -4.77 59.05
C ALA B 465 16.45 -4.80 59.94
N ALA B 466 17.53 -4.12 59.55
CA ALA B 466 18.73 -4.07 60.38
C ALA B 466 18.45 -3.40 61.71
N LYS B 467 17.70 -2.29 61.70
CA LYS B 467 17.38 -1.61 62.95
C LYS B 467 16.52 -2.48 63.84
N ALA B 468 15.55 -3.19 63.27
CA ALA B 468 14.70 -4.09 64.06
C ALA B 468 15.52 -5.21 64.67
N ALA B 469 16.43 -5.80 63.89
CA ALA B 469 17.29 -6.86 64.42
C ALA B 469 18.19 -6.35 65.54
N ALA B 470 18.75 -5.14 65.37
CA ALA B 470 19.59 -4.56 66.41
C ALA B 470 18.80 -4.30 67.68
N LYS B 471 17.57 -3.80 67.54
CA LYS B 471 16.74 -3.56 68.72
C LYS B 471 16.35 -4.86 69.40
N ALA B 472 16.05 -5.91 68.62
CA ALA B 472 15.74 -7.20 69.20
C ALA B 472 16.92 -7.79 69.95
N ALA B 473 18.13 -7.64 69.39
CA ALA B 473 19.33 -8.09 70.10
C ALA B 473 19.55 -7.29 71.38
N LYS B 474 19.25 -5.99 71.34
CA LYS B 474 19.46 -5.15 72.53
C LYS B 474 18.55 -5.56 73.68
N GLU B 475 17.28 -5.85 73.39
CA GLU B 475 16.34 -6.20 74.45
C GLU B 475 16.60 -7.61 74.98
N ALA B 476 17.21 -8.47 74.17
CA ALA B 476 17.51 -9.83 74.62
C ALA B 476 18.52 -9.81 75.78
N ALA B 477 19.54 -8.95 75.68
CA ALA B 477 20.53 -8.87 76.74
C ALA B 477 20.05 -8.03 77.92
N LYS B 478 18.94 -7.33 77.77
CA LYS B 478 18.41 -6.49 78.84
C LYS B 478 17.76 -7.34 79.93
N SER C 5 1.14 29.11 14.58
CA SER C 5 1.80 28.08 13.79
C SER C 5 3.02 28.64 13.05
N VAL C 6 4.16 28.00 13.24
CA VAL C 6 5.38 28.41 12.57
C VAL C 6 5.51 27.67 11.25
N ALA C 7 6.28 28.24 10.33
CA ALA C 7 6.48 27.66 9.02
C ALA C 7 7.78 26.86 8.99
N ALA C 8 7.72 25.67 8.42
CA ALA C 8 8.86 24.77 8.33
C ALA C 8 9.50 24.87 6.95
N GLY C 9 10.78 24.52 6.88
CA GLY C 9 11.51 24.60 5.64
C GLY C 9 11.30 23.37 4.78
N PRO C 10 12.02 23.34 3.65
CA PRO C 10 12.93 24.36 3.13
C PRO C 10 12.18 25.51 2.48
N PHE C 11 12.82 26.67 2.33
CA PHE C 11 12.20 27.84 1.73
C PHE C 11 12.64 28.03 0.28
N ALA C 12 12.88 26.93 -0.42
CA ALA C 12 13.27 26.97 -1.83
C ALA C 12 12.53 25.88 -2.58
N HIS C 13 12.36 26.09 -3.88
CA HIS C 13 11.66 25.14 -4.73
C HIS C 13 12.12 25.33 -6.17
N ASP C 14 11.89 24.31 -6.99
CA ASP C 14 12.30 24.33 -8.38
C ASP C 14 11.15 24.66 -9.33
N ARG C 15 10.09 25.28 -8.83
CA ARG C 15 8.96 25.75 -9.64
C ARG C 15 8.25 24.61 -10.36
N SER C 16 8.37 23.39 -9.85
CA SER C 16 7.68 22.26 -10.45
C SER C 16 6.20 22.27 -10.07
N SER C 17 5.39 21.61 -10.90
CA SER C 17 3.96 21.53 -10.64
C SER C 17 3.37 20.39 -11.45
N VAL C 18 2.26 19.85 -10.94
CA VAL C 18 1.56 18.77 -11.63
C VAL C 18 0.92 19.27 -12.93
N ASN C 19 0.42 20.51 -12.92
CA ASN C 19 -0.20 21.07 -14.11
C ASN C 19 0.78 21.09 -15.28
N ARG C 20 2.02 21.48 -15.02
CA ARG C 20 3.03 21.49 -16.08
C ARG C 20 3.25 20.10 -16.66
N ILE C 21 3.32 19.08 -15.79
CA ILE C 21 3.56 17.72 -16.25
C ILE C 21 2.40 17.25 -17.12
N MET C 22 1.17 17.44 -16.66
CA MET C 22 0.01 16.97 -17.42
C MET C 22 -0.12 17.72 -18.75
N LEU C 23 0.11 19.03 -18.75
CA LEU C 23 0.01 19.78 -20.00
C LEU C 23 1.14 19.41 -20.95
N ASP C 24 2.31 19.06 -20.43
CA ASP C 24 3.39 18.60 -21.31
C ASP C 24 3.04 17.24 -21.92
N VAL C 25 2.41 16.36 -21.15
CA VAL C 25 1.96 15.09 -21.73
C VAL C 25 0.93 15.32 -22.82
N CYS C 26 -0.01 16.23 -22.59
CA CYS C 26 -0.99 16.55 -23.62
C CYS C 26 -0.33 17.15 -24.86
N LEU C 27 0.66 18.02 -24.66
CA LEU C 27 1.37 18.61 -25.79
C LEU C 27 2.12 17.54 -26.57
N ALA C 28 2.69 16.56 -25.87
CA ALA C 28 3.34 15.44 -26.57
C ALA C 28 2.33 14.63 -27.37
N LEU C 29 1.13 14.44 -26.83
CA LEU C 29 0.08 13.72 -27.56
C LEU C 29 -0.50 14.52 -28.71
N THR C 30 -0.30 15.83 -28.72
CA THR C 30 -0.94 16.70 -29.71
C THR C 30 -0.66 16.30 -31.18
N PRO C 31 0.57 16.05 -31.62
CA PRO C 31 0.77 15.79 -33.06
C PRO C 31 0.10 14.53 -33.57
N ALA C 32 0.20 13.42 -32.83
CA ALA C 32 -0.49 12.20 -33.26
C ALA C 32 -2.00 12.36 -33.19
N THR C 33 -2.49 13.12 -32.21
CA THR C 33 -3.92 13.40 -32.13
C THR C 33 -4.39 14.18 -33.36
N LEU C 34 -3.63 15.19 -33.78
CA LEU C 34 -4.00 15.93 -34.98
C LEU C 34 -3.95 15.05 -36.21
N PHE C 35 -2.93 14.19 -36.31
CA PHE C 35 -2.84 13.29 -37.45
C PHE C 35 -4.03 12.35 -37.51
N GLY C 36 -4.45 11.83 -36.35
CA GLY C 36 -5.62 10.97 -36.31
C GLY C 36 -6.91 11.70 -36.64
N LEU C 37 -7.05 12.94 -36.16
CA LEU C 37 -8.26 13.71 -36.42
C LEU C 37 -8.37 14.06 -37.89
N VAL C 38 -7.26 14.42 -38.54
CA VAL C 38 -7.30 14.75 -39.96
C VAL C 38 -7.59 13.51 -40.80
N MET C 39 -7.03 12.37 -40.41
CA MET C 39 -7.15 11.16 -41.23
C MET C 39 -8.57 10.62 -41.25
N PHE C 40 -9.26 10.64 -40.10
CA PHE C 40 -10.57 10.01 -40.01
C PHE C 40 -11.72 10.98 -40.19
N GLY C 41 -11.49 12.27 -40.07
CA GLY C 41 -12.49 13.26 -40.40
C GLY C 41 -13.23 13.82 -39.20
N TRP C 42 -14.45 14.29 -39.48
CA TRP C 42 -15.25 14.95 -38.45
C TRP C 42 -15.73 14.03 -37.33
N PRO C 43 -16.19 12.79 -37.58
CA PRO C 43 -16.65 11.98 -36.44
C PRO C 43 -15.60 11.77 -35.37
N ALA C 44 -14.33 11.65 -35.76
CA ALA C 44 -13.27 11.56 -34.76
C ALA C 44 -13.19 12.81 -33.92
N ILE C 45 -13.33 13.98 -34.55
CA ILE C 45 -13.31 15.25 -33.81
C ILE C 45 -14.48 15.31 -32.85
N ASN C 46 -15.68 14.90 -33.30
CA ASN C 46 -16.85 14.93 -32.43
C ASN C 46 -16.67 14.01 -31.23
N LEU C 47 -16.17 12.79 -31.46
CA LEU C 47 -15.98 11.86 -30.36
C LEU C 47 -14.92 12.36 -29.40
N TRP C 48 -13.82 12.93 -29.91
CA TRP C 48 -12.77 13.45 -29.05
C TRP C 48 -13.30 14.58 -28.16
N LEU C 49 -14.01 15.54 -28.76
CA LEU C 49 -14.56 16.64 -27.98
C LEU C 49 -15.54 16.14 -26.93
N VAL C 50 -16.44 15.22 -27.33
CA VAL C 50 -17.43 14.72 -26.39
C VAL C 50 -16.76 14.00 -25.23
N THR C 51 -15.77 13.15 -25.51
CA THR C 51 -15.09 12.41 -24.45
C THR C 51 -14.39 13.36 -23.49
N CYS C 52 -13.64 14.34 -24.01
CA CYS C 52 -12.91 15.25 -23.14
C CYS C 52 -13.86 16.08 -22.28
N VAL C 53 -14.91 16.63 -22.89
CA VAL C 53 -15.84 17.47 -22.14
C VAL C 53 -16.58 16.66 -21.08
N SER C 54 -17.01 15.45 -21.43
CA SER C 54 -17.69 14.61 -20.45
C SER C 54 -16.77 14.25 -19.30
N ALA C 55 -15.51 13.93 -19.60
CA ALA C 55 -14.56 13.62 -18.53
C ALA C 55 -14.39 14.81 -17.59
N LEU C 56 -14.22 16.01 -18.15
CA LEU C 56 -14.07 17.19 -17.30
C LEU C 56 -15.32 17.45 -16.46
N ALA C 57 -16.50 17.33 -17.06
CA ALA C 57 -17.74 17.60 -16.31
C ALA C 57 -17.95 16.60 -15.19
N ILE C 58 -17.69 15.31 -15.46
CA ILE C 58 -17.87 14.29 -14.43
C ILE C 58 -16.82 14.45 -13.33
N GLU C 59 -15.60 14.84 -13.70
CA GLU C 59 -14.59 15.14 -12.67
C GLU C 59 -15.04 16.29 -11.78
N ALA C 60 -15.60 17.34 -12.37
CA ALA C 60 -16.09 18.46 -11.58
C ALA C 60 -17.22 18.04 -10.66
N ALA C 61 -18.15 17.23 -11.16
CA ALA C 61 -19.26 16.77 -10.33
C ALA C 61 -18.77 15.92 -9.17
N CYS C 62 -17.82 15.01 -9.43
CA CYS C 62 -17.29 14.16 -8.37
C CYS C 62 -16.53 14.99 -7.34
N LEU C 63 -15.79 16.00 -7.78
CA LEU C 63 -15.12 16.88 -6.84
C LEU C 63 -16.12 17.64 -5.98
N ARG C 64 -17.21 18.10 -6.59
CA ARG C 64 -18.24 18.80 -5.81
C ARG C 64 -18.88 17.88 -4.78
N LEU C 65 -19.15 16.63 -5.15
CA LEU C 65 -19.77 15.70 -4.22
C LEU C 65 -18.87 15.39 -3.03
N LEU C 66 -17.57 15.20 -3.29
CA LEU C 66 -16.63 14.82 -2.25
C LEU C 66 -16.16 15.99 -1.40
N GLY C 67 -16.49 17.22 -1.78
CA GLY C 67 -16.06 18.38 -1.04
C GLY C 67 -14.63 18.82 -1.30
N GLN C 68 -13.93 18.17 -2.22
CA GLN C 68 -12.57 18.55 -2.55
C GLN C 68 -12.55 19.90 -3.25
N PRO C 69 -11.44 20.63 -3.16
CA PRO C 69 -11.36 21.94 -3.82
C PRO C 69 -11.53 21.80 -5.33
N MET C 70 -12.22 22.78 -5.93
CA MET C 70 -12.41 22.78 -7.36
C MET C 70 -11.10 23.06 -8.11
N ARG C 71 -10.09 23.57 -7.42
CA ARG C 71 -8.79 23.80 -8.05
C ARG C 71 -8.16 22.49 -8.54
N ARG C 72 -8.57 21.35 -7.97
CA ARG C 72 -8.10 20.07 -8.47
C ARG C 72 -8.51 19.83 -9.90
N LEU C 73 -9.51 20.55 -10.40
CA LEU C 73 -9.89 20.47 -11.81
C LEU C 73 -8.87 21.11 -12.73
N LEU C 74 -7.96 21.94 -12.21
CA LEU C 74 -7.05 22.71 -13.05
C LEU C 74 -5.70 22.05 -13.24
N ASP C 75 -5.47 20.86 -12.69
CA ASP C 75 -4.19 20.19 -12.88
C ASP C 75 -4.16 19.35 -14.16
N GLY C 76 -5.29 19.16 -14.82
CA GLY C 76 -5.32 18.45 -16.08
C GLY C 76 -5.25 16.95 -16.01
N SER C 77 -5.37 16.36 -14.81
CA SER C 77 -5.32 14.91 -14.70
C SER C 77 -6.58 14.24 -15.22
N ALA C 78 -7.67 14.99 -15.35
CA ALA C 78 -8.91 14.48 -15.91
C ALA C 78 -8.97 14.69 -17.42
N LEU C 79 -8.50 15.84 -17.89
CA LEU C 79 -8.41 16.06 -19.33
C LEU C 79 -7.48 15.05 -19.98
N LEU C 80 -6.39 14.69 -19.30
CA LEU C 80 -5.47 13.70 -19.85
C LEU C 80 -6.11 12.33 -19.93
N THR C 81 -6.88 11.94 -18.91
CA THR C 81 -7.59 10.66 -18.97
C THR C 81 -8.59 10.65 -20.12
N GLY C 82 -9.36 11.72 -20.26
CA GLY C 82 -10.30 11.80 -21.37
C GLY C 82 -9.60 11.76 -22.72
N TRP C 83 -8.46 12.46 -22.83
CA TRP C 83 -7.70 12.48 -24.07
C TRP C 83 -7.21 11.09 -24.44
N LEU C 84 -6.60 10.38 -23.49
CA LEU C 84 -6.08 9.05 -23.78
C LEU C 84 -7.19 8.08 -24.13
N LEU C 85 -8.32 8.15 -23.39
CA LEU C 85 -9.43 7.28 -23.73
C LEU C 85 -9.98 7.59 -25.11
N ALA C 86 -10.11 8.89 -25.45
CA ALA C 86 -10.66 9.26 -26.75
C ALA C 86 -9.77 8.80 -27.89
N ILE C 87 -8.45 8.96 -27.75
CA ILE C 87 -7.54 8.49 -28.79
C ILE C 87 -7.38 6.98 -28.78
N SER C 88 -7.83 6.31 -27.73
CA SER C 88 -7.82 4.84 -27.70
C SER C 88 -9.09 4.21 -28.27
N LEU C 89 -10.13 5.01 -28.56
CA LEU C 89 -11.41 4.53 -29.04
C LEU C 89 -11.43 4.43 -30.55
N PRO C 90 -12.37 3.66 -31.11
CA PRO C 90 -12.53 3.66 -32.56
C PRO C 90 -12.95 5.03 -33.05
N PRO C 91 -12.59 5.40 -34.27
CA PRO C 91 -12.87 6.77 -34.73
C PRO C 91 -14.35 7.08 -34.85
N TRP C 92 -15.10 6.26 -35.59
CA TRP C 92 -16.51 6.53 -35.87
C TRP C 92 -17.41 5.82 -34.86
N ALA C 93 -17.22 6.15 -33.60
CA ALA C 93 -17.99 5.57 -32.51
C ALA C 93 -19.10 6.52 -32.07
N PRO C 94 -20.19 6.00 -31.53
CA PRO C 94 -21.28 6.87 -31.07
C PRO C 94 -20.87 7.66 -29.83
N TRP C 95 -21.64 8.70 -29.55
CA TRP C 95 -21.33 9.59 -28.43
C TRP C 95 -21.43 8.86 -27.10
N TRP C 96 -22.41 7.98 -26.95
CA TRP C 96 -22.61 7.34 -25.66
C TRP C 96 -21.46 6.42 -25.29
N ILE C 97 -20.73 5.90 -26.30
CA ILE C 97 -19.53 5.11 -26.00
C ILE C 97 -18.51 5.96 -25.25
N GLY C 98 -18.22 7.15 -25.79
CA GLY C 98 -17.27 8.04 -25.13
C GLY C 98 -17.76 8.53 -23.78
N VAL C 99 -19.04 8.90 -23.71
CA VAL C 99 -19.58 9.40 -22.44
C VAL C 99 -19.54 8.32 -21.37
N GLY C 100 -19.93 7.09 -21.72
CA GLY C 100 -19.87 6.00 -20.76
C GLY C 100 -18.46 5.64 -20.37
N GLY C 101 -17.52 5.70 -21.31
CA GLY C 101 -16.13 5.45 -20.96
C GLY C 101 -15.59 6.47 -19.98
N SER C 102 -15.86 7.76 -20.23
CA SER C 102 -15.43 8.79 -19.31
C SER C 102 -16.08 8.62 -17.94
N LEU C 103 -17.37 8.28 -17.93
CA LEU C 103 -18.07 8.09 -16.66
C LEU C 103 -17.49 6.92 -15.88
N PHE C 104 -17.16 5.82 -16.56
CA PHE C 104 -16.62 4.66 -15.87
C PHE C 104 -15.19 4.91 -15.40
N ALA C 105 -14.40 5.66 -16.16
CA ALA C 105 -13.03 5.93 -15.71
C ALA C 105 -13.04 6.97 -14.59
N ILE C 106 -13.39 8.22 -14.93
CA ILE C 106 -13.47 9.27 -13.93
C ILE C 106 -14.77 9.06 -13.16
N GLY C 107 -14.65 8.61 -11.92
CA GLY C 107 -15.74 7.92 -11.27
C GLY C 107 -15.15 6.69 -10.61
N ILE C 108 -15.55 5.51 -11.07
CA ILE C 108 -15.12 4.27 -10.43
C ILE C 108 -13.60 4.16 -10.39
N GLY C 109 -12.93 4.39 -11.52
CA GLY C 109 -11.51 4.09 -11.56
C GLY C 109 -10.65 5.07 -10.78
N LYS C 110 -11.06 6.34 -10.73
CA LYS C 110 -10.22 7.39 -10.13
C LYS C 110 -10.87 8.06 -8.94
N GLN C 111 -12.09 8.58 -9.08
CA GLN C 111 -12.62 9.46 -8.04
C GLN C 111 -13.28 8.68 -6.91
N LEU C 112 -13.54 7.40 -7.12
CA LEU C 112 -14.13 6.58 -6.06
C LEU C 112 -13.09 6.12 -5.04
N TYR C 113 -11.81 6.18 -5.40
CA TYR C 113 -10.73 5.79 -4.50
C TYR C 113 -10.13 6.98 -3.75
N GLY C 114 -10.64 8.20 -3.98
CA GLY C 114 -10.12 9.35 -3.29
C GLY C 114 -9.81 10.51 -4.22
N GLY C 115 -9.37 10.21 -5.43
CA GLY C 115 -9.04 11.22 -6.41
C GLY C 115 -7.73 10.89 -7.07
N ILE C 116 -6.98 11.94 -7.43
CA ILE C 116 -5.70 11.77 -8.08
C ILE C 116 -4.68 11.28 -7.06
N GLY C 117 -3.90 10.27 -7.44
CA GLY C 117 -2.86 9.74 -6.59
C GLY C 117 -3.29 8.64 -5.64
N GLN C 118 -4.57 8.28 -5.63
CA GLN C 118 -5.07 7.25 -4.72
C GLN C 118 -5.53 5.99 -5.41
N ASN C 119 -5.79 6.04 -6.71
CA ASN C 119 -6.32 4.87 -7.41
C ASN C 119 -5.23 3.84 -7.65
N PRO C 120 -5.55 2.54 -7.63
CA PRO C 120 -4.56 1.51 -7.91
C PRO C 120 -4.49 1.04 -9.35
N PHE C 121 -5.45 1.39 -10.19
CA PHE C 121 -5.53 0.90 -11.56
C PHE C 121 -5.53 2.08 -12.53
N ASN C 122 -5.18 1.79 -13.77
CA ASN C 122 -5.19 2.81 -14.82
C ASN C 122 -6.62 3.15 -15.18
N PRO C 123 -7.03 4.42 -15.06
CA PRO C 123 -8.43 4.76 -15.35
C PRO C 123 -8.82 4.57 -16.81
N ALA C 124 -8.01 5.10 -17.73
CA ALA C 124 -8.34 5.03 -19.15
C ALA C 124 -8.42 3.58 -19.62
N MET C 125 -7.46 2.76 -19.21
CA MET C 125 -7.46 1.37 -19.63
C MET C 125 -8.61 0.59 -18.97
N LEU C 126 -8.95 0.96 -17.74
CA LEU C 126 -10.11 0.34 -17.09
C LEU C 126 -11.37 0.63 -17.87
N ALA C 127 -11.56 1.89 -18.29
CA ALA C 127 -12.71 2.25 -19.10
C ALA C 127 -12.70 1.53 -20.44
N ARG C 128 -11.53 1.43 -21.07
CA ARG C 128 -11.42 0.74 -22.34
C ARG C 128 -11.82 -0.73 -22.22
N VAL C 129 -11.32 -1.41 -21.19
CA VAL C 129 -11.66 -2.82 -20.98
C VAL C 129 -13.14 -2.97 -20.71
N ALA C 130 -13.72 -2.09 -19.88
CA ALA C 130 -15.14 -2.18 -19.57
C ALA C 130 -15.98 -1.98 -20.83
N LEU C 131 -15.61 -1.01 -21.66
CA LEU C 131 -16.36 -0.76 -22.90
C LEU C 131 -16.23 -1.95 -23.85
N LEU C 132 -15.03 -2.52 -23.98
CA LEU C 132 -14.86 -3.67 -24.87
C LEU C 132 -15.66 -4.87 -24.40
N ILE C 133 -15.71 -5.10 -23.08
CA ILE C 133 -16.45 -6.25 -22.55
C ILE C 133 -17.96 -6.02 -22.69
N ALA C 134 -18.42 -4.81 -22.39
CA ALA C 134 -19.86 -4.56 -22.33
C ALA C 134 -20.46 -4.31 -23.71
N PHE C 135 -19.71 -3.63 -24.58
CA PHE C 135 -20.19 -3.26 -25.91
C PHE C 135 -19.20 -3.76 -26.95
N PRO C 136 -19.22 -5.05 -27.29
CA PRO C 136 -18.22 -5.60 -28.20
C PRO C 136 -18.45 -5.22 -29.66
N LEU C 137 -19.70 -4.96 -30.03
CA LEU C 137 -20.01 -4.64 -31.42
C LEU C 137 -19.55 -3.23 -31.78
N GLN C 138 -19.80 -2.26 -30.91
CA GLN C 138 -19.42 -0.88 -31.19
C GLN C 138 -17.92 -0.65 -31.08
N MET C 139 -17.21 -1.51 -30.35
CA MET C 139 -15.78 -1.37 -30.13
C MET C 139 -14.94 -2.18 -31.11
N THR C 140 -15.58 -2.86 -32.07
CA THR C 140 -14.87 -3.65 -33.07
C THR C 140 -15.31 -3.28 -34.48
N THR C 141 -15.66 -2.02 -34.69
CA THR C 141 -16.04 -1.50 -36.00
C THR C 141 -15.03 -0.43 -36.38
N TRP C 142 -14.10 -0.79 -37.27
CA TRP C 142 -13.01 0.08 -37.65
C TRP C 142 -13.28 0.69 -39.01
N ALA C 143 -13.30 2.02 -39.07
CA ALA C 143 -13.58 2.73 -40.31
C ALA C 143 -12.28 3.02 -41.05
N LEU C 144 -12.34 2.92 -42.37
CA LEU C 144 -11.19 3.19 -43.21
C LEU C 144 -10.83 4.67 -43.13
N PRO C 145 -9.56 5.02 -43.38
CA PRO C 145 -9.18 6.43 -43.39
C PRO C 145 -9.89 7.22 -44.47
N HIS C 146 -10.69 8.21 -44.05
CA HIS C 146 -11.38 9.11 -44.96
C HIS C 146 -10.90 10.52 -44.63
N PRO C 147 -9.85 10.99 -45.28
CA PRO C 147 -9.20 12.23 -44.85
C PRO C 147 -10.13 13.42 -44.91
N LEU C 148 -9.90 14.37 -43.99
CA LEU C 148 -10.67 15.60 -43.96
C LEU C 148 -10.44 16.39 -45.25
N PHE C 149 -11.54 16.87 -45.84
CA PHE C 149 -11.51 17.60 -47.11
C PHE C 149 -10.86 16.76 -48.21
N SER C 150 -11.50 15.64 -48.52
CA SER C 150 -11.01 14.74 -49.54
C SER C 150 -12.06 14.29 -50.54
N SER C 151 -13.26 14.89 -50.52
CA SER C 151 -14.37 14.63 -51.43
C SER C 151 -14.99 13.26 -51.25
N SER C 152 -14.46 12.42 -50.36
CA SER C 152 -15.05 11.12 -50.04
C SER C 152 -15.51 11.00 -48.61
N ALA C 153 -14.90 11.74 -47.68
CA ALA C 153 -15.34 11.73 -46.29
C ALA C 153 -16.68 12.43 -46.16
N PRO C 154 -17.51 12.00 -45.21
CA PRO C 154 -18.80 12.67 -45.00
C PRO C 154 -18.61 14.11 -44.54
N GLY C 155 -19.60 14.94 -44.87
CA GLY C 155 -19.57 16.34 -44.53
C GLY C 155 -19.74 16.58 -43.04
N PHE C 156 -20.10 17.81 -42.70
CA PHE C 156 -20.24 18.17 -41.28
C PHE C 156 -21.51 17.58 -40.68
N PHE C 157 -22.65 17.81 -41.32
CA PHE C 157 -23.91 17.34 -40.75
C PHE C 157 -24.09 15.83 -40.93
N ASP C 158 -23.54 15.27 -42.02
CA ASP C 158 -23.52 13.82 -42.15
C ASP C 158 -22.70 13.19 -41.03
N SER C 159 -21.58 13.82 -40.67
CA SER C 159 -20.78 13.33 -39.56
C SER C 159 -21.50 13.50 -38.23
N LEU C 160 -22.27 14.58 -38.09
CA LEU C 160 -23.10 14.72 -36.91
C LEU C 160 -24.10 13.58 -36.81
N ALA C 161 -24.74 13.22 -37.92
CA ALA C 161 -25.66 12.09 -37.92
C ALA C 161 -24.93 10.77 -37.66
N ILE C 162 -23.66 10.69 -38.05
CA ILE C 162 -22.89 9.47 -37.80
C ILE C 162 -22.57 9.34 -36.31
N THR C 163 -22.14 10.43 -35.68
CA THR C 163 -21.74 10.37 -34.28
C THR C 163 -22.95 10.40 -33.35
N PHE C 164 -23.68 11.51 -33.35
CA PHE C 164 -24.93 11.57 -32.61
C PHE C 164 -26.03 10.95 -33.48
N ALA C 165 -27.07 10.46 -32.81
CA ALA C 165 -28.08 9.61 -33.45
C ALA C 165 -27.40 8.35 -33.98
N GLY C 166 -28.03 7.68 -34.95
CA GLY C 166 -27.55 6.37 -35.34
C GLY C 166 -27.49 6.10 -36.83
N ALA C 167 -27.12 7.10 -37.62
CA ALA C 167 -27.07 6.93 -39.06
C ALA C 167 -26.05 5.85 -39.42
N PRO C 168 -26.44 4.83 -40.19
CA PRO C 168 -25.50 3.77 -40.56
C PRO C 168 -24.36 4.31 -41.43
N LEU C 169 -23.22 3.64 -41.35
CA LEU C 169 -22.02 4.03 -42.08
C LEU C 169 -22.04 3.56 -43.53
N ALA C 170 -23.21 3.18 -44.06
CA ALA C 170 -23.34 2.69 -45.42
C ALA C 170 -22.48 1.45 -45.63
N ASP C 171 -21.99 1.24 -46.84
CA ASP C 171 -21.12 0.12 -47.16
C ASP C 171 -19.84 0.61 -47.79
N GLY C 172 -18.76 -0.11 -47.53
CA GLY C 172 -17.46 0.26 -48.06
C GLY C 172 -16.70 1.25 -47.23
N MET C 173 -17.19 1.59 -46.04
CA MET C 173 -16.51 2.51 -45.13
C MET C 173 -15.93 1.83 -43.91
N THR C 174 -16.08 0.50 -43.80
CA THR C 174 -15.57 -0.25 -42.67
C THR C 174 -14.72 -1.39 -43.19
N GLY C 175 -13.50 -1.52 -42.65
CA GLY C 175 -12.58 -2.56 -43.07
C GLY C 175 -11.95 -3.26 -41.88
N ALA C 176 -11.22 -4.32 -42.19
CA ALA C 176 -10.50 -5.08 -41.17
C ALA C 176 -9.06 -4.56 -41.06
N THR C 177 -8.51 -4.62 -39.85
CA THR C 177 -7.17 -4.02 -39.59
C THR C 177 -6.08 -5.06 -39.90
N ALA C 178 -5.06 -5.17 -39.06
CA ALA C 178 -3.92 -6.04 -39.35
C ALA C 178 -3.90 -7.28 -38.47
N LEU C 179 -3.95 -7.07 -37.15
CA LEU C 179 -3.83 -8.18 -36.22
C LEU C 179 -5.03 -9.12 -36.33
N GLY C 180 -6.24 -8.56 -36.27
CA GLY C 180 -7.43 -9.40 -36.39
C GLY C 180 -7.53 -10.07 -37.73
N ASN C 181 -7.14 -9.36 -38.79
CA ASN C 181 -7.14 -9.97 -40.13
C ASN C 181 -6.16 -11.13 -40.20
N LEU C 182 -4.96 -10.96 -39.64
CA LEU C 182 -3.99 -12.05 -39.64
C LEU C 182 -4.52 -13.25 -38.88
N LYS C 183 -5.12 -13.03 -37.71
CA LYS C 183 -5.64 -14.14 -36.93
C LYS C 183 -6.77 -14.85 -37.66
N THR C 184 -7.67 -14.08 -38.29
CA THR C 184 -8.78 -14.69 -39.03
C THR C 184 -8.27 -15.50 -40.21
N GLU C 185 -7.33 -14.95 -40.98
CA GLU C 185 -6.81 -15.69 -42.12
C GLU C 185 -6.00 -16.91 -41.70
N LEU C 186 -5.36 -16.85 -40.52
CA LEU C 186 -4.72 -18.05 -39.98
C LEU C 186 -5.77 -19.11 -39.64
N THR C 187 -6.91 -18.69 -39.08
CA THR C 187 -8.01 -19.62 -38.89
C THR C 187 -8.57 -20.12 -40.21
N LEU C 188 -8.30 -19.41 -41.31
CA LEU C 188 -8.70 -19.85 -42.64
C LEU C 188 -7.64 -20.70 -43.33
N ASN C 189 -6.85 -21.45 -42.55
CA ASN C 189 -5.83 -22.39 -43.02
C ASN C 189 -4.90 -21.76 -44.06
N ARG C 190 -4.56 -20.49 -43.88
CA ARG C 190 -3.55 -19.82 -44.69
C ARG C 190 -2.33 -19.56 -43.82
N THR C 191 -1.15 -19.88 -44.33
CA THR C 191 0.07 -19.71 -43.54
C THR C 191 0.34 -18.24 -43.30
N ALA C 192 1.17 -17.95 -42.29
CA ALA C 192 1.41 -16.58 -41.85
C ALA C 192 2.20 -15.77 -42.87
N GLN C 193 2.68 -16.38 -43.95
CA GLN C 193 3.44 -15.66 -44.96
C GLN C 193 2.54 -15.06 -46.04
N GLU C 194 1.65 -15.87 -46.62
CA GLU C 194 0.77 -15.37 -47.68
C GLU C 194 -0.13 -14.26 -47.18
N ILE C 195 -0.52 -14.30 -45.90
CA ILE C 195 -1.38 -13.26 -45.36
C ILE C 195 -0.66 -11.92 -45.35
N LEU C 196 0.62 -11.91 -44.96
CA LEU C 196 1.38 -10.68 -44.83
C LEU C 196 1.98 -10.21 -46.16
N GLU C 197 2.20 -11.10 -47.12
CA GLU C 197 2.82 -10.67 -48.37
C GLU C 197 1.88 -9.76 -49.16
N GLY C 198 0.61 -10.14 -49.28
CA GLY C 198 -0.37 -9.37 -50.02
C GLY C 198 -1.39 -8.62 -49.19
N GLY C 199 -1.17 -8.49 -47.87
CA GLY C 199 -2.14 -7.81 -47.04
C GLY C 199 -1.53 -6.98 -45.93
N PHE C 200 -0.24 -6.67 -46.04
CA PHE C 200 0.43 -5.88 -45.01
C PHE C 200 1.71 -5.26 -45.56
N SER C 201 1.79 -3.93 -45.49
CA SER C 201 2.99 -3.19 -45.90
C SER C 201 3.52 -2.45 -44.69
N THR C 202 4.80 -2.65 -44.38
CA THR C 202 5.38 -2.06 -43.17
C THR C 202 5.48 -0.54 -43.29
N ILE C 203 5.77 -0.03 -44.49
CA ILE C 203 5.92 1.41 -44.67
C ILE C 203 4.59 2.13 -44.38
N SER C 204 3.49 1.61 -44.93
CA SER C 204 2.20 2.24 -44.72
C SER C 204 1.67 2.01 -43.30
N ALA C 205 2.06 0.92 -42.65
CA ALA C 205 1.65 0.68 -41.28
C ALA C 205 2.40 1.56 -40.29
N LEU C 206 3.68 1.81 -40.54
CA LEU C 206 4.47 2.64 -39.63
C LEU C 206 4.04 4.10 -39.70
N PHE C 207 3.79 4.61 -40.92
CA PHE C 207 3.37 6.00 -41.05
C PHE C 207 2.04 6.24 -40.37
N GLY C 208 1.10 5.32 -40.51
CA GLY C 208 -0.20 5.47 -39.90
C GLY C 208 -1.32 5.60 -40.90
N SER C 209 -1.18 4.93 -42.05
CA SER C 209 -2.17 4.96 -43.11
C SER C 209 -3.08 3.75 -43.11
N THR C 210 -3.38 3.20 -41.95
CA THR C 210 -4.17 1.98 -41.81
C THR C 210 -5.33 2.21 -40.86
N PRO C 211 -6.40 1.42 -40.98
CA PRO C 211 -7.50 1.52 -40.01
C PRO C 211 -7.05 1.13 -38.62
N GLY C 212 -7.72 1.71 -37.62
CA GLY C 212 -7.36 1.43 -36.25
C GLY C 212 -8.03 2.41 -35.31
N SER C 213 -7.40 2.64 -34.16
CA SER C 213 -7.91 3.58 -33.20
C SER C 213 -7.64 5.02 -33.68
N LEU C 214 -8.07 5.99 -32.87
CA LEU C 214 -8.00 7.38 -33.30
C LEU C 214 -6.55 7.85 -33.40
N GLY C 215 -5.75 7.60 -32.37
CA GLY C 215 -4.37 8.05 -32.36
C GLY C 215 -3.36 6.92 -32.38
N GLU C 216 -3.84 5.68 -32.34
CA GLU C 216 -2.96 4.53 -32.32
C GLU C 216 -2.28 4.29 -33.67
N THR C 217 -2.92 4.75 -34.76
CA THR C 217 -2.50 4.32 -36.09
C THR C 217 -1.07 4.74 -36.42
N SER C 218 -0.66 5.94 -36.04
CA SER C 218 0.66 6.44 -36.37
C SER C 218 1.66 6.06 -35.30
N GLU C 219 2.61 5.20 -35.66
CA GLU C 219 3.66 4.76 -34.74
C GLU C 219 4.95 5.55 -34.91
N LEU C 220 4.88 6.73 -35.52
CA LEU C 220 6.05 7.60 -35.70
C LEU C 220 5.92 8.91 -34.92
N LEU C 221 4.79 9.59 -35.05
CA LEU C 221 4.57 10.78 -34.24
C LEU C 221 4.46 10.43 -32.76
N LEU C 222 3.90 9.26 -32.44
CA LEU C 222 3.91 8.78 -31.06
C LEU C 222 5.33 8.55 -30.57
N LEU C 223 6.19 7.99 -31.42
CA LEU C 223 7.58 7.80 -31.05
C LEU C 223 8.28 9.13 -30.80
N VAL C 224 8.00 10.13 -31.65
CA VAL C 224 8.60 11.45 -31.47
C VAL C 224 8.14 12.07 -30.15
N GLY C 225 6.85 11.97 -29.85
CA GLY C 225 6.34 12.51 -28.60
C GLY C 225 6.93 11.80 -27.39
N GLY C 226 7.06 10.47 -27.47
CA GLY C 226 7.66 9.74 -26.37
C GLY C 226 9.12 10.09 -26.15
N VAL C 227 9.86 10.27 -27.24
CA VAL C 227 11.26 10.68 -27.13
C VAL C 227 11.35 12.06 -26.48
N TRP C 228 10.47 12.98 -26.89
CA TRP C 228 10.46 14.30 -26.28
C TRP C 228 10.15 14.22 -24.79
N LEU C 229 9.20 13.35 -24.41
CA LEU C 229 8.89 13.17 -23.00
C LEU C 229 10.08 12.62 -22.23
N VAL C 230 10.79 11.66 -22.83
CA VAL C 230 11.95 11.07 -22.17
C VAL C 230 13.05 12.11 -21.97
N LEU C 231 13.30 12.93 -22.99
CA LEU C 231 14.34 13.96 -22.88
C LEU C 231 13.98 15.00 -21.83
N ARG C 232 12.69 15.31 -21.67
CA ARG C 232 12.26 16.30 -20.70
C ARG C 232 12.15 15.74 -19.28
N ARG C 233 12.47 14.45 -19.09
CA ARG C 233 12.54 13.83 -17.77
C ARG C 233 11.18 13.72 -17.10
N ILE C 234 10.11 13.63 -17.90
CA ILE C 234 8.79 13.38 -17.35
C ILE C 234 8.53 11.89 -17.14
N ILE C 235 9.05 11.04 -18.02
CA ILE C 235 8.93 9.60 -17.90
C ILE C 235 10.32 9.00 -17.89
N HIS C 236 10.41 7.75 -17.46
CA HIS C 236 11.68 7.02 -17.40
C HIS C 236 11.74 6.00 -18.52
N TRP C 237 12.91 5.91 -19.16
CA TRP C 237 13.06 5.08 -20.35
C TRP C 237 12.92 3.59 -20.05
N GLU C 238 12.96 3.19 -18.78
CA GLU C 238 12.96 1.77 -18.43
C GLU C 238 11.73 1.07 -18.98
N ILE C 239 10.55 1.62 -18.73
CA ILE C 239 9.31 0.97 -19.16
C ILE C 239 9.20 0.87 -20.67
N PRO C 240 9.35 1.96 -21.44
CA PRO C 240 9.27 1.80 -22.91
C PRO C 240 10.34 0.88 -23.47
N VAL C 241 11.58 1.03 -23.02
CA VAL C 241 12.65 0.19 -23.54
C VAL C 241 12.37 -1.28 -23.25
N ALA C 242 11.97 -1.58 -22.01
CA ALA C 242 11.71 -2.97 -21.66
C ALA C 242 10.55 -3.55 -22.46
N ILE C 243 9.45 -2.80 -22.58
CA ILE C 243 8.29 -3.32 -23.31
C ILE C 243 8.64 -3.60 -24.76
N LEU C 244 9.23 -2.60 -25.43
CA LEU C 244 9.54 -2.75 -26.85
C LEU C 244 10.56 -3.86 -27.08
N ALA C 245 11.61 -3.92 -26.25
CA ALA C 245 12.63 -4.95 -26.41
C ALA C 245 12.06 -6.34 -26.19
N SER C 246 11.23 -6.51 -25.14
CA SER C 246 10.66 -7.82 -24.88
C SER C 246 9.77 -8.28 -26.02
N VAL C 247 8.90 -7.39 -26.51
CA VAL C 247 8.00 -7.76 -27.59
C VAL C 247 8.80 -8.12 -28.83
N PHE C 248 9.80 -7.29 -29.17
CA PHE C 248 10.59 -7.56 -30.37
C PHE C 248 11.36 -8.86 -30.26
N VAL C 249 11.96 -9.14 -29.10
CA VAL C 249 12.76 -10.35 -28.94
C VAL C 249 11.88 -11.59 -29.03
N MET C 250 10.75 -11.59 -28.31
CA MET C 250 9.86 -12.75 -28.37
C MET C 250 9.33 -12.96 -29.78
N ALA C 251 8.94 -11.87 -30.45
CA ALA C 251 8.42 -11.99 -31.81
C ALA C 251 9.47 -12.53 -32.77
N THR C 252 10.70 -12.04 -32.64
CA THR C 252 11.77 -12.52 -33.52
C THR C 252 12.07 -13.99 -33.28
N LEU C 253 12.09 -14.41 -32.01
CA LEU C 253 12.32 -15.82 -31.72
C LEU C 253 11.23 -16.71 -32.31
N ALA C 254 9.96 -16.30 -32.14
CA ALA C 254 8.87 -17.11 -32.67
C ALA C 254 8.88 -17.13 -34.20
N TYR C 255 9.26 -16.01 -34.82
CA TYR C 255 9.38 -15.98 -36.27
C TYR C 255 10.49 -16.91 -36.74
N LEU C 256 11.62 -16.93 -36.05
CA LEU C 256 12.72 -17.80 -36.45
C LEU C 256 12.37 -19.27 -36.25
N ILE C 257 11.61 -19.59 -35.21
CA ILE C 257 11.28 -21.00 -34.94
C ILE C 257 10.32 -21.53 -35.98
N ASN C 258 9.16 -20.87 -36.14
CA ASN C 258 8.12 -21.32 -37.06
C ASN C 258 7.68 -20.14 -37.92
N PRO C 259 8.40 -19.86 -39.00
CA PRO C 259 8.05 -18.68 -39.83
C PRO C 259 6.71 -18.76 -40.51
N GLU C 260 6.14 -19.96 -40.71
CA GLU C 260 4.88 -20.09 -41.42
C GLU C 260 3.67 -19.91 -40.53
N ARG C 261 3.84 -19.80 -39.22
CA ARG C 261 2.72 -19.58 -38.30
C ARG C 261 2.84 -18.30 -37.49
N TYR C 262 4.05 -17.82 -37.21
CA TYR C 262 4.24 -16.64 -36.37
C TYR C 262 4.77 -15.49 -37.21
N ALA C 263 4.22 -14.30 -36.96
CA ALA C 263 4.71 -13.06 -37.54
C ALA C 263 5.39 -12.27 -36.44
N GLY C 264 6.59 -11.77 -36.71
CA GLY C 264 7.37 -11.17 -35.65
C GLY C 264 8.21 -9.98 -36.09
N GLY C 265 8.52 -9.14 -35.12
CA GLY C 265 9.44 -8.01 -35.32
C GLY C 265 8.71 -6.75 -35.78
N LEU C 266 8.95 -6.36 -37.03
CA LEU C 266 8.37 -5.13 -37.55
C LEU C 266 6.85 -5.19 -37.55
N TYR C 267 6.28 -6.34 -37.87
CA TYR C 267 4.83 -6.48 -37.87
C TYR C 267 4.25 -6.22 -36.48
N GLN C 268 4.87 -6.82 -35.45
CA GLN C 268 4.38 -6.64 -34.10
C GLN C 268 4.56 -5.20 -33.64
N LEU C 269 5.68 -4.58 -33.97
CA LEU C 269 5.95 -3.22 -33.49
C LEU C 269 5.05 -2.20 -34.17
N THR C 270 4.84 -2.34 -35.48
CA THR C 270 4.04 -1.38 -36.24
C THR C 270 2.60 -1.90 -36.40
N SER C 271 1.97 -2.17 -35.27
CA SER C 271 0.58 -2.61 -35.24
C SER C 271 0.06 -2.52 -33.82
N GLY C 272 -1.23 -2.24 -33.68
CA GLY C 272 -1.84 -2.11 -32.38
C GLY C 272 -1.35 -0.87 -31.65
N GLY C 273 -1.81 -0.73 -30.42
CA GLY C 273 -1.39 0.38 -29.61
C GLY C 273 -0.20 0.05 -28.72
N LEU C 274 0.79 -0.63 -29.29
CA LEU C 274 1.94 -1.05 -28.49
C LEU C 274 2.83 0.14 -28.14
N ILE C 275 3.12 1.00 -29.12
CA ILE C 275 3.98 2.15 -28.87
C ILE C 275 3.28 3.18 -27.99
N LEU C 276 2.00 3.42 -28.26
CA LEU C 276 1.23 4.36 -27.44
C LEU C 276 1.15 3.88 -26.00
N CYS C 277 0.88 2.59 -25.80
CA CYS C 277 0.87 2.03 -24.45
C CYS C 277 2.24 2.11 -23.79
N ALA C 278 3.30 1.80 -24.55
CA ALA C 278 4.64 1.78 -23.97
C ALA C 278 5.07 3.17 -23.53
N PHE C 279 4.74 4.20 -24.30
CA PHE C 279 5.24 5.53 -23.98
C PHE C 279 4.30 6.33 -23.09
N PHE C 280 3.01 6.39 -23.43
CA PHE C 280 2.10 7.32 -22.77
C PHE C 280 1.18 6.70 -21.74
N ILE C 281 1.01 5.38 -21.75
CA ILE C 281 -0.01 4.74 -20.94
C ILE C 281 0.61 3.80 -19.90
N ALA C 282 1.60 3.00 -20.28
CA ALA C 282 2.27 2.15 -19.30
C ALA C 282 3.14 2.95 -18.34
N THR C 283 3.41 4.22 -18.63
CA THR C 283 4.25 5.07 -17.81
C THR C 283 3.44 5.95 -16.86
N ASP C 284 2.27 5.48 -16.44
CA ASP C 284 1.46 6.21 -15.47
C ASP C 284 2.21 6.25 -14.15
N PRO C 285 2.53 7.45 -13.61
CA PRO C 285 3.34 7.48 -12.38
C PRO C 285 2.63 6.88 -11.17
N VAL C 286 1.31 7.05 -11.07
CA VAL C 286 0.59 6.60 -9.88
C VAL C 286 0.48 5.08 -9.81
N THR C 287 0.48 4.39 -10.94
CA THR C 287 0.27 2.95 -10.97
C THR C 287 1.46 2.21 -11.56
N SER C 288 2.67 2.70 -11.28
CA SER C 288 3.89 2.07 -11.74
C SER C 288 4.90 2.09 -10.60
N PRO C 289 5.88 1.18 -10.61
CA PRO C 289 6.87 1.14 -9.52
C PRO C 289 7.73 2.40 -9.50
N ILE C 290 8.25 2.71 -8.31
CA ILE C 290 9.08 3.89 -8.10
C ILE C 290 10.55 3.59 -8.19
N SER C 291 10.94 2.33 -8.37
CA SER C 291 12.33 1.93 -8.42
C SER C 291 12.80 1.84 -9.87
N ARG C 292 14.03 1.39 -10.05
CA ARG C 292 14.56 1.11 -11.39
C ARG C 292 14.37 -0.35 -11.78
N VAL C 293 14.78 -1.27 -10.90
CA VAL C 293 14.55 -2.68 -11.16
C VAL C 293 13.05 -2.96 -11.17
N GLY C 294 12.30 -2.28 -10.32
CA GLY C 294 10.85 -2.42 -10.36
C GLY C 294 10.25 -2.00 -11.69
N ARG C 295 10.71 -0.88 -12.24
CA ARG C 295 10.21 -0.44 -13.53
C ARG C 295 10.62 -1.41 -14.63
N LEU C 296 11.84 -1.94 -14.56
CA LEU C 296 12.27 -2.93 -15.56
C LEU C 296 11.39 -4.18 -15.50
N ILE C 297 11.08 -4.66 -14.30
CA ILE C 297 10.21 -5.82 -14.15
C ILE C 297 8.82 -5.51 -14.68
N PHE C 298 8.30 -4.32 -14.37
CA PHE C 298 7.00 -3.90 -14.88
C PHE C 298 6.97 -3.93 -16.40
N GLY C 299 8.00 -3.36 -17.03
CA GLY C 299 8.04 -3.32 -18.49
C GLY C 299 8.15 -4.69 -19.12
N VAL C 300 9.02 -5.54 -18.57
CA VAL C 300 9.19 -6.88 -19.13
C VAL C 300 7.92 -7.69 -19.00
N GLY C 301 7.26 -7.60 -17.84
CA GLY C 301 5.98 -8.27 -17.67
C GLY C 301 4.93 -7.77 -18.64
N CYS C 302 4.85 -6.45 -18.82
CA CYS C 302 3.90 -5.89 -19.78
C CYS C 302 4.16 -6.43 -21.18
N GLY C 303 5.42 -6.43 -21.62
CA GLY C 303 5.73 -6.92 -22.95
C GLY C 303 5.41 -8.39 -23.13
N VAL C 304 5.77 -9.21 -22.13
CA VAL C 304 5.51 -10.64 -22.22
C VAL C 304 4.01 -10.91 -22.29
N LEU C 305 3.23 -10.25 -21.43
CA LEU C 305 1.79 -10.44 -21.45
C LEU C 305 1.18 -9.99 -22.78
N ILE C 306 1.62 -8.83 -23.28
CA ILE C 306 1.10 -8.32 -24.54
C ILE C 306 1.34 -9.32 -25.65
N TYR C 307 2.57 -9.81 -25.77
CA TYR C 307 2.87 -10.75 -26.85
C TYR C 307 2.13 -12.06 -26.69
N VAL C 308 2.07 -12.59 -25.46
CA VAL C 308 1.43 -13.89 -25.25
C VAL C 308 -0.06 -13.82 -25.58
N ILE C 309 -0.74 -12.76 -25.13
CA ILE C 309 -2.17 -12.68 -25.40
C ILE C 309 -2.42 -12.26 -26.84
N ARG C 310 -1.45 -11.61 -27.48
CA ARG C 310 -1.58 -11.34 -28.91
C ARG C 310 -1.54 -12.62 -29.73
N THR C 311 -0.55 -13.46 -29.47
CA THR C 311 -0.28 -14.60 -30.36
C THR C 311 -1.23 -15.76 -30.09
N TRP C 312 -1.42 -16.13 -28.82
CA TRP C 312 -2.20 -17.31 -28.46
C TRP C 312 -3.52 -16.98 -27.78
N GLY C 313 -3.75 -15.71 -27.44
CA GLY C 313 -4.98 -15.33 -26.77
C GLY C 313 -6.14 -15.17 -27.74
N SER C 314 -7.28 -14.78 -27.19
CA SER C 314 -8.49 -14.59 -27.96
C SER C 314 -8.73 -13.13 -28.34
N PHE C 315 -7.76 -12.26 -28.11
CA PHE C 315 -7.87 -10.85 -28.45
C PHE C 315 -6.80 -10.45 -29.45
N PRO C 316 -7.10 -9.54 -30.38
CA PRO C 316 -6.07 -9.07 -31.31
C PRO C 316 -5.00 -8.21 -30.66
N GLU C 317 -5.24 -7.72 -29.45
CA GLU C 317 -4.33 -6.83 -28.74
C GLU C 317 -4.72 -6.85 -27.27
N ALA C 318 -3.73 -6.84 -26.38
CA ALA C 318 -3.98 -6.92 -24.95
C ALA C 318 -3.14 -5.92 -24.18
N ALA C 319 -2.95 -4.73 -24.75
CA ALA C 319 -2.21 -3.69 -24.03
C ALA C 319 -2.94 -3.30 -22.75
N ALA C 320 -4.26 -3.10 -22.83
CA ALA C 320 -5.02 -2.71 -21.65
C ALA C 320 -4.99 -3.81 -20.58
N PHE C 321 -5.18 -5.06 -20.99
CA PHE C 321 -5.18 -6.16 -20.03
C PHE C 321 -3.82 -6.32 -19.37
N ALA C 322 -2.74 -6.22 -20.16
CA ALA C 322 -1.40 -6.33 -19.60
C ALA C 322 -1.12 -5.20 -18.62
N VAL C 323 -1.51 -3.97 -18.98
CA VAL C 323 -1.30 -2.83 -18.09
C VAL C 323 -2.07 -3.01 -16.80
N LEU C 324 -3.32 -3.49 -16.88
CA LEU C 324 -4.11 -3.68 -15.67
C LEU C 324 -3.50 -4.76 -14.78
N PHE C 325 -3.04 -5.86 -15.39
CA PHE C 325 -2.42 -6.93 -14.59
C PHE C 325 -1.16 -6.43 -13.89
N MET C 326 -0.33 -5.66 -14.59
CA MET C 326 0.88 -5.17 -13.96
C MET C 326 0.58 -4.08 -12.93
N ASN C 327 -0.49 -3.30 -13.12
CA ASN C 327 -0.92 -2.38 -12.08
C ASN C 327 -1.35 -3.14 -10.83
N ALA C 328 -2.00 -4.29 -11.01
CA ALA C 328 -2.33 -5.14 -9.88
C ALA C 328 -1.06 -5.64 -9.19
N LEU C 329 -0.04 -6.02 -9.97
CA LEU C 329 1.19 -6.55 -9.40
C LEU C 329 2.10 -5.47 -8.82
N THR C 330 1.84 -4.19 -9.09
CA THR C 330 2.74 -3.13 -8.67
C THR C 330 3.06 -3.10 -7.18
N PRO C 331 2.10 -3.16 -6.24
CA PRO C 331 2.46 -2.97 -4.82
C PRO C 331 3.48 -3.97 -4.29
N LEU C 332 3.40 -5.23 -4.73
CA LEU C 332 4.40 -6.21 -4.30
C LEU C 332 5.78 -5.85 -4.81
N ILE C 333 5.87 -5.39 -6.06
CA ILE C 333 7.14 -4.95 -6.62
C ILE C 333 7.69 -3.77 -5.84
N ASP C 334 6.81 -2.83 -5.45
CA ASP C 334 7.25 -1.69 -4.67
C ASP C 334 7.78 -2.11 -3.31
N ARG C 335 7.09 -3.05 -2.65
CA ARG C 335 7.48 -3.42 -1.30
C ARG C 335 8.60 -4.46 -1.26
N TYR C 336 8.98 -5.04 -2.39
CA TYR C 336 10.04 -6.05 -2.40
C TYR C 336 11.27 -5.65 -3.18
N TRP C 337 11.31 -4.45 -3.77
CA TRP C 337 12.46 -3.98 -4.54
C TRP C 337 12.79 -2.54 -4.16
N ARG C 338 12.88 -2.27 -2.87
CA ARG C 338 13.20 -0.93 -2.41
C ARG C 338 14.68 -0.61 -2.66
N PRO C 339 15.00 0.65 -2.93
CA PRO C 339 16.40 1.01 -3.17
C PRO C 339 17.25 0.89 -1.92
N ARG C 340 18.55 0.68 -2.13
CA ARG C 340 19.47 0.54 -1.01
C ARG C 340 19.70 1.88 -0.34
N ALA C 341 19.79 1.86 0.99
CA ALA C 341 19.99 3.07 1.77
C ALA C 341 21.47 3.46 1.76
N TYR C 342 21.83 4.40 2.62
CA TYR C 342 23.22 4.86 2.74
C TYR C 342 23.85 4.19 3.95
N GLY C 343 24.99 3.53 3.73
CA GLY C 343 25.65 2.84 4.83
C GLY C 343 24.99 1.55 5.23
N ARG C 344 24.20 0.94 4.36
CA ARG C 344 23.54 -0.33 4.64
C ARG C 344 23.61 -1.22 3.41
N ASN C 345 23.56 -2.52 3.65
CA ASN C 345 23.50 -3.49 2.55
C ASN C 345 22.07 -3.60 2.03
N VAL C 346 21.89 -4.45 1.02
CA VAL C 346 20.57 -4.59 0.41
C VAL C 346 19.58 -5.20 1.39
N ARG C 347 20.07 -5.94 2.39
CA ARG C 347 19.20 -6.57 3.36
C ARG C 347 18.79 -5.62 4.48
N GLY C 348 19.38 -4.43 4.56
CA GLY C 348 19.01 -3.45 5.56
C GLY C 348 19.89 -3.41 6.79
N LYS C 349 20.84 -4.33 6.91
CA LYS C 349 21.74 -4.32 8.04
C LYS C 349 22.84 -3.28 7.83
N PRO C 350 23.35 -2.70 8.92
CA PRO C 350 24.44 -1.71 8.79
C PRO C 350 25.68 -2.33 8.16
N LEU C 351 26.39 -1.53 7.38
CA LEU C 351 27.64 -1.98 6.78
C LEU C 351 28.69 -2.23 7.84
N VAL C 352 29.63 -3.12 7.51
CA VAL C 352 30.74 -3.45 8.40
C VAL C 352 32.02 -2.90 7.79
N ALA C 353 32.76 -2.10 8.56
CA ALA C 353 33.98 -1.49 8.08
C ALA C 353 34.89 -1.12 9.24
N VAL D 16 -38.60 -11.28 24.76
CA VAL D 16 -39.58 -11.69 23.75
C VAL D 16 -38.89 -12.52 22.66
N PRO D 17 -39.45 -13.69 22.35
CA PRO D 17 -38.86 -14.53 21.29
C PRO D 17 -38.81 -13.84 19.95
N TRP D 18 -39.78 -12.98 19.63
CA TRP D 18 -39.81 -12.30 18.34
C TRP D 18 -38.69 -11.27 18.20
N GLN D 19 -37.96 -10.96 19.28
CA GLN D 19 -36.87 -10.01 19.20
C GLN D 19 -35.75 -10.49 18.29
N TYR D 20 -35.42 -11.79 18.35
CA TYR D 20 -34.36 -12.33 17.50
C TYR D 20 -34.69 -12.18 16.03
N PHE D 21 -35.94 -12.47 15.65
CA PHE D 21 -36.33 -12.39 14.25
C PHE D 21 -36.21 -10.96 13.71
N THR D 22 -36.64 -9.99 14.51
CA THR D 22 -36.54 -8.60 14.07
C THR D 22 -35.10 -8.12 14.05
N SER D 23 -34.29 -8.54 15.03
CA SER D 23 -32.93 -8.05 15.13
C SER D 23 -32.02 -8.66 14.07
N ALA D 24 -32.30 -9.88 13.64
CA ALA D 24 -31.44 -10.53 12.65
C ALA D 24 -31.63 -9.97 11.26
N LEU D 25 -32.68 -9.18 11.02
CA LEU D 25 -32.93 -8.68 9.67
C LEU D 25 -31.90 -7.64 9.24
N TRP D 26 -31.63 -6.66 10.09
CA TRP D 26 -30.72 -5.58 9.74
C TRP D 26 -29.61 -5.35 10.74
N GLN D 27 -29.86 -5.52 12.03
CA GLN D 27 -28.83 -5.28 13.02
C GLN D 27 -27.65 -6.23 12.84
N TYR D 28 -27.94 -7.51 12.57
CA TYR D 28 -26.91 -8.52 12.30
C TYR D 28 -27.30 -9.24 11.01
N ASN D 29 -26.89 -8.69 9.88
CA ASN D 29 -27.17 -9.29 8.58
C ASN D 29 -26.05 -10.25 8.21
N VAL D 30 -26.43 -11.43 7.72
CA VAL D 30 -25.46 -12.49 7.49
C VAL D 30 -24.45 -12.08 6.43
N ALA D 31 -24.92 -11.54 5.30
CA ALA D 31 -24.06 -11.18 4.19
C ALA D 31 -23.71 -9.70 4.16
N LEU D 32 -24.26 -8.90 5.08
CA LEU D 32 -24.04 -7.46 5.06
C LEU D 32 -23.37 -6.93 6.32
N VAL D 33 -23.46 -7.64 7.45
CA VAL D 33 -22.84 -7.23 8.71
C VAL D 33 -21.73 -8.19 9.12
N GLN D 34 -22.02 -9.49 9.10
CA GLN D 34 -21.06 -10.50 9.51
C GLN D 34 -20.07 -10.85 8.42
N MET D 35 -20.29 -10.38 7.19
CA MET D 35 -19.41 -10.67 6.05
C MET D 35 -19.24 -12.17 5.83
N LEU D 36 -20.39 -12.84 5.71
CA LEU D 36 -20.44 -14.28 5.49
C LEU D 36 -21.40 -14.58 4.35
N ALA D 37 -21.37 -15.83 3.89
CA ALA D 37 -22.25 -16.31 2.82
C ALA D 37 -22.10 -15.46 1.56
N LEU D 38 -20.85 -15.11 1.24
CA LEU D 38 -20.56 -14.29 0.07
C LEU D 38 -20.54 -15.07 -1.24
N CYS D 39 -20.19 -16.36 -1.18
CA CYS D 39 -20.14 -17.16 -2.40
C CYS D 39 -21.50 -17.24 -3.09
N PRO D 40 -22.58 -17.64 -2.42
CA PRO D 40 -23.88 -17.63 -3.13
C PRO D 40 -24.43 -16.23 -3.33
N THR D 41 -24.02 -15.27 -2.51
CA THR D 41 -24.44 -13.89 -2.71
C THR D 41 -23.94 -13.34 -4.04
N LEU D 42 -22.69 -13.65 -4.39
CA LEU D 42 -22.12 -13.15 -5.62
C LEU D 42 -22.33 -14.07 -6.82
N ALA D 43 -22.49 -15.38 -6.59
CA ALA D 43 -22.57 -16.30 -7.72
C ALA D 43 -23.96 -16.35 -8.32
N VAL D 44 -24.95 -16.78 -7.56
CA VAL D 44 -26.33 -16.91 -8.06
C VAL D 44 -27.04 -15.61 -7.71
N THR D 45 -26.78 -14.58 -8.53
CA THR D 45 -27.47 -13.30 -8.36
C THR D 45 -27.82 -12.62 -9.67
N THR D 46 -27.59 -13.27 -10.83
CA THR D 46 -27.84 -12.63 -12.11
C THR D 46 -29.32 -12.33 -12.33
N THR D 47 -30.21 -12.96 -11.57
CA THR D 47 -31.64 -12.73 -11.68
C THR D 47 -32.23 -12.68 -10.28
N ALA D 48 -33.32 -11.93 -10.13
CA ALA D 48 -33.99 -11.83 -8.83
C ALA D 48 -34.58 -13.18 -8.42
N THR D 49 -35.08 -13.95 -9.40
CA THR D 49 -35.66 -15.25 -9.07
C THR D 49 -34.62 -16.22 -8.54
N ASN D 50 -33.41 -16.19 -9.11
CA ASN D 50 -32.34 -17.05 -8.60
C ASN D 50 -32.02 -16.73 -7.15
N GLY D 51 -31.91 -15.42 -6.84
CA GLY D 51 -31.65 -15.03 -5.47
C GLY D 51 -32.77 -15.43 -4.53
N LEU D 52 -34.02 -15.25 -4.96
CA LEU D 52 -35.15 -15.62 -4.11
C LEU D 52 -35.18 -17.13 -3.85
N GLY D 53 -34.95 -17.93 -4.88
CA GLY D 53 -34.94 -19.37 -4.69
C GLY D 53 -33.80 -19.83 -3.79
N MET D 54 -32.60 -19.30 -4.00
CA MET D 54 -31.48 -19.66 -3.14
C MET D 54 -31.73 -19.23 -1.70
N GLY D 55 -32.30 -18.04 -1.50
CA GLY D 55 -32.61 -17.59 -0.17
C GLY D 55 -33.64 -18.45 0.52
N LEU D 56 -34.69 -18.87 -0.20
CA LEU D 56 -35.70 -19.74 0.38
C LEU D 56 -35.11 -21.09 0.77
N ALA D 57 -34.28 -21.66 -0.11
CA ALA D 57 -33.65 -22.94 0.20
C ALA D 57 -32.74 -22.82 1.42
N THR D 58 -31.93 -21.75 1.48
CA THR D 58 -31.05 -21.56 2.62
C THR D 58 -31.84 -21.35 3.89
N THR D 59 -32.96 -20.62 3.82
CA THR D 59 -33.79 -20.41 5.00
C THR D 59 -34.36 -21.72 5.52
N LEU D 60 -34.86 -22.56 4.62
CA LEU D 60 -35.41 -23.85 5.04
C LEU D 60 -34.32 -24.72 5.66
N VAL D 61 -33.14 -24.76 5.04
CA VAL D 61 -32.04 -25.55 5.58
C VAL D 61 -31.63 -25.03 6.95
N LEU D 62 -31.54 -23.71 7.10
CA LEU D 62 -31.18 -23.12 8.39
C LEU D 62 -32.19 -23.47 9.46
N VAL D 63 -33.49 -23.37 9.15
CA VAL D 63 -34.50 -23.69 10.14
C VAL D 63 -34.39 -25.14 10.58
N MET D 64 -34.30 -26.06 9.62
CA MET D 64 -34.24 -27.48 9.96
C MET D 64 -32.98 -27.81 10.75
N THR D 65 -31.83 -27.31 10.31
CA THR D 65 -30.58 -27.64 10.99
C THR D 65 -30.54 -27.03 12.39
N ASN D 66 -31.03 -25.80 12.56
CA ASN D 66 -31.07 -25.19 13.88
C ASN D 66 -31.98 -25.98 14.81
N ALA D 67 -33.15 -26.39 14.32
CA ALA D 67 -34.05 -27.18 15.15
C ALA D 67 -33.40 -28.48 15.57
N LEU D 68 -32.76 -29.18 14.62
CA LEU D 68 -32.13 -30.46 14.94
C LEU D 68 -31.00 -30.28 15.94
N ILE D 69 -30.14 -29.28 15.73
CA ILE D 69 -29.00 -29.06 16.62
C ILE D 69 -29.48 -28.70 18.02
N SER D 70 -30.48 -27.83 18.12
CA SER D 70 -30.97 -27.43 19.44
C SER D 70 -31.65 -28.60 20.15
N SER D 71 -32.42 -29.41 19.43
CA SER D 71 -33.00 -30.60 20.05
C SER D 71 -31.94 -31.63 20.41
N MET D 72 -30.78 -31.58 19.77
CA MET D 72 -29.65 -32.46 20.06
C MET D 72 -28.52 -31.72 20.78
N ARG D 73 -28.85 -30.62 21.45
CA ARG D 73 -27.81 -29.75 22.00
C ARG D 73 -27.00 -30.45 23.10
N HIS D 74 -27.67 -31.08 24.05
CA HIS D 74 -26.96 -31.72 25.16
C HIS D 74 -26.57 -33.15 24.81
N THR D 75 -25.98 -33.34 23.63
CA THR D 75 -25.46 -34.64 23.22
C THR D 75 -24.15 -34.55 22.47
N ILE D 76 -23.62 -33.35 22.24
CA ILE D 76 -22.46 -33.17 21.37
C ILE D 76 -21.21 -32.99 22.23
N SER D 77 -20.20 -33.81 21.98
CA SER D 77 -18.94 -33.70 22.71
C SER D 77 -18.17 -32.47 22.22
N PRO D 78 -17.48 -31.76 23.12
CA PRO D 78 -16.82 -30.50 22.70
C PRO D 78 -15.74 -30.67 21.65
N GLU D 79 -14.99 -31.77 21.68
CA GLU D 79 -13.81 -31.90 20.83
C GLU D 79 -14.14 -32.28 19.38
N VAL D 80 -15.21 -33.00 19.14
CA VAL D 80 -15.57 -33.42 17.79
C VAL D 80 -16.90 -32.77 17.41
N ARG D 81 -17.12 -31.55 17.91
CA ARG D 81 -18.38 -30.86 17.66
C ARG D 81 -18.61 -30.64 16.17
N ASN D 82 -17.56 -30.27 15.43
CA ASN D 82 -17.74 -29.98 14.00
C ASN D 82 -18.18 -31.20 13.22
N PRO D 83 -17.41 -32.29 13.14
CA PRO D 83 -17.79 -33.40 12.25
C PRO D 83 -19.14 -34.01 12.58
N VAL D 84 -19.61 -33.84 13.82
CA VAL D 84 -20.98 -34.23 14.14
C VAL D 84 -21.96 -33.26 13.48
N MET D 85 -21.89 -31.98 13.87
CA MET D 85 -22.90 -31.03 13.42
C MET D 85 -22.86 -30.85 11.90
N ILE D 86 -21.66 -30.84 11.32
CA ILE D 86 -21.54 -30.79 9.87
C ILE D 86 -22.31 -31.94 9.24
N GLY D 87 -22.17 -33.14 9.79
CA GLY D 87 -22.96 -34.25 9.31
C GLY D 87 -24.45 -33.97 9.44
N VAL D 88 -24.87 -33.48 10.60
CA VAL D 88 -26.27 -33.14 10.80
C VAL D 88 -26.70 -32.08 9.81
N ILE D 89 -25.78 -31.20 9.40
CA ILE D 89 -26.09 -30.29 8.31
C ILE D 89 -26.07 -31.02 6.98
N ALA D 90 -24.99 -31.76 6.71
CA ALA D 90 -24.75 -32.26 5.36
C ALA D 90 -25.91 -33.11 4.87
N GLY D 91 -26.30 -34.11 5.67
CA GLY D 91 -27.42 -34.94 5.29
C GLY D 91 -28.66 -34.13 4.94
N VAL D 92 -28.99 -33.17 5.79
CA VAL D 92 -30.15 -32.31 5.53
C VAL D 92 -30.00 -31.65 4.16
N VAL D 93 -28.83 -31.05 3.92
CA VAL D 93 -28.58 -30.41 2.64
C VAL D 93 -28.79 -31.42 1.52
N THR D 94 -28.24 -32.63 1.68
CA THR D 94 -28.41 -33.66 0.66
C THR D 94 -29.88 -33.87 0.35
N LEU D 95 -30.70 -34.03 1.39
CA LEU D 95 -32.13 -34.22 1.17
C LEU D 95 -32.70 -33.07 0.36
N THR D 96 -32.38 -31.83 0.75
CA THR D 96 -32.86 -30.67 0.01
C THR D 96 -32.46 -30.79 -1.46
N ASP D 97 -31.21 -31.12 -1.72
CA ASP D 97 -30.78 -31.38 -3.09
C ASP D 97 -31.70 -32.40 -3.75
N MET D 98 -31.78 -33.60 -3.16
CA MET D 98 -32.60 -34.65 -3.73
C MET D 98 -34.06 -34.28 -3.78
N ALA D 99 -34.48 -33.27 -3.02
CA ALA D 99 -35.83 -32.75 -3.18
C ALA D 99 -35.92 -31.90 -4.44
N MET D 100 -35.12 -30.83 -4.52
CA MET D 100 -35.32 -29.87 -5.60
C MET D 100 -34.74 -30.34 -6.92
N ASN D 101 -33.98 -31.43 -6.92
CA ASN D 101 -33.60 -32.08 -8.17
C ASN D 101 -34.75 -32.88 -8.77
N ALA D 102 -35.76 -33.22 -7.95
CA ALA D 102 -36.85 -34.07 -8.41
C ALA D 102 -38.13 -33.33 -8.71
N TRP D 103 -38.45 -32.28 -7.96
CA TRP D 103 -39.71 -31.57 -8.12
C TRP D 103 -39.54 -30.08 -8.44
N MET D 104 -38.33 -29.56 -8.44
CA MET D 104 -38.03 -28.20 -8.89
C MET D 104 -36.81 -28.22 -9.80
N HIS D 105 -36.84 -29.12 -10.79
CA HIS D 105 -35.67 -29.37 -11.63
C HIS D 105 -35.25 -28.12 -12.40
N GLU D 106 -36.21 -27.30 -12.83
CA GLU D 106 -35.87 -26.09 -13.56
C GLU D 106 -35.03 -25.15 -12.69
N LEU D 107 -35.39 -25.01 -11.41
CA LEU D 107 -34.60 -24.18 -10.51
C LEU D 107 -33.30 -24.87 -10.11
N TYR D 108 -33.31 -26.21 -10.03
CA TYR D 108 -32.09 -26.92 -9.66
C TYR D 108 -31.02 -26.79 -10.72
N LYS D 109 -31.40 -26.87 -11.99
CA LYS D 109 -30.43 -26.74 -13.08
C LYS D 109 -29.79 -25.36 -13.11
N VAL D 110 -30.47 -24.34 -12.60
CA VAL D 110 -29.94 -22.99 -12.63
C VAL D 110 -28.93 -22.78 -11.50
N LEU D 111 -29.31 -23.15 -10.28
CA LEU D 111 -28.39 -22.98 -9.15
C LEU D 111 -27.17 -23.87 -9.28
N GLY D 112 -27.39 -25.16 -9.55
CA GLY D 112 -26.29 -26.06 -9.85
C GLY D 112 -25.50 -26.53 -8.64
N LEU D 113 -24.29 -26.00 -8.48
CA LEU D 113 -23.40 -26.46 -7.42
C LEU D 113 -23.71 -25.79 -6.09
N PHE D 114 -24.28 -24.58 -6.11
CA PHE D 114 -24.42 -23.83 -4.87
C PHE D 114 -25.61 -24.26 -4.04
N ILE D 115 -26.50 -25.10 -4.58
CA ILE D 115 -27.49 -25.76 -3.73
C ILE D 115 -26.82 -26.85 -2.91
N ALA D 116 -25.81 -27.52 -3.47
CA ALA D 116 -25.03 -28.49 -2.70
C ALA D 116 -24.06 -27.80 -1.76
N LEU D 117 -23.54 -26.64 -2.13
CA LEU D 117 -22.60 -25.91 -1.28
C LEU D 117 -23.33 -25.05 -0.25
N ILE D 118 -24.25 -25.67 0.49
CA ILE D 118 -24.83 -25.06 1.67
C ILE D 118 -24.22 -25.63 2.95
N VAL D 119 -23.61 -26.81 2.87
CA VAL D 119 -22.94 -27.39 4.04
C VAL D 119 -21.81 -26.48 4.50
N THR D 120 -21.05 -25.92 3.57
CA THR D 120 -19.93 -25.04 3.88
C THR D 120 -20.33 -23.58 3.95
N ASN D 121 -21.61 -23.27 3.78
CA ASN D 121 -22.08 -21.90 3.96
C ASN D 121 -21.72 -21.41 5.35
N CYS D 122 -20.90 -20.36 5.42
CA CYS D 122 -20.39 -19.89 6.70
C CYS D 122 -21.51 -19.46 7.64
N ALA D 123 -22.58 -18.87 7.09
CA ALA D 123 -23.69 -18.43 7.93
C ALA D 123 -24.37 -19.62 8.61
N VAL D 124 -24.57 -20.71 7.88
CA VAL D 124 -25.28 -21.87 8.44
C VAL D 124 -24.52 -22.45 9.63
N LEU D 125 -23.22 -22.72 9.44
CA LEU D 125 -22.43 -23.31 10.51
C LEU D 125 -22.23 -22.31 11.65
N GLY D 126 -22.07 -21.03 11.32
CA GLY D 126 -21.92 -20.02 12.35
C GLY D 126 -23.14 -19.92 13.25
N ARG D 127 -24.33 -19.94 12.66
CA ARG D 127 -25.55 -19.91 13.47
C ARG D 127 -25.75 -21.22 14.22
N ALA D 128 -25.36 -22.35 13.62
CA ALA D 128 -25.50 -23.63 14.29
C ALA D 128 -24.59 -23.70 15.53
N GLU D 129 -23.40 -23.11 15.44
CA GLU D 129 -22.45 -23.20 16.54
C GLU D 129 -22.68 -22.13 17.60
N SER D 130 -22.82 -20.87 17.17
CA SER D 130 -22.84 -19.77 18.12
C SER D 130 -24.13 -19.74 18.93
N PHE D 131 -25.27 -19.90 18.27
CA PHE D 131 -26.56 -19.68 18.92
C PHE D 131 -27.31 -20.95 19.24
N CYS D 132 -27.18 -22.00 18.44
CA CYS D 132 -27.99 -23.20 18.61
C CYS D 132 -27.46 -24.13 19.68
N LEU D 133 -26.27 -23.89 20.21
CA LEU D 133 -25.70 -24.74 21.25
C LEU D 133 -25.96 -24.21 22.66
N ARG D 134 -26.58 -23.04 22.79
CA ARG D 134 -26.81 -22.46 24.11
C ARG D 134 -28.19 -21.79 24.21
N ASN D 135 -29.14 -22.21 23.38
CA ASN D 135 -30.48 -21.66 23.38
C ASN D 135 -31.48 -22.78 23.17
N PRO D 136 -32.72 -22.61 23.63
CA PRO D 136 -33.75 -23.64 23.40
C PRO D 136 -34.13 -23.76 21.94
N VAL D 137 -35.08 -24.67 21.64
CA VAL D 137 -35.42 -24.95 20.26
C VAL D 137 -36.14 -23.76 19.62
N ILE D 138 -37.10 -23.16 20.32
CA ILE D 138 -37.86 -22.05 19.74
C ILE D 138 -36.97 -20.85 19.43
N PRO D 139 -36.10 -20.38 20.33
CA PRO D 139 -35.20 -19.27 19.96
C PRO D 139 -34.31 -19.60 18.78
N SER D 140 -33.83 -20.85 18.68
CA SER D 140 -33.00 -21.23 17.54
C SER D 140 -33.80 -21.21 16.24
N ILE D 141 -35.04 -21.69 16.28
CA ILE D 141 -35.88 -21.66 15.08
C ILE D 141 -36.13 -20.23 14.65
N LEU D 142 -36.43 -19.34 15.59
CA LEU D 142 -36.69 -17.95 15.25
C LEU D 142 -35.44 -17.26 14.73
N ASP D 143 -34.28 -17.56 15.32
CA ASP D 143 -33.02 -16.99 14.83
C ASP D 143 -32.71 -17.47 13.43
N GLY D 144 -32.93 -18.77 13.15
CA GLY D 144 -32.73 -19.26 11.80
C GLY D 144 -33.65 -18.62 10.80
N ALA D 145 -34.93 -18.45 11.17
CA ALA D 145 -35.87 -17.79 10.28
C ALA D 145 -35.45 -16.35 10.01
N GLY D 146 -35.00 -15.63 11.04
CA GLY D 146 -34.57 -14.26 10.84
C GLY D 146 -33.34 -14.15 9.96
N MET D 147 -32.34 -15.02 10.18
CA MET D 147 -31.15 -15.00 9.35
C MET D 147 -31.48 -15.35 7.90
N GLY D 148 -32.35 -16.34 7.71
CA GLY D 148 -32.77 -16.68 6.36
C GLY D 148 -33.51 -15.56 5.67
N ALA D 149 -34.38 -14.86 6.42
CA ALA D 149 -35.11 -13.73 5.84
C ALA D 149 -34.16 -12.60 5.45
N GLY D 150 -33.18 -12.32 6.30
CA GLY D 150 -32.19 -11.29 5.96
C GLY D 150 -31.38 -11.67 4.74
N PHE D 151 -30.93 -12.93 4.66
CA PHE D 151 -30.19 -13.39 3.50
C PHE D 151 -31.03 -13.31 2.24
N THR D 152 -32.30 -13.71 2.33
CA THR D 152 -33.20 -13.63 1.18
C THR D 152 -33.40 -12.20 0.73
N ALA D 153 -33.57 -11.28 1.68
CA ALA D 153 -33.75 -9.88 1.32
C ALA D 153 -32.52 -9.32 0.61
N VAL D 154 -31.33 -9.62 1.14
CA VAL D 154 -30.10 -9.15 0.50
C VAL D 154 -29.98 -9.73 -0.90
N LEU D 155 -30.24 -11.03 -1.05
CA LEU D 155 -30.14 -11.67 -2.36
C LEU D 155 -31.12 -11.06 -3.35
N VAL D 156 -32.37 -10.82 -2.91
CA VAL D 156 -33.36 -10.25 -3.80
C VAL D 156 -32.95 -8.86 -4.24
N VAL D 157 -32.44 -8.04 -3.30
CA VAL D 157 -32.03 -6.68 -3.65
C VAL D 157 -30.90 -6.70 -4.68
N ILE D 158 -29.86 -7.49 -4.41
CA ILE D 158 -28.70 -7.51 -5.31
C ILE D 158 -29.09 -8.08 -6.67
N GLY D 159 -29.86 -9.17 -6.67
CA GLY D 159 -30.29 -9.76 -7.94
C GLY D 159 -31.16 -8.82 -8.74
N GLY D 160 -32.07 -8.10 -8.07
CA GLY D 160 -32.90 -7.15 -8.76
C GLY D 160 -32.10 -6.02 -9.39
N ILE D 161 -31.14 -5.48 -8.64
CA ILE D 161 -30.31 -4.41 -9.19
C ILE D 161 -29.53 -4.91 -10.39
N ARG D 162 -28.89 -6.07 -10.26
CA ARG D 162 -28.10 -6.61 -11.38
C ARG D 162 -28.97 -6.90 -12.59
N GLU D 163 -30.17 -7.46 -12.37
CA GLU D 163 -31.05 -7.79 -13.49
C GLU D 163 -31.59 -6.55 -14.16
N ILE D 164 -31.94 -5.51 -13.39
CA ILE D 164 -32.39 -4.26 -13.99
C ILE D 164 -31.29 -3.64 -14.83
N LEU D 165 -30.06 -3.64 -14.31
CA LEU D 165 -28.95 -3.07 -15.08
C LEU D 165 -28.65 -3.88 -16.33
N GLY D 166 -28.65 -5.21 -16.25
CA GLY D 166 -28.20 -6.03 -17.36
C GLY D 166 -29.25 -6.34 -18.41
N SER D 167 -30.53 -6.31 -18.03
CA SER D 167 -31.61 -6.63 -18.95
C SER D 167 -32.78 -5.66 -18.93
N GLY D 168 -32.95 -4.86 -17.87
CA GLY D 168 -34.11 -4.00 -17.73
C GLY D 168 -35.26 -4.66 -16.97
N THR D 169 -35.55 -5.92 -17.28
CA THR D 169 -36.64 -6.66 -16.66
C THR D 169 -36.34 -6.99 -15.20
N LEU D 170 -37.40 -7.23 -14.42
CA LEU D 170 -37.29 -7.59 -13.01
C LEU D 170 -38.02 -8.91 -12.81
N PHE D 171 -37.44 -9.82 -12.03
CA PHE D 171 -38.10 -11.09 -11.68
C PHE D 171 -38.53 -11.83 -12.93
N SER D 172 -37.60 -12.15 -13.83
CA SER D 172 -38.02 -12.70 -15.10
C SER D 172 -37.94 -14.22 -15.01
N GLN D 173 -38.77 -14.86 -15.83
CA GLN D 173 -39.02 -16.30 -15.82
C GLN D 173 -39.22 -16.77 -14.38
N ALA D 174 -40.12 -16.09 -13.69
CA ALA D 174 -40.54 -16.60 -12.39
C ALA D 174 -41.50 -17.77 -12.57
N SER D 175 -42.30 -17.74 -13.64
CA SER D 175 -43.32 -18.77 -13.85
C SER D 175 -42.70 -20.14 -14.11
N SER D 176 -41.64 -20.19 -14.92
CA SER D 176 -41.01 -21.47 -15.22
C SER D 176 -40.16 -21.99 -14.07
N LEU D 177 -39.69 -21.09 -13.21
CA LEU D 177 -38.80 -21.48 -12.11
C LEU D 177 -39.57 -21.69 -10.81
N LEU D 178 -40.32 -20.68 -10.37
CA LEU D 178 -41.01 -20.71 -9.09
C LEU D 178 -42.48 -21.06 -9.22
N GLY D 179 -42.93 -21.48 -10.39
CA GLY D 179 -44.31 -21.87 -10.57
C GLY D 179 -45.15 -20.77 -11.21
N SER D 180 -46.21 -21.18 -11.90
CA SER D 180 -47.08 -20.22 -12.58
C SER D 180 -47.78 -19.30 -11.60
N HIS D 181 -47.98 -19.74 -10.36
CA HIS D 181 -48.64 -18.92 -9.36
C HIS D 181 -47.91 -17.59 -9.12
N PHE D 182 -46.60 -17.55 -9.36
CA PHE D 182 -45.82 -16.33 -9.17
C PHE D 182 -45.73 -15.49 -10.45
N LYS D 183 -46.58 -15.79 -11.45
CA LYS D 183 -46.53 -15.05 -12.70
C LYS D 183 -46.79 -13.56 -12.49
N TRP D 184 -47.43 -13.20 -11.39
CA TRP D 184 -47.71 -11.79 -11.12
C TRP D 184 -46.45 -11.00 -10.79
N MET D 185 -45.32 -11.66 -10.52
CA MET D 185 -44.10 -10.97 -10.14
C MET D 185 -43.29 -10.47 -11.34
N GLU D 186 -43.57 -10.95 -12.54
CA GLU D 186 -42.79 -10.59 -13.73
C GLU D 186 -43.19 -9.18 -14.14
N ILE D 187 -42.36 -8.20 -13.79
CA ILE D 187 -42.54 -6.81 -14.19
C ILE D 187 -41.38 -6.43 -15.09
N THR D 188 -41.56 -5.37 -15.88
CA THR D 188 -40.55 -4.89 -16.81
C THR D 188 -40.27 -3.42 -16.55
N VAL D 189 -39.01 -3.11 -16.27
CA VAL D 189 -38.54 -1.74 -16.06
C VAL D 189 -37.67 -1.35 -17.24
N ILE D 190 -37.78 -0.09 -17.65
CA ILE D 190 -37.02 0.44 -18.80
C ILE D 190 -37.35 -0.40 -20.03
N PRO D 191 -38.55 -0.28 -20.59
CA PRO D 191 -38.89 -1.07 -21.77
C PRO D 191 -38.02 -0.69 -22.96
N ASP D 192 -37.78 -1.66 -23.84
CA ASP D 192 -36.93 -1.51 -25.02
C ASP D 192 -35.52 -1.07 -24.62
N PHE D 193 -34.88 -1.96 -23.86
CA PHE D 193 -33.55 -1.69 -23.34
C PHE D 193 -32.72 -2.97 -23.42
N GLN D 194 -31.60 -2.90 -24.15
CA GLN D 194 -30.75 -4.06 -24.34
C GLN D 194 -29.92 -4.41 -23.11
N GLY D 195 -29.56 -3.41 -22.32
CA GLY D 195 -28.89 -3.69 -21.05
C GLY D 195 -27.39 -3.60 -21.13
N ILE D 196 -26.77 -3.32 -19.99
CA ILE D 196 -25.32 -3.30 -19.85
C ILE D 196 -24.86 -4.70 -19.50
N LEU D 197 -24.01 -5.27 -20.37
CA LEU D 197 -23.62 -6.66 -20.22
C LEU D 197 -22.71 -6.89 -19.03
N LEU D 198 -22.03 -5.85 -18.53
CA LEU D 198 -21.06 -6.03 -17.47
C LEU D 198 -21.69 -6.35 -16.12
N ALA D 199 -22.94 -5.94 -15.90
CA ALA D 199 -23.59 -6.18 -14.62
C ALA D 199 -23.78 -7.68 -14.37
N ILE D 200 -24.18 -8.42 -15.40
CA ILE D 200 -24.38 -9.86 -15.24
C ILE D 200 -23.06 -10.57 -14.97
N LEU D 201 -21.97 -10.09 -15.57
CA LEU D 201 -20.69 -10.74 -15.47
C LEU D 201 -20.10 -10.61 -14.06
N PRO D 202 -19.11 -11.44 -13.72
CA PRO D 202 -18.51 -11.39 -12.38
C PRO D 202 -18.00 -10.00 -11.99
N PRO D 203 -17.44 -9.20 -12.92
CA PRO D 203 -17.06 -7.84 -12.51
C PRO D 203 -18.22 -6.99 -12.02
N GLY D 204 -19.46 -7.34 -12.38
CA GLY D 204 -20.60 -6.57 -11.94
C GLY D 204 -21.14 -6.94 -10.58
N ALA D 205 -20.71 -8.07 -10.00
CA ALA D 205 -21.25 -8.49 -8.72
C ALA D 205 -20.53 -7.83 -7.55
N PHE D 206 -19.20 -7.82 -7.58
CA PHE D 206 -18.43 -7.22 -6.50
C PHE D 206 -18.73 -5.73 -6.37
N ILE D 207 -18.84 -5.04 -7.50
CA ILE D 207 -19.10 -3.60 -7.47
C ILE D 207 -20.46 -3.31 -6.86
N VAL D 208 -21.48 -4.08 -7.25
CA VAL D 208 -22.82 -3.87 -6.70
C VAL D 208 -22.82 -4.16 -5.20
N LEU D 209 -22.13 -5.22 -4.77
CA LEU D 209 -22.08 -5.52 -3.34
C LEU D 209 -21.38 -4.40 -2.57
N GLY D 210 -20.29 -3.88 -3.11
CA GLY D 210 -19.60 -2.77 -2.44
C GLY D 210 -20.46 -1.53 -2.35
N PHE D 211 -21.19 -1.21 -3.42
CA PHE D 211 -22.07 -0.06 -3.40
C PHE D 211 -23.20 -0.25 -2.40
N LEU D 212 -23.72 -1.48 -2.28
CA LEU D 212 -24.74 -1.76 -1.28
C LEU D 212 -24.19 -1.57 0.14
N LEU D 213 -22.95 -2.01 0.37
CA LEU D 213 -22.34 -1.81 1.69
C LEU D 213 -22.17 -0.33 1.99
N ALA D 214 -21.73 0.46 1.00
CA ALA D 214 -21.57 1.89 1.20
C ALA D 214 -22.91 2.57 1.49
N ALA D 215 -23.96 2.18 0.76
CA ALA D 215 -25.28 2.74 1.00
C ALA D 215 -25.78 2.35 2.39
N LYS D 216 -25.52 1.12 2.81
CA LYS D 216 -25.91 0.70 4.16
C LYS D 216 -25.21 1.55 5.22
N ARG D 217 -23.91 1.79 5.04
CA ARG D 217 -23.18 2.64 5.99
C ARG D 217 -23.75 4.04 6.03
N VAL D 218 -24.02 4.62 4.86
CA VAL D 218 -24.56 5.98 4.81
C VAL D 218 -25.93 6.08 5.47
N ILE D 219 -26.81 5.12 5.19
CA ILE D 219 -28.15 5.19 5.78
C ILE D 219 -28.10 4.90 7.26
N ASP D 220 -27.18 4.05 7.72
CA ASP D 220 -27.03 3.85 9.16
C ASP D 220 -26.58 5.13 9.85
N ARG D 221 -25.60 5.83 9.26
CA ARG D 221 -25.17 7.10 9.85
C ARG D 221 -26.31 8.11 9.88
N LYS D 222 -27.07 8.21 8.78
CA LYS D 222 -28.15 9.19 8.72
C LYS D 222 -29.25 8.86 9.70
N ARG D 223 -29.57 7.57 9.86
CA ARG D 223 -30.57 7.16 10.83
C ARG D 223 -30.12 7.45 12.25
N ALA D 224 -28.84 7.21 12.54
CA ALA D 224 -28.32 7.54 13.87
C ALA D 224 -28.40 9.04 14.13
N GLU D 225 -28.08 9.85 13.12
CA GLU D 225 -28.16 11.29 13.27
C GLU D 225 -29.60 11.74 13.52
N ARG D 226 -30.56 11.16 12.79
CA ARG D 226 -31.96 11.51 13.00
C ARG D 226 -32.43 11.10 14.38
N ARG D 227 -31.99 9.92 14.85
CA ARG D 227 -32.35 9.48 16.19
C ARG D 227 -31.77 10.42 17.25
N GLN D 228 -30.55 10.89 17.03
CA GLN D 228 -29.93 11.88 17.91
C GLN D 228 -30.73 13.19 17.90
N PRO E 34 -17.32 -37.57 26.97
CA PRO E 34 -15.93 -37.26 27.29
C PRO E 34 -15.05 -38.51 27.42
N MET E 35 -15.50 -39.61 26.82
CA MET E 35 -14.75 -40.85 26.83
C MET E 35 -14.69 -41.38 25.41
N VAL E 36 -13.51 -41.88 25.01
CA VAL E 36 -13.20 -42.25 23.63
C VAL E 36 -14.30 -43.11 23.01
N ALA E 37 -14.96 -43.92 23.84
CA ALA E 37 -16.12 -44.68 23.36
C ALA E 37 -17.24 -43.75 22.91
N TYR E 38 -17.52 -42.70 23.70
CA TYR E 38 -18.67 -41.85 23.42
C TYR E 38 -18.53 -41.04 22.14
N GLN E 39 -17.35 -40.49 21.85
CA GLN E 39 -17.21 -39.71 20.62
C GLN E 39 -17.40 -40.58 19.39
N GLY E 40 -16.79 -41.77 19.38
CA GLY E 40 -16.99 -42.68 18.28
C GLY E 40 -18.43 -43.13 18.15
N LEU E 41 -19.09 -43.42 19.28
CA LEU E 41 -20.49 -43.83 19.22
C LEU E 41 -21.36 -42.72 18.65
N SER E 42 -21.14 -41.48 19.08
CA SER E 42 -21.94 -40.36 18.57
C SER E 42 -21.71 -40.17 17.07
N LEU E 43 -20.43 -40.14 16.65
CA LEU E 43 -20.13 -39.92 15.24
C LEU E 43 -20.49 -41.12 14.36
N GLY E 44 -20.72 -42.28 14.95
CA GLY E 44 -21.22 -43.41 14.18
C GLY E 44 -22.73 -43.41 14.08
N LEU E 45 -23.40 -43.10 15.20
CA LEU E 45 -24.85 -43.04 15.20
C LEU E 45 -25.36 -41.95 14.27
N VAL E 46 -24.71 -40.79 14.27
CA VAL E 46 -25.11 -39.70 13.38
C VAL E 46 -25.01 -40.16 11.93
N CYS E 47 -23.86 -40.75 11.56
CA CYS E 47 -23.66 -41.17 10.18
C CYS E 47 -24.55 -42.34 9.79
N ALA E 48 -25.00 -43.14 10.76
CA ALA E 48 -25.89 -44.26 10.46
C ALA E 48 -27.31 -43.75 10.21
N VAL E 49 -27.80 -42.89 11.09
CA VAL E 49 -29.14 -42.33 10.95
C VAL E 49 -29.23 -41.50 9.67
N VAL E 50 -28.21 -40.68 9.43
CA VAL E 50 -28.22 -39.84 8.24
C VAL E 50 -28.14 -40.68 6.98
N ALA E 51 -27.31 -41.73 6.97
CA ALA E 51 -27.23 -42.59 5.79
C ALA E 51 -28.56 -43.29 5.53
N LEU E 52 -29.23 -43.74 6.60
CA LEU E 52 -30.52 -44.39 6.42
C LEU E 52 -31.54 -43.42 5.82
N LEU E 53 -31.57 -42.19 6.34
CA LEU E 53 -32.50 -41.19 5.81
C LEU E 53 -32.18 -40.87 4.36
N LEU E 54 -30.89 -40.74 4.03
CA LEU E 54 -30.50 -40.44 2.65
C LEU E 54 -30.88 -41.56 1.71
N LEU E 55 -30.69 -42.82 2.11
CA LEU E 55 -31.06 -43.92 1.24
C LEU E 55 -32.58 -43.98 1.05
N THR E 56 -33.34 -43.70 2.11
CA THR E 56 -34.80 -43.64 1.94
C THR E 56 -35.20 -42.54 0.97
N GLY E 57 -34.59 -41.36 1.10
CA GLY E 57 -34.89 -40.29 0.16
C GLY E 57 -34.51 -40.64 -1.27
N ASN E 58 -33.37 -41.32 -1.44
CA ASN E 58 -32.93 -41.70 -2.77
C ASN E 58 -33.88 -42.70 -3.40
N ILE E 59 -34.28 -43.72 -2.65
CA ILE E 59 -35.23 -44.69 -3.19
C ILE E 59 -36.59 -44.03 -3.42
N MET E 60 -36.89 -42.94 -2.73
CA MET E 60 -38.13 -42.22 -2.99
C MET E 60 -38.06 -41.43 -4.29
N THR E 61 -36.94 -40.75 -4.55
CA THR E 61 -36.92 -39.70 -5.58
C THR E 61 -36.11 -40.04 -6.82
N HIS E 62 -35.42 -41.19 -6.88
CA HIS E 62 -34.58 -41.46 -8.04
C HIS E 62 -35.41 -41.66 -9.31
N GLY E 63 -36.56 -42.33 -9.19
CA GLY E 63 -37.41 -42.50 -10.36
C GLY E 63 -37.93 -41.19 -10.90
N THR E 64 -38.34 -40.28 -9.99
CA THR E 64 -38.79 -38.96 -10.41
C THR E 64 -37.67 -38.18 -11.07
N ILE E 65 -36.45 -38.29 -10.54
CA ILE E 65 -35.32 -37.60 -11.14
C ILE E 65 -35.06 -38.12 -12.56
N ALA E 66 -35.10 -39.44 -12.73
CA ALA E 66 -34.88 -40.02 -14.05
C ALA E 66 -35.98 -39.59 -15.02
N GLU E 67 -37.23 -39.57 -14.55
CA GLU E 67 -38.33 -39.12 -15.40
C GLU E 67 -38.15 -37.67 -15.81
N GLN E 68 -37.73 -36.82 -14.88
CA GLN E 68 -37.50 -35.41 -15.20
C GLN E 68 -36.39 -35.26 -16.23
N GLN E 69 -35.30 -36.02 -16.09
CA GLN E 69 -34.21 -35.94 -17.06
C GLN E 69 -34.66 -36.41 -18.45
N MET E 70 -35.43 -37.50 -18.49
CA MET E 70 -35.95 -37.99 -19.77
C MET E 70 -36.88 -36.97 -20.40
N GLN E 71 -37.72 -36.31 -19.59
CA GLN E 71 -38.63 -35.31 -20.12
C GLN E 71 -37.87 -34.09 -20.64
N ASP E 72 -36.79 -33.72 -19.97
CA ASP E 72 -35.95 -32.63 -20.47
C ASP E 72 -35.31 -33.00 -21.81
N ARG E 73 -34.84 -34.24 -21.93
CA ARG E 73 -34.29 -34.70 -23.21
C ARG E 73 -35.34 -34.66 -24.31
N LEU E 74 -36.56 -35.10 -24.00
CA LEU E 74 -37.64 -35.08 -24.98
C LEU E 74 -38.00 -33.65 -25.37
N ALA E 75 -38.02 -32.73 -24.39
CA ALA E 75 -38.31 -31.34 -24.69
C ALA E 75 -37.24 -30.73 -25.58
N THR E 76 -35.97 -31.05 -25.32
CA THR E 76 -34.90 -30.58 -26.20
C THR E 76 -35.06 -31.14 -27.61
N LEU E 77 -35.40 -32.42 -27.73
CA LEU E 77 -35.58 -33.03 -29.04
C LEU E 77 -36.76 -32.44 -29.80
N ARG E 78 -37.85 -32.13 -29.10
CA ARG E 78 -39.10 -31.71 -29.74
C ARG E 78 -38.98 -30.39 -30.47
N GLU E 79 -38.02 -29.54 -30.11
CA GLU E 79 -37.90 -28.23 -30.73
C GLU E 79 -37.49 -28.29 -32.19
N VAL E 80 -36.92 -29.41 -32.63
CA VAL E 80 -36.52 -29.59 -34.03
C VAL E 80 -37.38 -30.60 -34.77
N LEU E 81 -38.14 -31.44 -34.08
CA LEU E 81 -38.90 -32.51 -34.71
C LEU E 81 -40.38 -32.37 -34.39
N PRO E 82 -41.24 -32.09 -35.35
CA PRO E 82 -42.67 -32.02 -35.06
C PRO E 82 -43.23 -33.38 -34.68
N GLN E 83 -44.31 -33.34 -33.88
CA GLN E 83 -44.88 -34.57 -33.33
C GLN E 83 -45.44 -35.48 -34.43
N SER E 84 -46.09 -34.89 -35.44
CA SER E 84 -46.80 -35.70 -36.42
C SER E 84 -45.86 -36.56 -37.25
N LEU E 85 -44.59 -36.19 -37.36
CA LEU E 85 -43.68 -36.92 -38.23
C LEU E 85 -43.32 -38.29 -37.66
N TYR E 86 -43.21 -38.40 -36.34
CA TYR E 86 -42.78 -39.64 -35.69
C TYR E 86 -43.91 -40.24 -34.87
N ASP E 87 -43.94 -41.57 -34.80
CA ASP E 87 -44.92 -42.31 -34.04
C ASP E 87 -44.30 -43.06 -32.86
N ASN E 88 -43.19 -43.75 -33.08
CA ASN E 88 -42.51 -44.46 -32.00
C ASN E 88 -41.76 -43.46 -31.11
N ASN E 89 -41.05 -44.01 -30.13
CA ASN E 89 -40.26 -43.18 -29.23
C ASN E 89 -38.88 -42.94 -29.83
N PRO E 90 -38.53 -41.71 -30.18
CA PRO E 90 -37.21 -41.47 -30.81
C PRO E 90 -36.03 -41.85 -29.92
N LEU E 91 -36.15 -41.65 -28.61
CA LEU E 91 -35.05 -42.01 -27.70
C LEU E 91 -35.20 -43.43 -27.20
N ALA E 92 -35.48 -44.35 -28.12
CA ALA E 92 -35.50 -45.78 -27.83
C ALA E 92 -34.82 -46.62 -28.89
N ASP E 93 -34.68 -46.13 -30.12
CA ASP E 93 -34.06 -46.87 -31.21
C ASP E 93 -32.78 -46.17 -31.65
N SER E 94 -31.99 -45.71 -30.68
CA SER E 94 -30.80 -44.95 -30.99
C SER E 94 -29.80 -45.79 -31.78
N PHE E 95 -29.40 -45.27 -32.94
CA PHE E 95 -28.41 -45.91 -33.77
C PHE E 95 -27.00 -45.45 -33.35
N LYS E 96 -25.99 -46.07 -33.96
CA LYS E 96 -24.61 -45.65 -33.76
C LYS E 96 -23.87 -46.01 -35.05
N VAL E 97 -23.56 -44.99 -35.85
CA VAL E 97 -22.96 -45.17 -37.17
C VAL E 97 -21.53 -44.63 -37.13
N GLN E 98 -20.60 -45.40 -37.67
CA GLN E 98 -19.20 -45.02 -37.75
C GLN E 98 -18.89 -44.59 -39.19
N ASP E 99 -18.61 -43.30 -39.37
CA ASP E 99 -18.22 -42.76 -40.67
C ASP E 99 -16.71 -42.53 -40.67
N ALA E 100 -16.22 -41.90 -41.74
CA ALA E 100 -14.78 -41.67 -41.90
C ALA E 100 -14.32 -40.32 -41.37
N GLU E 101 -15.20 -39.33 -41.29
CA GLU E 101 -14.82 -37.99 -40.86
C GLU E 101 -15.39 -37.65 -39.48
N LEU E 102 -16.69 -37.81 -39.29
CA LEU E 102 -17.31 -37.41 -38.03
C LEU E 102 -16.96 -38.37 -36.89
N GLY E 103 -16.67 -39.63 -37.22
CA GLY E 103 -16.36 -40.62 -36.21
C GLY E 103 -17.54 -41.51 -35.90
N GLU E 104 -18.06 -41.43 -34.67
CA GLU E 104 -19.24 -42.18 -34.26
C GLU E 104 -20.37 -41.23 -33.95
N VAL E 105 -21.55 -41.49 -34.50
CA VAL E 105 -22.67 -40.59 -34.34
C VAL E 105 -23.76 -41.23 -33.47
N GLU E 106 -24.83 -40.48 -33.23
CA GLU E 106 -25.92 -40.84 -32.31
C GLU E 106 -27.26 -40.65 -33.00
N VAL E 107 -27.38 -41.16 -34.23
CA VAL E 107 -28.55 -40.89 -35.05
C VAL E 107 -29.79 -41.47 -34.39
N LEU E 108 -30.78 -40.61 -34.13
CA LEU E 108 -32.07 -41.02 -33.59
C LEU E 108 -33.10 -41.03 -34.70
N PRO E 109 -33.64 -42.18 -35.08
CA PRO E 109 -34.62 -42.23 -36.16
C PRO E 109 -36.03 -41.90 -35.67
N ALA E 110 -36.87 -41.50 -36.62
CA ALA E 110 -38.27 -41.15 -36.36
C ALA E 110 -39.12 -41.92 -37.37
N ARG E 111 -39.51 -43.14 -37.01
CA ARG E 111 -40.27 -44.02 -37.89
C ARG E 111 -41.75 -43.92 -37.57
N LEU E 112 -42.57 -43.68 -38.59
CA LEU E 112 -44.00 -43.57 -38.40
C LEU E 112 -44.66 -44.96 -38.36
N GLN E 113 -44.59 -45.69 -39.47
CA GLN E 113 -45.07 -47.07 -39.53
C GLN E 113 -43.99 -47.89 -40.23
N GLY E 114 -42.99 -48.34 -39.47
CA GLY E 114 -41.91 -49.13 -40.03
C GLY E 114 -41.15 -48.45 -41.15
N LYS E 115 -41.27 -47.14 -41.28
CA LYS E 115 -40.64 -46.41 -42.37
C LYS E 115 -39.97 -45.16 -41.82
N LEU E 116 -38.71 -44.95 -42.19
CA LEU E 116 -37.97 -43.79 -41.70
C LEU E 116 -38.50 -42.51 -42.34
N THR E 117 -38.71 -41.48 -41.50
CA THR E 117 -39.14 -40.18 -41.98
C THR E 117 -38.20 -39.05 -41.59
N ALA E 118 -37.44 -39.19 -40.51
CA ALA E 118 -36.51 -38.15 -40.09
C ALA E 118 -35.42 -38.79 -39.23
N VAL E 119 -34.26 -38.14 -39.19
CA VAL E 119 -33.14 -38.58 -38.37
C VAL E 119 -32.56 -37.35 -37.68
N VAL E 120 -32.33 -37.45 -36.37
CA VAL E 120 -31.81 -36.35 -35.57
C VAL E 120 -30.44 -36.75 -35.03
N PHE E 121 -29.43 -35.92 -35.29
CA PHE E 121 -28.10 -36.16 -34.78
C PHE E 121 -27.47 -34.83 -34.38
N GLN E 122 -26.20 -34.89 -33.97
CA GLN E 122 -25.50 -33.72 -33.44
C GLN E 122 -24.19 -33.53 -34.16
N GLY E 123 -23.82 -32.26 -34.34
CA GLY E 123 -22.58 -31.91 -34.99
C GLY E 123 -21.78 -30.92 -34.16
N ARG E 124 -20.46 -31.09 -34.20
CA ARG E 124 -19.54 -30.28 -33.42
C ARG E 124 -18.49 -29.70 -34.34
N ASN E 125 -18.17 -28.42 -34.15
CA ASN E 125 -17.12 -27.81 -34.96
C ASN E 125 -16.55 -26.60 -34.24
N ILE E 126 -15.28 -26.32 -34.50
CA ILE E 126 -14.59 -25.27 -33.76
C ILE E 126 -15.01 -23.89 -34.27
N GLY E 127 -15.46 -23.04 -33.35
CA GLY E 127 -15.86 -21.70 -33.68
C GLY E 127 -14.80 -20.68 -33.29
N TYR E 128 -15.19 -19.65 -32.55
CA TYR E 128 -14.23 -18.67 -32.07
C TYR E 128 -13.77 -18.96 -30.65
N GLY E 129 -14.71 -19.11 -29.73
CA GLY E 129 -14.40 -19.37 -28.33
C GLY E 129 -14.33 -20.84 -27.95
N GLY E 130 -14.37 -21.75 -28.92
CA GLY E 130 -14.32 -23.16 -28.64
C GLY E 130 -15.29 -23.94 -29.49
N PRO E 131 -15.38 -25.25 -29.26
CA PRO E 131 -16.31 -26.07 -30.03
C PRO E 131 -17.75 -25.64 -29.85
N ILE E 132 -18.49 -25.69 -30.95
CA ILE E 132 -19.93 -25.44 -30.99
C ILE E 132 -20.61 -26.75 -31.27
N GLU E 133 -21.58 -27.11 -30.42
CA GLU E 133 -22.33 -28.35 -30.54
C GLU E 133 -23.79 -27.99 -30.86
N GLN E 134 -24.30 -28.51 -31.97
CA GLN E 134 -25.64 -28.20 -32.44
C GLN E 134 -26.35 -29.49 -32.83
N MET E 135 -27.68 -29.40 -32.91
CA MET E 135 -28.53 -30.54 -33.24
C MET E 135 -29.24 -30.29 -34.56
N MET E 136 -29.27 -31.32 -35.41
CA MET E 136 -29.86 -31.22 -36.73
C MET E 136 -30.81 -32.38 -36.95
N SER E 137 -31.97 -32.07 -37.54
CA SER E 137 -33.01 -33.06 -37.84
C SER E 137 -33.29 -33.03 -39.34
N VAL E 138 -32.74 -34.00 -40.05
CA VAL E 138 -32.90 -34.07 -41.50
C VAL E 138 -33.96 -35.11 -41.84
N ASP E 139 -34.89 -34.76 -42.72
CA ASP E 139 -35.97 -35.67 -43.07
C ASP E 139 -35.43 -36.81 -43.94
N ALA E 140 -36.34 -37.67 -44.38
CA ALA E 140 -35.96 -38.84 -45.16
C ALA E 140 -35.57 -38.50 -46.60
N GLN E 141 -35.79 -37.27 -47.04
CA GLN E 141 -35.48 -36.88 -48.41
C GLN E 141 -34.34 -35.89 -48.51
N GLY E 142 -33.69 -35.56 -47.39
CA GLY E 142 -32.58 -34.63 -47.39
C GLY E 142 -32.92 -33.22 -46.96
N LYS E 143 -34.20 -32.87 -46.88
CA LYS E 143 -34.60 -31.54 -46.44
C LYS E 143 -34.32 -31.39 -44.95
N ILE E 144 -33.91 -30.19 -44.54
CA ILE E 144 -33.63 -29.93 -43.13
C ILE E 144 -34.90 -29.44 -42.46
N LEU E 145 -35.29 -30.10 -41.37
CA LEU E 145 -36.50 -29.76 -40.63
C LEU E 145 -36.25 -28.76 -39.51
N GLY E 146 -34.99 -28.39 -39.27
CA GLY E 146 -34.69 -27.44 -38.22
C GLY E 146 -33.33 -27.67 -37.58
N VAL E 147 -32.63 -26.58 -37.28
CA VAL E 147 -31.31 -26.64 -36.65
C VAL E 147 -31.35 -25.81 -35.38
N ARG E 148 -30.82 -26.36 -34.29
CA ARG E 148 -30.70 -25.64 -33.04
C ARG E 148 -29.30 -25.84 -32.47
N VAL E 149 -28.76 -24.79 -31.85
CA VAL E 149 -27.43 -24.83 -31.26
C VAL E 149 -27.57 -25.13 -29.77
N LEU E 150 -26.90 -26.20 -29.32
CA LEU E 150 -27.01 -26.64 -27.94
C LEU E 150 -25.97 -25.99 -27.05
N THR E 151 -24.69 -26.12 -27.42
CA THR E 151 -23.59 -25.65 -26.58
C THR E 151 -22.69 -24.72 -27.38
N HIS E 152 -22.44 -23.54 -26.84
CA HIS E 152 -21.53 -22.59 -27.46
C HIS E 152 -20.98 -21.66 -26.39
N LYS E 153 -19.85 -21.03 -26.69
CA LYS E 153 -19.23 -20.06 -25.80
C LYS E 153 -18.77 -18.84 -26.59
N GLU E 154 -19.60 -18.41 -27.54
CA GLU E 154 -19.31 -17.24 -28.34
C GLU E 154 -19.52 -15.97 -27.52
N THR E 155 -18.95 -14.87 -28.02
CA THR E 155 -18.98 -13.62 -27.28
C THR E 155 -20.41 -13.09 -27.19
N PRO E 156 -20.93 -12.84 -25.99
CA PRO E 156 -22.28 -12.28 -25.88
C PRO E 156 -22.38 -10.91 -26.51
N GLY E 157 -23.53 -10.65 -27.14
CA GLY E 157 -23.77 -9.38 -27.77
C GLY E 157 -23.11 -9.18 -29.11
N LEU E 158 -22.31 -10.12 -29.57
CA LEU E 158 -21.64 -10.02 -30.86
C LEU E 158 -21.91 -11.22 -31.76
N ALA E 159 -21.97 -12.43 -31.20
CA ALA E 159 -22.26 -13.62 -31.97
C ALA E 159 -23.23 -14.55 -31.23
N ASP E 160 -24.22 -13.98 -30.56
CA ASP E 160 -25.21 -14.76 -29.82
C ASP E 160 -26.51 -14.90 -30.58
N LYS E 161 -26.55 -14.55 -31.87
CA LYS E 161 -27.75 -14.71 -32.67
C LYS E 161 -27.95 -16.14 -33.15
N ILE E 162 -26.98 -17.04 -32.92
CA ILE E 162 -27.15 -18.43 -33.29
C ILE E 162 -28.27 -19.07 -32.48
N GLU E 163 -28.49 -18.59 -31.25
CA GLU E 163 -29.60 -19.07 -30.45
C GLU E 163 -30.92 -18.65 -31.08
N ALA E 164 -31.89 -19.56 -31.07
CA ALA E 164 -33.19 -19.29 -31.67
C ALA E 164 -34.05 -18.35 -30.83
N SER E 165 -33.66 -18.08 -29.59
CA SER E 165 -34.44 -17.24 -28.69
C SER E 165 -34.16 -15.76 -28.88
N ARG E 166 -33.25 -15.38 -29.77
CA ARG E 166 -32.90 -13.98 -29.94
C ARG E 166 -33.04 -13.54 -31.40
N SER E 167 -32.92 -14.48 -32.33
CA SER E 167 -33.02 -14.15 -33.75
C SER E 167 -33.49 -15.39 -34.51
N ASP E 168 -33.94 -15.16 -35.75
CA ASP E 168 -34.42 -16.21 -36.63
C ASP E 168 -33.37 -16.66 -37.64
N TRP E 169 -32.10 -16.24 -37.46
CA TRP E 169 -31.06 -16.63 -38.41
C TRP E 169 -30.90 -18.15 -38.45
N ILE E 170 -30.94 -18.80 -37.29
CA ILE E 170 -30.82 -20.25 -37.23
C ILE E 170 -31.97 -20.93 -37.97
N LYS E 171 -33.06 -20.20 -38.24
CA LYS E 171 -34.17 -20.75 -38.99
C LYS E 171 -34.00 -20.59 -40.50
N VAL E 172 -32.82 -20.20 -40.97
CA VAL E 172 -32.59 -20.14 -42.40
C VAL E 172 -32.61 -21.53 -43.02
N PHE E 173 -31.98 -22.50 -42.35
CA PHE E 173 -31.93 -23.87 -42.86
C PHE E 173 -33.23 -24.57 -42.49
N ASP E 174 -34.26 -24.38 -43.30
CA ASP E 174 -35.55 -25.02 -43.05
C ASP E 174 -36.18 -25.69 -44.26
N GLY E 175 -35.65 -25.49 -45.47
CA GLY E 175 -36.16 -26.18 -46.64
C GLY E 175 -35.04 -26.62 -47.57
N LEU E 176 -33.80 -26.36 -47.15
CA LEU E 176 -32.65 -26.62 -48.00
C LEU E 176 -32.27 -28.09 -47.96
N SER E 177 -31.46 -28.49 -48.94
CA SER E 177 -30.92 -29.84 -49.03
C SER E 177 -29.69 -29.78 -49.95
N LEU E 178 -29.15 -30.94 -50.28
CA LEU E 178 -28.03 -31.03 -51.21
C LEU E 178 -28.47 -31.05 -52.66
N GLU E 179 -29.77 -31.02 -52.94
CA GLU E 179 -30.29 -31.02 -54.30
C GLU E 179 -30.51 -29.60 -54.83
N ASN E 180 -31.25 -28.78 -54.10
CA ASN E 180 -31.52 -27.40 -54.52
C ASN E 180 -30.40 -26.43 -54.16
N THR E 181 -29.38 -26.90 -53.44
CA THR E 181 -28.26 -26.04 -53.03
C THR E 181 -26.97 -26.80 -53.31
N ALA E 182 -26.28 -26.42 -54.38
CA ALA E 182 -25.05 -27.10 -54.76
C ALA E 182 -23.94 -26.79 -53.76
N LEU E 183 -22.76 -27.36 -54.00
CA LEU E 183 -21.64 -27.15 -53.10
C LEU E 183 -20.94 -25.84 -53.42
N ASP E 184 -21.72 -24.77 -53.56
CA ASP E 184 -21.20 -23.41 -53.71
C ASP E 184 -21.90 -22.39 -52.84
N LYS E 185 -23.17 -22.62 -52.49
CA LYS E 185 -23.92 -21.71 -51.65
C LYS E 185 -23.86 -22.09 -50.18
N TRP E 186 -23.23 -23.20 -49.83
CA TRP E 186 -23.11 -23.60 -48.43
C TRP E 186 -21.90 -22.93 -47.77
N LYS E 187 -21.84 -21.61 -47.90
CA LYS E 187 -20.83 -20.79 -47.25
C LYS E 187 -21.45 -19.45 -46.90
N VAL E 188 -20.79 -18.71 -46.00
CA VAL E 188 -21.26 -17.38 -45.68
C VAL E 188 -20.99 -16.44 -46.86
N LYS E 189 -21.64 -15.28 -46.82
CA LYS E 189 -21.50 -14.34 -47.93
C LYS E 189 -20.08 -13.83 -48.06
N LYS E 190 -19.28 -13.90 -47.00
CA LYS E 190 -17.88 -13.53 -47.09
C LYS E 190 -17.12 -14.45 -48.03
N ASP E 191 -17.41 -15.76 -47.99
CA ASP E 191 -16.71 -16.75 -48.79
C ASP E 191 -17.40 -17.01 -50.13
N GLY E 192 -18.46 -16.26 -50.44
CA GLY E 192 -19.17 -16.45 -51.69
C GLY E 192 -20.26 -17.50 -51.62
N GLY E 193 -21.19 -17.33 -50.70
CA GLY E 193 -22.30 -18.23 -50.53
C GLY E 193 -23.63 -17.48 -50.55
N GLN E 194 -24.56 -17.96 -49.74
CA GLN E 194 -25.88 -17.35 -49.65
C GLN E 194 -26.36 -17.12 -48.23
N PHE E 195 -25.60 -17.54 -47.21
CA PHE E 195 -26.02 -17.45 -45.82
C PHE E 195 -25.47 -16.17 -45.21
N ASP E 196 -26.35 -15.44 -44.51
CA ASP E 196 -25.96 -14.17 -43.92
C ASP E 196 -24.95 -14.38 -42.79
N GLN E 197 -24.15 -13.34 -42.54
CA GLN E 197 -23.19 -13.33 -41.46
C GLN E 197 -23.53 -12.22 -40.48
N PHE E 198 -23.19 -12.44 -39.22
CA PHE E 198 -23.46 -11.43 -38.20
C PHE E 198 -22.59 -10.21 -38.43
N ALA E 199 -23.08 -9.06 -38.00
CA ALA E 199 -22.34 -7.81 -38.10
C ALA E 199 -21.19 -7.85 -37.11
N GLY E 200 -19.97 -8.01 -37.62
CA GLY E 200 -18.80 -8.11 -36.77
C GLY E 200 -18.49 -9.51 -36.26
N ALA E 201 -19.15 -10.53 -36.78
CA ALA E 201 -18.89 -11.92 -36.38
C ALA E 201 -19.18 -12.85 -37.54
N THR E 202 -18.13 -13.42 -38.11
CA THR E 202 -18.26 -14.25 -39.35
C THR E 202 -17.75 -15.67 -39.08
N ILE E 203 -16.83 -15.84 -38.13
CA ILE E 203 -16.29 -17.16 -37.81
C ILE E 203 -17.37 -18.11 -37.29
N THR E 204 -18.24 -17.61 -36.42
CA THR E 204 -19.34 -18.43 -35.92
C THR E 204 -20.32 -18.84 -37.02
N PRO E 205 -20.79 -17.94 -37.89
CA PRO E 205 -21.59 -18.42 -39.04
C PRO E 205 -20.84 -19.40 -39.92
N ARG E 206 -19.52 -19.20 -40.12
CA ARG E 206 -18.75 -20.18 -40.88
C ARG E 206 -18.83 -21.55 -40.24
N ALA E 207 -18.63 -21.61 -38.91
CA ALA E 207 -18.66 -22.89 -38.22
C ALA E 207 -20.03 -23.54 -38.30
N VAL E 208 -21.10 -22.76 -38.12
CA VAL E 208 -22.43 -23.32 -38.16
C VAL E 208 -22.76 -23.86 -39.55
N VAL E 209 -22.44 -23.09 -40.60
CA VAL E 209 -22.72 -23.53 -41.95
C VAL E 209 -21.90 -24.78 -42.29
N LYS E 210 -20.63 -24.81 -41.87
CA LYS E 210 -19.80 -25.98 -42.12
C LYS E 210 -20.37 -27.21 -41.43
N THR E 211 -20.84 -27.06 -40.19
CA THR E 211 -21.43 -28.19 -39.49
C THR E 211 -22.68 -28.69 -40.20
N VAL E 212 -23.53 -27.77 -40.66
CA VAL E 212 -24.74 -28.17 -41.37
C VAL E 212 -24.40 -28.91 -42.66
N LEU E 213 -23.44 -28.38 -43.42
CA LEU E 213 -23.04 -29.03 -44.67
C LEU E 213 -22.44 -30.41 -44.42
N GLN E 214 -21.61 -30.52 -43.38
CA GLN E 214 -21.02 -31.82 -43.06
C GLN E 214 -22.09 -32.82 -42.63
N GLY E 215 -23.09 -32.38 -41.88
CA GLY E 215 -24.18 -33.27 -41.51
C GLY E 215 -24.97 -33.74 -42.71
N LEU E 216 -25.26 -32.83 -43.64
CA LEU E 216 -25.98 -33.22 -44.85
C LEU E 216 -25.17 -34.20 -45.69
N GLN E 217 -23.86 -33.95 -45.83
CA GLN E 217 -23.01 -34.86 -46.59
C GLN E 217 -22.91 -36.22 -45.91
N PHE E 218 -22.87 -36.22 -44.57
CA PHE E 218 -22.82 -37.47 -43.83
C PHE E 218 -24.10 -38.29 -44.02
N GLN E 219 -25.26 -37.61 -44.02
CA GLN E 219 -26.50 -38.32 -44.31
C GLN E 219 -26.49 -38.84 -45.74
N ALA E 220 -25.94 -38.07 -46.68
CA ALA E 220 -25.89 -38.50 -48.07
C ALA E 220 -25.01 -39.74 -48.23
N ARG E 221 -23.87 -39.78 -47.53
CA ARG E 221 -22.96 -40.91 -47.64
C ARG E 221 -23.62 -42.19 -47.16
N HIS E 222 -24.23 -42.15 -45.98
CA HIS E 222 -24.88 -43.32 -45.41
C HIS E 222 -26.32 -43.38 -45.90
N ALA E 223 -26.58 -44.34 -46.79
CA ALA E 223 -27.86 -44.53 -47.45
C ALA E 223 -28.86 -45.22 -46.53
N GLU E 224 -29.87 -45.88 -47.13
CA GLU E 224 -30.66 -46.92 -46.48
C GLU E 224 -31.01 -46.61 -45.03
N GLN E 225 -30.13 -47.00 -44.11
CA GLN E 225 -30.36 -46.84 -42.68
C GLN E 225 -30.73 -45.39 -42.32
N LEU E 226 -29.92 -44.45 -42.79
CA LEU E 226 -30.17 -43.04 -42.54
C LEU E 226 -30.97 -42.37 -43.64
N LYS E 227 -30.87 -42.85 -44.88
CA LYS E 227 -31.51 -42.17 -46.00
C LYS E 227 -32.95 -42.63 -46.22
N ALA E 228 -33.15 -43.92 -46.47
CA ALA E 228 -34.48 -44.49 -46.74
C ALA E 228 -35.17 -43.76 -47.89
N ARG F 2 31.74 8.38 42.98
CA ARG F 2 30.52 8.57 42.21
C ARG F 2 29.34 8.83 43.14
N VAL F 3 29.06 10.10 43.39
CA VAL F 3 27.98 10.53 44.26
C VAL F 3 27.33 11.77 43.65
N SER F 4 26.32 12.29 44.33
CA SER F 4 25.58 13.46 43.88
C SER F 4 25.53 14.50 44.99
N VAL F 5 25.49 15.76 44.57
CA VAL F 5 25.36 16.90 45.47
C VAL F 5 24.11 17.67 45.07
N VAL F 6 23.27 17.97 46.06
CA VAL F 6 21.99 18.64 45.83
C VAL F 6 21.95 19.91 46.66
N TYR F 7 21.50 21.00 46.05
CA TYR F 7 21.16 22.23 46.74
C TYR F 7 19.65 22.37 46.69
N ALA F 8 19.02 22.37 47.87
CA ALA F 8 17.57 22.40 48.00
C ALA F 8 17.00 23.81 48.05
N ASP F 9 17.68 24.78 47.46
CA ASP F 9 17.18 26.14 47.41
C ASP F 9 15.84 26.16 46.68
N PRO F 10 14.76 26.61 47.32
CA PRO F 10 13.44 26.58 46.64
C PRO F 10 13.40 27.40 45.37
N ALA F 11 14.16 28.50 45.30
CA ALA F 11 14.19 29.30 44.07
C ALA F 11 14.79 28.53 42.92
N LYS F 12 15.87 27.78 43.17
CA LYS F 12 16.58 27.04 42.13
C LYS F 12 17.14 25.75 42.71
N PRO F 13 16.39 24.64 42.65
CA PRO F 13 16.91 23.37 43.15
C PRO F 13 17.94 22.76 42.20
N LEU F 14 19.18 22.64 42.67
CA LEU F 14 20.27 22.15 41.84
C LEU F 14 20.64 20.72 42.22
N GLN F 15 21.01 19.92 41.21
CA GLN F 15 21.51 18.58 41.45
C GLN F 15 22.64 18.30 40.47
N LEU F 16 23.80 17.92 41.00
CA LEU F 16 24.98 17.62 40.20
C LEU F 16 25.52 16.27 40.60
N SER F 17 26.25 15.63 39.69
CA SER F 17 26.86 14.32 39.94
C SER F 17 28.37 14.43 39.72
N CYS F 18 29.14 13.98 40.70
CA CYS F 18 30.59 14.06 40.64
C CYS F 18 31.21 12.74 41.10
N LYS F 19 32.34 12.39 40.49
CA LYS F 19 33.08 11.19 40.85
C LYS F 19 34.17 11.57 41.85
N VAL F 20 34.17 10.93 43.02
CA VAL F 20 35.13 11.21 44.07
C VAL F 20 35.88 9.94 44.41
N GLU F 21 37.08 10.10 44.96
CA GLU F 21 37.88 8.97 45.39
C GLU F 21 37.19 8.25 46.54
N ASP F 22 37.28 6.92 46.53
CA ASP F 22 36.68 6.13 47.59
C ASP F 22 37.32 6.45 48.92
N GLY F 23 36.52 6.45 49.98
CA GLY F 23 36.99 6.85 51.29
C GLY F 23 37.09 8.35 51.49
N CYS F 24 36.45 9.14 50.63
CA CYS F 24 36.53 10.59 50.72
C CYS F 24 35.66 11.10 51.87
N SER F 25 35.56 12.42 51.98
CA SER F 25 34.75 13.08 52.98
C SER F 25 33.77 14.02 52.29
N VAL F 26 32.73 14.42 53.03
CA VAL F 26 31.72 15.31 52.48
C VAL F 26 32.34 16.65 52.11
N GLU F 27 33.29 17.14 52.92
CA GLU F 27 33.94 18.42 52.63
C GLU F 27 34.67 18.37 51.29
N GLN F 28 35.54 17.38 51.12
CA GLN F 28 36.30 17.27 49.87
C GLN F 28 35.40 16.95 48.69
N ALA F 29 34.38 16.13 48.88
CA ALA F 29 33.45 15.85 47.78
C ALA F 29 32.71 17.10 47.33
N ILE F 30 32.26 17.91 48.28
CA ILE F 30 31.60 19.17 47.93
C ILE F 30 32.56 20.12 47.25
N GLN F 31 33.81 20.19 47.73
CA GLN F 31 34.80 21.06 47.10
C GLN F 31 35.07 20.62 45.67
N GLN F 32 35.16 19.31 45.43
CA GLN F 32 35.39 18.80 44.09
C GLN F 32 34.19 19.01 43.18
N SER F 33 32.97 18.91 43.72
CA SER F 33 31.77 19.03 42.91
C SER F 33 31.62 20.43 42.28
N GLY F 34 32.23 21.45 42.87
CA GLY F 34 32.14 22.78 42.34
C GLY F 34 30.84 23.50 42.60
N VAL F 35 30.05 23.05 43.57
CA VAL F 35 28.81 23.75 43.88
C VAL F 35 29.06 25.10 44.52
N LEU F 36 30.24 25.30 45.11
CA LEU F 36 30.54 26.58 45.74
C LEU F 36 30.61 27.70 44.71
N ARG F 37 31.23 27.44 43.56
CA ARG F 37 31.36 28.50 42.55
C ARG F 37 30.01 28.82 41.91
N CYS F 38 29.09 27.86 41.86
CA CYS F 38 27.76 28.14 41.34
C CYS F 38 27.00 29.09 42.26
N CYS F 39 27.05 28.86 43.56
CA CYS F 39 26.35 29.68 44.55
C CYS F 39 27.36 30.19 45.57
N PRO F 40 27.80 31.45 45.44
CA PRO F 40 28.78 31.99 46.42
C PRO F 40 28.21 32.17 47.82
N ASP F 41 26.88 32.14 47.98
CA ASP F 41 26.25 32.34 49.28
C ASP F 41 26.12 31.06 50.09
N ILE F 42 26.93 30.05 49.78
CA ILE F 42 26.90 28.78 50.52
C ILE F 42 27.91 28.86 51.65
N ASP F 43 27.44 28.69 52.88
CA ASP F 43 28.30 28.63 54.06
C ASP F 43 28.37 27.18 54.51
N LEU F 44 29.52 26.54 54.30
CA LEU F 44 29.66 25.13 54.62
C LEU F 44 29.78 24.89 56.12
N LYS F 45 30.09 25.92 56.90
CA LYS F 45 30.15 25.79 58.35
C LYS F 45 28.84 26.15 59.04
N LYS F 46 27.91 26.81 58.34
CA LYS F 46 26.66 27.26 58.93
C LYS F 46 25.46 26.43 58.50
N GLN F 47 25.25 26.28 57.18
CA GLN F 47 24.08 25.57 56.69
C GLN F 47 24.18 24.08 56.97
N LYS F 48 23.03 23.41 56.95
CA LYS F 48 22.96 21.99 57.27
C LYS F 48 23.37 21.14 56.08
N VAL F 49 24.17 20.11 56.35
CA VAL F 49 24.63 19.15 55.36
C VAL F 49 24.14 17.78 55.77
N GLY F 50 23.46 17.09 54.85
CA GLY F 50 22.87 15.81 55.17
C GLY F 50 23.13 14.78 54.09
N VAL F 51 22.88 13.52 54.45
CA VAL F 51 22.92 12.40 53.54
C VAL F 51 21.56 11.72 53.60
N PHE F 52 20.85 11.71 52.46
CA PHE F 52 19.55 11.06 52.32
C PHE F 52 18.59 11.47 53.42
N GLY F 53 18.70 12.70 53.91
CA GLY F 53 17.82 13.20 54.93
C GLY F 53 18.29 13.07 56.37
N LYS F 54 19.57 12.76 56.59
CA LYS F 54 20.12 12.68 57.94
C LYS F 54 21.28 13.65 58.05
N PHE F 55 21.23 14.53 59.05
CA PHE F 55 22.32 15.48 59.29
C PHE F 55 23.63 14.71 59.51
N VAL F 56 24.68 15.12 58.79
CA VAL F 56 25.95 14.42 58.83
C VAL F 56 27.07 15.43 59.09
N LYS F 57 28.28 14.92 59.28
CA LYS F 57 29.45 15.73 59.58
C LYS F 57 30.31 15.88 58.32
N LEU F 58 31.10 16.95 58.28
CA LEU F 58 31.86 17.28 57.08
C LEU F 58 32.85 16.18 56.72
N ASP F 59 33.57 15.66 57.70
CA ASP F 59 34.60 14.65 57.46
C ASP F 59 34.07 13.23 57.61
N SER F 60 32.76 13.05 57.64
CA SER F 60 32.20 11.70 57.69
C SER F 60 32.45 10.99 56.37
N PRO F 61 32.93 9.74 56.39
CA PRO F 61 33.14 9.02 55.13
C PRO F 61 31.82 8.74 54.42
N LEU F 62 31.90 8.71 53.10
CA LEU F 62 30.72 8.46 52.27
C LEU F 62 31.00 7.29 51.34
N LYS F 63 29.94 6.56 51.01
CA LYS F 63 30.02 5.40 50.13
C LYS F 63 29.52 5.75 48.74
N ASP F 64 29.70 4.82 47.81
CA ASP F 64 29.23 5.02 46.45
C ASP F 64 27.72 5.00 46.41
N GLY F 65 27.14 5.94 45.65
CA GLY F 65 25.70 6.07 45.59
C GLY F 65 25.08 6.97 46.64
N ASP F 66 25.90 7.70 47.40
CA ASP F 66 25.38 8.61 48.40
C ASP F 66 24.93 9.91 47.75
N ARG F 67 24.11 10.68 48.48
CA ARG F 67 23.55 11.93 47.98
C ARG F 67 23.72 13.00 49.06
N ILE F 68 24.79 13.78 48.95
CA ILE F 68 25.01 14.90 49.87
C ILE F 68 24.05 16.02 49.51
N GLU F 69 23.41 16.60 50.53
CA GLU F 69 22.44 17.67 50.33
C GLU F 69 22.78 18.83 51.25
N ILE F 70 22.80 20.03 50.70
CA ILE F 70 23.07 21.25 51.45
C ILE F 70 21.78 22.05 51.50
N TYR F 71 21.28 22.29 52.72
CA TYR F 71 20.02 23.00 52.88
C TYR F 71 20.08 23.86 54.14
N GLN F 72 19.00 24.57 54.40
CA GLN F 72 18.92 25.49 55.53
C GLN F 72 19.01 24.75 56.86
N ILE G 2 -27.18 -53.87 5.33
CA ILE G 2 -26.74 -53.21 4.11
C ILE G 2 -25.31 -52.72 4.30
N GLU G 3 -24.50 -52.88 3.25
CA GLU G 3 -23.08 -52.56 3.37
C GLU G 3 -22.83 -51.06 3.41
N ALA G 4 -23.74 -50.27 2.84
CA ALA G 4 -23.53 -48.82 2.79
C ALA G 4 -23.55 -48.21 4.19
N THR G 5 -24.58 -48.53 4.97
CA THR G 5 -24.68 -47.98 6.32
C THR G 5 -23.57 -48.45 7.24
N LEU G 6 -23.04 -49.66 7.02
CA LEU G 6 -21.92 -50.15 7.82
C LEU G 6 -20.58 -49.56 7.39
N ALA G 7 -20.38 -49.35 6.10
CA ALA G 7 -19.17 -48.70 5.61
C ALA G 7 -19.12 -47.22 5.95
N LEU G 8 -20.28 -46.59 6.13
CA LEU G 8 -20.33 -45.21 6.59
C LEU G 8 -20.43 -45.09 8.11
N THR G 9 -20.50 -46.23 8.81
CA THR G 9 -20.41 -46.25 10.27
C THR G 9 -19.01 -46.59 10.73
N VAL G 10 -18.30 -47.44 9.98
CA VAL G 10 -16.91 -47.72 10.25
C VAL G 10 -16.12 -46.41 10.14
N MET G 11 -16.42 -45.63 9.11
CA MET G 11 -15.76 -44.33 8.96
C MET G 11 -16.10 -43.42 10.14
N GLY G 12 -17.38 -43.40 10.54
CA GLY G 12 -17.81 -42.54 11.63
C GLY G 12 -17.24 -42.92 12.98
N VAL G 13 -16.90 -44.18 13.21
CA VAL G 13 -16.27 -44.59 14.45
C VAL G 13 -14.76 -44.43 14.40
N LEU G 14 -14.14 -44.71 13.25
CA LEU G 14 -12.69 -44.55 13.14
C LEU G 14 -12.30 -43.09 13.22
N LEU G 15 -12.99 -42.22 12.48
CA LEU G 15 -12.64 -40.80 12.47
C LEU G 15 -13.01 -40.11 13.78
N GLY G 16 -13.80 -40.76 14.65
CA GLY G 16 -14.07 -40.21 15.95
C GLY G 16 -13.07 -40.70 16.98
N CYS G 17 -12.74 -42.00 16.92
CA CYS G 17 -11.74 -42.54 17.83
C CYS G 17 -10.37 -41.93 17.59
N GLY G 18 -9.99 -41.72 16.33
CA GLY G 18 -8.71 -41.09 16.06
C GLY G 18 -8.63 -39.68 16.61
N LEU G 19 -9.70 -38.89 16.39
CA LEU G 19 -9.74 -37.54 16.93
C LEU G 19 -9.72 -37.53 18.46
N GLY G 20 -10.45 -38.44 19.11
CA GLY G 20 -10.42 -38.53 20.55
C GLY G 20 -9.05 -38.88 21.09
N LEU G 21 -8.39 -39.86 20.45
CA LEU G 21 -7.04 -40.23 20.86
C LEU G 21 -6.08 -39.07 20.70
N ALA G 22 -6.15 -38.36 19.57
CA ALA G 22 -5.27 -37.23 19.35
C ALA G 22 -5.53 -36.13 20.37
N ALA G 23 -6.79 -35.86 20.69
CA ALA G 23 -7.11 -34.84 21.68
C ALA G 23 -6.58 -35.23 23.05
N ARG G 24 -6.71 -36.50 23.42
CA ARG G 24 -6.23 -36.94 24.72
C ARG G 24 -4.71 -36.89 24.81
N LYS G 25 -4.01 -37.28 23.72
CA LYS G 25 -2.56 -37.35 23.78
C LYS G 25 -1.91 -35.99 23.55
N PHE G 26 -2.11 -35.41 22.37
CA PHE G 26 -1.48 -34.14 22.03
C PHE G 26 -2.18 -32.98 22.72
N GLY G 76 -16.41 -19.68 16.20
CA GLY G 76 -16.93 -18.73 15.24
C GLY G 76 -15.90 -18.25 14.25
N VAL G 77 -16.32 -18.06 13.00
CA VAL G 77 -15.40 -17.58 11.98
C VAL G 77 -14.99 -16.15 12.23
N GLY G 78 -15.92 -15.30 12.66
CA GLY G 78 -15.61 -13.90 12.92
C GLY G 78 -14.58 -13.69 14.02
N LEU G 79 -14.71 -14.43 15.12
CA LEU G 79 -13.76 -14.30 16.22
C LEU G 79 -12.42 -14.94 15.91
N ALA G 80 -12.40 -15.99 15.10
CA ALA G 80 -11.14 -16.67 14.78
C ALA G 80 -10.21 -15.76 13.99
N GLU G 81 -10.77 -14.97 13.07
CA GLU G 81 -9.94 -14.09 12.26
C GLU G 81 -9.43 -12.90 13.06
N LYS G 82 -10.15 -12.50 14.10
CA LYS G 82 -9.67 -11.43 14.97
C LYS G 82 -8.39 -11.83 15.68
N LEU G 83 -8.32 -13.08 16.14
CA LEU G 83 -7.09 -13.57 16.77
C LEU G 83 -5.93 -13.60 15.79
N ALA G 84 -6.17 -14.07 14.57
CA ALA G 84 -5.10 -14.17 13.58
C ALA G 84 -4.64 -12.78 13.13
N ALA G 85 -5.60 -11.88 12.90
CA ALA G 85 -5.26 -10.54 12.43
C ALA G 85 -4.95 -9.61 13.61
N ALA G 98 -2.87 13.87 30.63
CA ALA G 98 -2.01 15.02 30.88
C ALA G 98 -1.22 14.84 32.17
N PRO G 99 0.09 14.68 32.04
CA PRO G 99 0.94 14.51 33.23
C PRO G 99 0.98 15.77 34.07
N MET G 100 1.21 15.56 35.37
CA MET G 100 1.27 16.65 36.33
C MET G 100 2.46 16.44 37.26
N LEU G 101 2.88 17.53 37.90
CA LEU G 101 4.01 17.50 38.81
C LEU G 101 3.67 18.26 40.08
N ALA G 102 4.30 17.88 41.18
CA ALA G 102 4.03 18.48 42.47
C ALA G 102 4.56 19.91 42.53
N ARG G 103 4.25 20.59 43.64
CA ARG G 103 4.69 21.96 43.85
C ARG G 103 4.61 22.27 45.34
N VAL G 104 5.67 22.85 45.88
CA VAL G 104 5.75 23.20 47.30
C VAL G 104 6.03 24.69 47.41
N GLU G 105 5.19 25.40 48.16
CA GLU G 105 5.37 26.83 48.35
C GLU G 105 6.44 27.08 49.41
N ALA G 106 6.64 28.34 49.78
CA ALA G 106 7.65 28.71 50.76
C ALA G 106 7.08 28.90 52.15
N SER G 107 5.79 28.68 52.35
CA SER G 107 5.17 28.92 53.65
C SER G 107 4.40 27.73 54.19
N GLN G 108 3.75 26.95 53.33
CA GLN G 108 2.90 25.86 53.81
C GLN G 108 3.70 24.65 54.27
N CYS G 109 5.01 24.65 54.06
CA CYS G 109 5.87 23.55 54.51
C CYS G 109 6.60 23.99 55.79
N ILE G 110 6.45 23.20 56.85
CA ILE G 110 7.11 23.47 58.12
C ILE G 110 8.08 22.35 58.48
N GLY G 111 8.46 21.53 57.50
CA GLY G 111 9.37 20.43 57.75
C GLY G 111 8.80 19.36 58.65
N CYS G 112 7.55 18.96 58.40
CA CYS G 112 6.93 17.88 59.16
C CYS G 112 7.27 16.50 58.58
N THR G 113 8.09 16.47 57.53
CA THR G 113 8.68 15.26 56.92
C THR G 113 7.65 14.18 56.61
N ARG G 114 6.39 14.55 56.48
CA ARG G 114 5.33 13.61 56.11
C ARG G 114 5.32 13.31 54.62
N CYS G 115 5.72 14.27 53.78
CA CYS G 115 5.71 14.09 52.32
C CYS G 115 6.79 13.10 51.91
N TYR G 116 7.99 13.25 52.44
CA TYR G 116 9.06 12.28 52.19
C TYR G 116 8.64 10.93 52.76
N ARG G 117 7.93 10.95 53.88
CA ARG G 117 7.49 9.69 54.49
C ARG G 117 6.52 8.95 53.59
N ALA G 118 5.63 9.68 52.92
CA ALA G 118 4.69 9.07 51.96
C ALA G 118 5.03 9.58 50.56
N CYS G 119 6.01 8.95 49.93
CA CYS G 119 6.41 9.21 48.56
C CYS G 119 7.24 8.03 48.06
N PRO G 120 6.64 7.07 47.35
CA PRO G 120 7.43 5.92 46.88
C PRO G 120 8.59 6.31 46.00
N THR G 121 8.43 7.37 45.21
CA THR G 121 9.53 7.90 44.43
C THR G 121 10.39 8.83 45.27
N ASP G 122 11.65 8.98 44.88
CA ASP G 122 12.58 9.90 45.55
C ASP G 122 12.40 11.29 44.94
N ALA G 123 11.18 11.82 45.09
CA ALA G 123 10.85 13.13 44.53
C ALA G 123 11.13 14.25 45.54
N ILE G 124 10.53 14.18 46.72
CA ILE G 124 10.79 15.18 47.75
C ILE G 124 12.19 14.97 48.29
N VAL G 125 12.97 16.05 48.37
CA VAL G 125 14.32 16.02 48.91
C VAL G 125 14.35 16.96 50.12
N GLY G 126 14.86 16.44 51.25
CA GLY G 126 14.97 17.24 52.45
C GLY G 126 14.41 16.55 53.69
N ALA G 127 14.80 17.06 54.85
CA ALA G 127 14.35 16.52 56.14
C ALA G 127 14.34 17.67 57.13
N SER G 128 14.27 17.34 58.43
CA SER G 128 14.30 18.33 59.51
C SER G 128 13.11 19.27 59.43
N GLY G 129 13.22 20.44 60.05
CA GLY G 129 12.14 21.40 60.11
C GLY G 129 12.55 22.75 59.56
N GLN G 130 11.59 23.45 58.96
CA GLN G 130 11.82 24.76 58.34
C GLN G 130 12.92 24.68 57.29
N VAL G 131 12.91 23.60 56.51
CA VAL G 131 13.91 23.39 55.46
C VAL G 131 13.30 23.53 54.07
N HIS G 132 11.98 23.58 53.95
CA HIS G 132 11.27 23.81 52.68
C HIS G 132 11.64 22.74 51.64
N VAL G 133 11.26 21.50 51.98
CA VAL G 133 11.49 20.38 51.08
C VAL G 133 10.83 20.65 49.73
N VAL G 134 11.51 20.26 48.65
CA VAL G 134 11.05 20.52 47.30
C VAL G 134 11.11 19.22 46.51
N LEU G 135 10.33 19.15 45.44
CA LEU G 135 10.26 17.96 44.61
C LEU G 135 11.38 17.97 43.57
N GLU G 136 11.33 17.00 42.66
CA GLU G 136 12.30 16.87 41.57
C GLU G 136 11.51 16.55 40.30
N ASP G 137 12.24 16.16 39.25
CA ASP G 137 11.61 15.76 38.01
C ASP G 137 11.02 14.36 38.07
N ALA G 138 11.28 13.61 39.14
CA ALA G 138 10.83 12.23 39.25
C ALA G 138 9.35 12.10 39.63
N CYS G 139 8.67 13.21 39.91
CA CYS G 139 7.27 13.15 40.30
C CYS G 139 6.40 12.63 39.16
N THR G 140 5.27 12.01 39.53
CA THR G 140 4.32 11.49 38.56
C THR G 140 2.89 11.87 38.88
N GLY G 141 2.66 12.71 39.89
CA GLY G 141 1.31 13.14 40.20
C GLY G 141 0.43 12.09 40.83
N CYS G 142 1.02 11.06 41.45
CA CYS G 142 0.22 10.03 42.11
C CYS G 142 -0.55 10.58 43.31
N GLY G 143 -0.10 11.68 43.90
CA GLY G 143 -0.80 12.29 45.00
C GLY G 143 -0.56 11.69 46.36
N LYS G 144 0.48 10.87 46.52
CA LYS G 144 0.77 10.29 47.82
C LYS G 144 1.16 11.34 48.86
N CYS G 145 1.59 12.52 48.42
CA CYS G 145 1.98 13.59 49.32
C CYS G 145 0.88 14.62 49.55
N ARG G 146 -0.22 14.55 48.81
CA ARG G 146 -1.29 15.52 48.95
C ARG G 146 -1.90 15.46 50.34
N ASP G 147 -2.49 14.32 50.69
CA ASP G 147 -3.13 14.19 52.00
C ASP G 147 -2.11 14.03 53.12
N ALA G 148 -0.86 13.71 52.80
CA ALA G 148 0.16 13.54 53.83
C ALA G 148 0.42 14.85 54.58
N CYS G 149 0.46 15.96 53.86
CA CYS G 149 0.80 17.24 54.47
C CYS G 149 -0.36 17.77 55.29
N PRO G 150 -0.20 17.98 56.60
CA PRO G 150 -1.31 18.53 57.40
C PRO G 150 -1.72 19.93 56.98
N GLU G 151 -0.78 20.74 56.51
CA GLU G 151 -1.07 22.11 56.12
C GLU G 151 -1.40 22.26 54.65
N ASP G 152 -1.49 21.15 53.90
CA ASP G 152 -1.85 21.14 52.49
C ASP G 152 -0.89 22.00 51.67
N CYS G 153 0.38 21.57 51.66
CA CYS G 153 1.42 22.28 50.94
C CYS G 153 1.56 21.85 49.48
N VAL G 154 1.20 20.60 49.17
CA VAL G 154 1.35 20.09 47.81
C VAL G 154 0.33 20.77 46.90
N LEU G 155 0.81 21.22 45.73
CA LEU G 155 0.01 22.00 44.80
C LEU G 155 0.17 21.45 43.38
N LEU G 156 -0.08 20.14 43.22
CA LEU G 156 0.00 19.46 41.93
C LEU G 156 -0.54 20.33 40.81
N ILE G 157 0.28 20.50 39.76
CA ILE G 157 -0.06 21.38 38.64
C ILE G 157 0.37 20.70 37.35
N PRO G 158 -0.29 21.04 36.25
CA PRO G 158 0.14 20.53 34.95
C PRO G 158 1.53 21.02 34.58
N GLN G 159 2.24 20.19 33.83
CA GLN G 159 3.60 20.51 33.43
C GLN G 159 3.59 21.63 32.38
N GLU G 160 4.39 22.66 32.62
CA GLU G 160 4.43 23.82 31.73
C GLU G 160 5.28 23.52 30.51
N GLN G 161 4.98 24.20 29.41
CA GLN G 161 5.72 24.02 28.18
C GLN G 161 7.02 24.81 28.21
N THR G 162 8.12 24.14 27.87
CA THR G 162 9.45 24.76 27.83
C THR G 162 10.10 24.46 26.49
N LEU G 163 11.28 25.03 26.29
CA LEU G 163 11.98 24.87 25.01
C LEU G 163 12.38 23.41 24.78
N ASP G 164 12.85 22.74 25.83
CA ASP G 164 13.32 21.36 25.68
C ASP G 164 12.17 20.38 25.43
N THR G 165 10.92 20.79 25.71
CA THR G 165 9.75 19.94 25.47
C THR G 165 8.89 20.47 24.32
N TRP G 166 9.51 21.02 23.29
CA TRP G 166 8.80 21.58 22.15
C TRP G 166 8.91 20.65 20.96
N ARG G 167 7.77 20.30 20.37
CA ARG G 167 7.71 19.40 19.23
C ARG G 167 6.95 20.08 18.09
N TRP G 168 7.35 19.74 16.86
CA TRP G 168 6.69 20.31 15.70
C TRP G 168 5.27 19.81 15.57
N ASP G 169 4.40 20.67 15.03
CA ASP G 169 3.00 20.35 14.84
C ASP G 169 2.78 19.72 13.47
N LYS G 170 1.78 18.84 13.40
CA LYS G 170 1.48 18.14 12.17
C LYS G 170 0.97 19.11 11.12
N PRO G 171 1.32 18.91 9.84
CA PRO G 171 0.75 19.76 8.79
C PRO G 171 -0.76 19.61 8.73
N ALA G 172 -1.42 20.70 8.31
CA ALA G 172 -2.87 20.78 8.42
C ALA G 172 -3.57 19.70 7.60
N ALA G 173 -3.42 19.76 6.27
CA ALA G 173 -4.11 18.84 5.37
C ALA G 173 -3.58 19.07 3.97
N ALA G 174 -4.02 18.21 3.05
CA ALA G 174 -3.65 18.34 1.64
C ALA G 174 -4.87 18.59 0.77
FE1 FES H . -18.17 -18.35 3.37
FE2 FES H . -18.20 -19.71 1.04
S1 FES H . -16.45 -19.12 2.24
S2 FES H . -19.92 -19.09 2.26
C1B LMT I . -8.44 -22.98 -27.29
C2B LMT I . -9.48 -22.02 -27.89
C3B LMT I . -10.89 -22.51 -27.55
C4B LMT I . -11.02 -22.70 -26.04
C5B LMT I . -9.94 -23.71 -25.61
C6B LMT I . -10.61 -24.96 -25.05
O1B LMT I . -7.62 -22.27 -26.43
O2B LMT I . -9.26 -20.78 -27.34
O3B LMT I . -11.20 -23.65 -28.26
O4' LMT I . -10.81 -21.52 -25.37
O5B LMT I . -9.06 -24.06 -26.65
O6B LMT I . -11.07 -25.74 -26.09
C1' LMT I . -3.60 -23.00 -27.27
C2' LMT I . -4.50 -24.25 -27.08
C3' LMT I . -5.91 -23.95 -26.51
C4' LMT I . -6.21 -22.44 -26.49
C5' LMT I . -5.67 -21.92 -27.84
C6' LMT I . -6.18 -20.57 -28.25
O1' LMT I . -3.06 -22.61 -26.08
O2' LMT I . -4.64 -24.87 -28.31
O3' LMT I . -6.03 -24.46 -25.25
O5' LMT I . -4.26 -21.85 -27.82
O6' LMT I . -5.12 -19.95 -28.87
C1 LMT I . -1.72 -22.18 -26.17
C2 LMT I . -1.17 -22.32 -24.80
C3 LMT I . 0.22 -21.83 -24.58
C4 LMT I . 0.13 -20.34 -24.39
C5 LMT I . -0.16 -20.01 -22.96
C6 LMT I . 1.01 -20.29 -22.08
C7 LMT I . 1.81 -19.04 -21.87
C8 LMT I . 1.33 -18.36 -20.63
C9 LMT I . 2.41 -17.71 -19.82
C10 LMT I . 1.75 -17.02 -18.66
C11 LMT I . 2.71 -16.14 -17.94
C12 LMT I . 2.09 -15.52 -16.73
C1B LMT J . 2.98 -32.06 -27.29
C2B LMT J . 3.86 -32.63 -28.42
C3B LMT J . 3.47 -34.09 -28.73
C4B LMT J . 3.37 -34.94 -27.43
C5B LMT J . 2.47 -34.18 -26.45
C6B LMT J . 2.32 -34.98 -25.16
O1B LMT J . 1.69 -31.89 -27.77
O2B LMT J . 3.68 -31.84 -29.51
O3B LMT J . 4.31 -34.65 -29.66
O4' LMT J . 2.83 -36.17 -27.70
O5B LMT J . 2.96 -32.89 -26.18
O6B LMT J . 3.49 -34.96 -24.44
C1' LMT J . -0.79 -28.53 -27.92
C2' LMT J . -0.48 -29.27 -29.25
C3' LMT J . 0.77 -30.19 -29.19
C4' LMT J . 1.15 -30.59 -27.75
C5' LMT J . -0.19 -30.63 -27.00
C6' LMT J . -0.19 -31.42 -25.72
O1' LMT J . 0.02 -27.44 -27.77
O2' LMT J . -1.58 -30.00 -29.65
O3' LMT J . 1.84 -29.60 -29.79
O5' LMT J . -0.62 -29.32 -26.72
O6' LMT J . -1.47 -31.37 -25.23
C1 LMT J . 0.08 -26.91 -26.47
C2 LMT J . 1.53 -26.88 -26.13
C3 LMT J . 1.88 -26.50 -24.73
C4 LMT J . 3.24 -25.85 -24.76
C5 LMT J . 3.61 -25.37 -23.39
C6 LMT J . 4.74 -24.40 -23.43
C7 LMT J . 5.14 -24.00 -22.05
C8 LMT J . 3.97 -23.37 -21.37
C9 LMT J . 4.31 -22.16 -20.56
C10 LMT J . 5.50 -22.49 -19.71
C11 LMT J . 6.05 -21.28 -19.04
C12 LMT J . 5.11 -20.74 -18.02
C1 PTY K . -21.94 8.98 -0.91
C2 PTY K . -18.23 14.82 1.95
C3 PTY K . -17.80 13.42 1.58
O4 PTY K . -21.92 7.56 -1.16
C5 PTY K . -20.48 10.49 0.43
C6 PTY K . -20.52 9.44 -0.67
O7 PTY K . -20.05 9.97 -1.91
C8 PTY K . -19.06 9.35 -2.55
O10 PTY K . -18.41 8.45 -2.08
C11 PTY K . -18.84 9.94 -3.92
C12 PTY K . -17.44 9.71 -4.46
C13 PTY K . -17.45 9.50 -5.97
C14 PTY K . -18.29 8.29 -6.35
C15 PTY K . -18.58 8.17 -7.84
C16 PTY K . -19.68 7.14 -8.10
C17 PTY K . -19.49 6.33 -9.38
C18 PTY K . -20.10 7.00 -10.60
C19 PTY K . -20.32 6.06 -11.77
C20 PTY K . -20.67 4.65 -11.33
C21 PTY K . -21.78 3.99 -12.15
C22 PTY K . -23.09 4.76 -12.05
C23 PTY K . -24.26 4.05 -12.74
C24 PTY K . -25.60 4.72 -12.49
C25 PTY K . -26.78 3.82 -12.85
C26 PTY K . -28.09 4.58 -13.05
C27 PTY K . -29.13 3.79 -13.82
C28 PTY K . -30.53 4.37 -13.76
C29 PTY K . -31.57 3.49 -14.44
C30 PTY K . -23.09 6.92 -1.09
C31 PTY K . -23.16 5.76 -2.04
O30 PTY K . -23.97 7.26 -0.36
C32 PTY K . -24.58 5.40 -2.44
C33 PTY K . -24.65 4.21 -3.39
C34 PTY K . -26.05 4.01 -3.98
C35 PTY K . -26.36 2.57 -4.37
C36 PTY K . -25.83 2.19 -5.74
C37 PTY K . -26.12 0.73 -6.11
C38 PTY K . -25.91 0.44 -7.59
C39 PTY K . -24.46 0.26 -7.99
C40 PTY K . -24.24 0.30 -9.49
C41 PTY K . -22.85 -0.14 -9.94
C42 PTY K . -22.72 -0.26 -11.45
C43 PTY K . -21.51 -1.08 -11.90
C44 PTY K . -21.58 -1.47 -13.37
P1 PTY K . -18.45 10.90 2.00
O11 PTY K . -18.55 12.50 2.35
O12 PTY K . -19.32 10.11 2.92
O13 PTY K . -17.01 10.50 1.81
O14 PTY K . -19.19 11.05 0.54
N1 PTY K . -18.90 14.83 3.24
N1 FMN L . 28.81 21.48 7.66
C2 FMN L . 29.66 22.47 7.13
O2 FMN L . 30.70 22.78 7.65
N3 FMN L . 29.27 23.13 5.93
C4 FMN L . 28.12 22.87 5.24
O4 FMN L . 27.87 23.49 4.20
C4A FMN L . 27.23 21.85 5.78
N5 FMN L . 26.13 21.59 5.14
C5A FMN L . 25.32 20.63 5.68
C6 FMN L . 24.13 20.33 5.00
C7 FMN L . 23.28 19.39 5.48
C7M FMN L . 22.04 19.10 4.75
C8 FMN L . 23.60 18.70 6.67
C8M FMN L . 22.72 17.66 7.24
C9 FMN L . 24.74 18.96 7.34
C9A FMN L . 25.64 19.94 6.87
N10 FMN L . 26.80 20.20 7.56
C10 FMN L . 27.68 21.20 7.03
C1' FMN L . 26.99 19.34 8.85
C2' FMN L . 28.19 19.48 9.83
O2' FMN L . 28.28 20.84 10.17
C3' FMN L . 29.47 18.91 9.20
O3' FMN L . 29.05 17.83 8.43
C4' FMN L . 30.47 18.39 10.25
O4' FMN L . 29.76 17.69 11.22
C5' FMN L . 31.16 19.66 10.87
O5' FMN L . 31.57 19.32 12.08
P FMN L . 32.03 20.65 13.24
O1P FMN L . 32.94 21.41 12.31
O2P FMN L . 32.67 19.83 14.32
O3P FMN L . 30.66 21.24 13.52
FE1 SF4 M . 7.50 12.42 -3.97
FE2 SF4 M . 5.89 14.61 -4.23
FE3 SF4 M . 4.83 12.10 -4.41
FE4 SF4 M . 6.43 13.04 -6.41
S1 SF4 M . 4.41 13.87 -5.79
S2 SF4 M . 6.53 10.98 -5.44
S3 SF4 M . 7.92 14.28 -5.22
S4 SF4 M . 5.81 13.04 -2.59
FE1 SF4 N . 15.88 12.88 4.67
FE2 SF4 N . 17.20 14.53 2.93
FE3 SF4 N . 14.61 13.81 2.43
FE4 SF4 N . 16.61 11.97 2.19
S1 SF4 N . 16.33 13.85 0.94
S2 SF4 N . 14.61 11.67 3.21
S3 SF4 N . 18.01 12.63 3.88
S4 SF4 N . 15.37 15.06 4.19
C1B LMT O . -4.43 -24.96 -31.83
C2B LMT O . -5.09 -26.34 -31.62
C3B LMT O . -6.41 -26.23 -30.82
C4B LMT O . -6.88 -24.77 -30.70
C5B LMT O . -6.65 -24.09 -32.06
C6B LMT O . -7.27 -22.70 -32.06
O1B LMT O . -3.29 -25.16 -32.60
O2B LMT O . -5.31 -26.88 -32.87
O3B LMT O . -6.31 -26.85 -29.60
O4' LMT O . -8.22 -24.71 -30.38
O5B LMT O . -5.28 -24.03 -32.43
O6B LMT O . -6.58 -21.87 -32.89
C1' LMT O . 0.00 -24.66 -30.29
C2' LMT O . -1.43 -24.23 -29.87
C3' LMT O . -2.23 -23.59 -31.05
C4' LMT O . -2.14 -24.36 -32.40
C5' LMT O . -0.91 -25.29 -32.30
C6' LMT O . -0.47 -25.91 -33.58
O1' LMT O . 0.92 -23.82 -29.76
O2' LMT O . -2.11 -25.33 -29.41
O3' LMT O . -1.84 -22.30 -31.25
O5' LMT O . 0.14 -24.59 -31.70
O6' LMT O . 0.05 -24.89 -34.35
C1 LMT O . 2.22 -24.35 -29.69
C2 LMT O . 2.68 -24.09 -28.29
C3 LMT O . 2.80 -22.66 -27.89
C4 LMT O . 3.58 -22.62 -26.60
C5 LMT O . 3.90 -21.21 -26.24
C6 LMT O . 4.57 -21.10 -24.92
C7 LMT O . 4.94 -19.66 -24.66
C8 LMT O . 5.20 -19.49 -23.21
C9 LMT O . 5.44 -18.08 -22.79
C10 LMT O . 5.98 -18.08 -21.39
C11 LMT O . 6.26 -16.71 -20.90
C12 LMT O . 6.88 -16.72 -19.54
C1B LMT P . 6.21 -26.93 -33.77
C2B LMT P . 5.50 -28.30 -33.63
C3B LMT P . 6.53 -29.44 -33.69
C4B LMT P . 7.44 -29.29 -34.94
C5B LMT P . 8.01 -27.87 -34.94
C6B LMT P . 8.91 -27.67 -36.15
O1B LMT P . 6.97 -26.72 -32.63
O2B LMT P . 4.85 -28.30 -32.42
O3B LMT P . 5.92 -30.68 -33.64
O4' LMT P . 8.47 -30.21 -34.90
O5B LMT P . 7.01 -26.89 -34.91
O6B LMT P . 9.11 -26.33 -36.38
C1' LMT P . 7.19 -23.41 -30.10
C2' LMT P . 5.99 -24.39 -29.91
C3' LMT P . 5.73 -25.33 -31.14
C4' LMT P . 6.95 -25.43 -32.07
C5' LMT P . 8.16 -25.31 -31.12
C6' LMT P . 9.44 -25.87 -31.70
O1' LMT P . 6.80 -22.36 -30.88
O2' LMT P . 6.22 -25.17 -28.78
O3' LMT P . 4.65 -24.88 -31.84
O5' LMT P . 8.34 -23.98 -30.75
O6' LMT P . 9.26 -27.22 -31.80
C1 LMT P . 7.69 -21.27 -30.90
C2 LMT P . 7.54 -20.62 -29.55
C3 LMT P . 8.46 -19.47 -29.28
C4 LMT P . 7.83 -18.66 -28.18
C5 LMT P . 8.49 -17.32 -28.10
C6 LMT P . 9.90 -17.43 -27.63
C7 LMT P . 9.94 -17.54 -26.14
C8 LMT P . 11.35 -17.73 -25.70
C9 LMT P . 11.59 -17.42 -24.26
C10 LMT P . 11.31 -15.95 -24.06
C11 LMT P . 11.31 -15.59 -22.62
C12 LMT P . 10.19 -16.25 -21.88
N1 RBF Q . -4.13 8.82 -16.73
C2 RBF Q . -4.95 7.76 -17.21
O2 RBF Q . -6.12 7.70 -16.91
N3 RBF Q . -4.38 6.78 -18.05
C4 RBF Q . -3.04 6.74 -18.46
O4 RBF Q . -2.63 5.87 -19.18
C4A RBF Q . -2.19 7.85 -17.96
N5 RBF Q . -0.94 7.89 -18.31
C5A RBF Q . -0.18 8.95 -17.81
C6 RBF Q . 1.18 9.02 -18.17
C7 RBF Q . 1.96 10.05 -17.69
C7M RBF Q . 3.40 10.14 -18.06
C8 RBF Q . 1.41 11.04 -16.86
C8M RBF Q . 2.28 12.14 -16.36
C9 RBF Q . 0.09 10.99 -16.50
C9A RBF Q . -0.72 9.95 -16.97
N10 RBF Q . -2.07 9.85 -16.63
C10 RBF Q . -2.86 8.82 -17.11
C1' RBF Q . -2.71 10.84 -15.77
C2' RBF Q . -2.44 10.50 -14.30
O2' RBF Q . -1.39 9.58 -14.23
C3' RBF Q . -3.72 9.85 -13.77
O3' RBF Q . -4.58 10.94 -13.55
C4' RBF Q . -3.56 9.02 -12.47
O4' RBF Q . -4.02 7.72 -12.62
C5' RBF Q . -4.47 9.78 -11.48
O5' RBF Q . -5.13 8.73 -10.82
C1B LMT R . 10.66 -8.84 -41.83
C2B LMT R . 9.20 -8.88 -41.33
C3B LMT R . 8.57 -10.26 -41.58
C4B LMT R . 8.75 -10.68 -43.05
C5B LMT R . 10.25 -10.58 -43.37
C6B LMT R . 10.51 -11.01 -44.81
O1B LMT R . 11.47 -9.64 -41.02
O2B LMT R . 9.19 -8.57 -40.01
O3B LMT R . 7.25 -10.29 -41.17
O4' LMT R . 8.34 -11.98 -43.23
O5B LMT R . 10.75 -9.28 -43.15
O6B LMT R . 11.65 -10.45 -45.28
C1' LMT R . 14.63 -9.85 -38.41
C2' LMT R . 13.26 -10.53 -38.17
C3' LMT R . 12.05 -9.69 -38.69
C4' LMT R . 12.26 -8.99 -40.05
C5' LMT R . 13.75 -9.14 -40.40
C6' LMT R . 14.19 -8.38 -41.63
O1' LMT R . 15.11 -9.32 -37.24
O2' LMT R . 13.27 -11.75 -38.79
O3' LMT R . 11.67 -8.77 -37.75
O5' LMT R . 14.51 -8.75 -39.31
O6' LMT R . 15.55 -8.56 -41.70
C1 LMT R . 16.30 -9.90 -36.77
C2 LMT R . 16.56 -9.22 -35.46
C3 LMT R . 17.81 -9.61 -34.74
C4 LMT R . 18.11 -8.54 -33.72
C5 LMT R . 17.32 -8.77 -32.47
C6 LMT R . 17.67 -7.79 -31.39
C7 LMT R . 17.25 -6.41 -31.79
C8 LMT R . 16.67 -5.71 -30.61
C9 LMT R . 16.09 -4.37 -30.89
C10 LMT R . 15.39 -3.91 -29.65
C11 LMT R . 14.75 -2.57 -29.83
C12 LMT R . 13.50 -2.66 -30.65
C1B LMT S . -4.55 5.07 -48.51
C2B LMT S . -4.52 3.60 -48.00
C3B LMT S . -3.45 2.75 -48.72
C4B LMT S . -2.41 3.64 -49.46
C5B LMT S . -2.16 4.87 -48.57
C6B LMT S . -0.96 5.64 -49.10
O1B LMT S . -5.61 5.75 -47.87
O2B LMT S . -4.29 3.63 -46.64
O3B LMT S . -4.01 1.82 -49.55
O4' LMT S . -1.24 2.96 -49.65
O5B LMT S . -3.30 5.71 -48.47
O6B LMT S . 0.19 5.11 -48.58
C1' LMT S . -3.85 9.20 -46.29
C2' LMT S . -4.10 8.10 -45.24
C3' LMT S . -4.39 6.75 -45.97
C4' LMT S . -5.46 6.92 -47.06
C5' LMT S . -5.05 8.14 -47.93
C6' LMT S . -5.94 8.39 -49.11
O1' LMT S . -3.66 10.42 -45.70
O2' LMT S . -2.97 7.95 -44.49
O3' LMT S . -4.77 5.80 -45.08
O5' LMT S . -4.98 9.30 -47.14
O6' LMT S . -5.79 9.72 -49.43
C1 LMT S . -4.57 10.77 -44.68
C2 LMT S . -3.70 11.20 -43.53
C3 LMT S . -2.47 11.98 -43.87
C4 LMT S . -2.81 13.44 -43.76
C5 LMT S . -2.38 13.98 -42.44
C6 LMT S . -2.30 15.48 -42.45
C7 LMT S . -2.22 15.99 -41.04
C8 LMT S . -0.85 15.80 -40.52
C9 LMT S . -0.60 16.49 -39.21
C10 LMT S . 0.82 16.21 -38.80
C11 LMT S . 1.02 16.42 -37.33
C12 LMT S . 0.80 17.85 -36.95
C1B LMT T . -34.24 14.82 -33.79
C2B LMT T . -33.28 15.66 -34.67
C3B LMT T . -32.17 16.32 -33.82
C4B LMT T . -32.76 17.02 -32.58
C5B LMT T . -33.64 16.01 -31.85
C6B LMT T . -34.20 16.62 -30.57
O1B LMT T . -33.60 13.65 -33.41
O2B LMT T . -32.75 14.81 -35.60
O3B LMT T . -31.39 17.15 -34.58
O4' LMT T . -31.75 17.44 -31.74
O5B LMT T . -34.68 15.54 -32.67
O6B LMT T . -35.33 15.95 -30.17
C1' LMT T . -32.46 11.65 -31.46
C2' LMT T . -32.86 10.59 -32.48
C3' LMT T . -33.77 11.22 -33.57
C4' LMT T . -34.43 12.54 -33.11
C5' LMT T . -34.71 12.47 -31.57
C6' LMT T . -35.94 11.70 -31.19
O1' LMT T . -31.61 11.13 -30.53
O2' LMT T . -31.72 10.12 -33.09
O3' LMT T . -34.72 10.33 -33.97
O5' LMT T . -33.62 12.07 -30.74
O6' LMT T . -36.40 12.26 -30.02
C1 LMT T . -30.29 11.61 -30.61
C2 LMT T . -30.36 13.00 -30.07
C3 LMT T . -29.07 13.73 -29.92
C4 LMT T . -28.44 13.27 -28.64
C5 LMT T . -27.54 14.34 -28.11
C6 LMT T . -26.63 13.85 -27.04
C7 LMT T . -25.44 14.74 -26.95
C8 LMT T . -24.71 14.48 -25.68
C9 LMT T . -23.36 15.12 -25.63
C10 LMT T . -22.88 15.06 -24.21
C11 LMT T . -21.79 16.04 -23.97
C12 LMT T . -21.13 15.84 -22.64
C1B LMT U . -30.05 13.91 -41.06
C2B LMT U . -29.53 13.79 -42.52
C3B LMT U . -29.97 14.98 -43.38
C4B LMT U . -31.49 15.22 -43.24
C5B LMT U . -31.74 15.45 -41.75
C6B LMT U . -33.20 15.82 -41.52
O1B LMT U . -29.19 14.72 -40.32
O2B LMT U . -28.17 13.72 -42.45
O3B LMT U . -29.59 14.83 -44.69
O4' LMT U . -31.89 16.32 -43.95
O5B LMT U . -31.38 14.34 -40.96
O6B LMT U . -33.35 17.18 -41.47
C1' LMT U . -28.37 15.61 -36.38
C2' LMT U . -29.37 14.44 -36.54
C3' LMT U . -29.42 13.95 -38.02
C4' LMT U . -29.55 15.13 -39.01
C5' LMT U . -28.49 16.17 -38.57
C6' LMT U . -28.36 17.34 -39.51
O1' LMT U . -28.43 16.13 -35.13
O2' LMT U . -28.96 13.41 -35.75
O3' LMT U . -30.46 13.08 -38.16
O5' LMT U . -28.75 16.62 -37.28
O6' LMT U . -29.55 18.02 -39.45
C1 LMT U . -27.33 15.80 -34.31
C2 LMT U . -27.80 16.06 -32.91
C3 LMT U . -27.69 17.47 -32.43
C4 LMT U . -26.22 17.74 -32.19
C5 LMT U . -25.86 17.40 -30.78
C6 LMT U . -24.64 18.12 -30.33
C7 LMT U . -24.46 17.94 -28.85
C8 LMT U . -23.12 18.44 -28.45
C9 LMT U . -22.85 19.86 -28.84
C10 LMT U . -23.54 20.74 -27.82
C11 LMT U . -23.93 22.06 -28.40
C12 LMT U . -22.74 22.81 -28.93
C1B LMT V . -29.97 5.10 -29.18
C2B LMT V . -29.58 5.04 -30.66
C3B LMT V . -28.41 6.00 -30.92
C4B LMT V . -28.78 7.43 -30.44
C5B LMT V . -29.23 7.33 -28.98
C6B LMT V . -29.62 8.71 -28.46
O1B LMT V . -28.88 4.67 -28.45
O2B LMT V . -29.20 3.75 -30.92
O3B LMT V . -28.03 5.98 -32.22
O4' LMT V . -27.69 8.26 -30.51
O5B LMT V . -30.29 6.42 -28.81
O6B LMT V . -29.98 8.62 -27.14
C1' LMT V . -27.69 2.03 -25.54
C2' LMT V . -28.16 1.36 -26.84
C3' LMT V . -28.29 2.41 -27.97
C4' LMT V . -29.09 3.64 -27.52
C5' LMT V . -28.43 4.09 -26.20
C6' LMT V . -28.94 5.39 -25.66
O1' LMT V . -27.74 1.16 -24.50
O2' LMT V . -27.22 0.43 -27.21
O3' LMT V . -28.89 1.86 -29.07
O5' LMT V . -28.58 3.09 -25.22
O6' LMT V . -27.92 5.93 -24.93
C1 LMT V . -26.54 1.02 -23.78
C2 LMT V . -26.40 2.28 -22.99
C3 LMT V . -25.28 2.33 -22.01
C4 LMT V . -24.86 3.76 -21.87
C5 LMT V . -23.66 3.87 -20.98
C6 LMT V . -23.89 3.24 -19.65
C7 LMT V . -22.64 3.29 -18.84
C8 LMT V . -21.60 2.48 -19.52
C9 LMT V . -20.50 2.01 -18.61
C10 LMT V . -19.47 1.35 -19.48
C11 LMT V . -18.86 0.18 -18.77
C12 LMT V . -19.87 -0.88 -18.48
C1B LMT W . 19.93 -7.06 -8.23
C2B LMT W . 19.85 -7.38 -6.72
C3B LMT W . 20.98 -6.66 -5.97
C4B LMT W . 21.80 -5.75 -6.91
C5B LMT W . 20.80 -4.90 -7.74
C6B LMT W . 21.56 -3.99 -8.70
O1B LMT W . 18.94 -7.75 -8.92
O2B LMT W . 18.61 -6.95 -6.29
O3B LMT W . 21.77 -7.54 -5.28
O4' LMT W . 22.64 -4.92 -6.21
O5B LMT W . 19.85 -5.68 -8.44
O6B LMT W . 22.54 -3.32 -8.02
C1' LMT W . 17.63 -8.03 -12.82
C2' LMT W . 18.88 -7.14 -12.67
C3' LMT W . 19.50 -7.25 -11.25
C4' LMT W . 18.43 -7.22 -10.12
C5' LMT W . 17.31 -8.19 -10.58
C6' LMT W . 16.26 -8.45 -9.55
O1' LMT W . 16.99 -7.76 -14.00
O2' LMT W . 19.81 -7.55 -13.58
O3' LMT W . 20.39 -6.22 -11.08
O5' LMT W . 16.74 -7.74 -11.77
O6' LMT W . 16.90 -8.97 -8.46
C1 LMT W . 15.79 -7.03 -13.91
C2 LMT W . 15.16 -7.13 -15.25
C3 LMT W . 14.53 -8.44 -15.60
C4 LMT W . 13.46 -8.71 -14.57
C5 LMT W . 12.95 -10.10 -14.68
C6 LMT W . 12.01 -10.26 -15.84
C7 LMT W . 10.65 -9.76 -15.44
C8 LMT W . 10.00 -10.76 -14.55
C9 LMT W . 9.61 -12.03 -15.23
C10 LMT W . 8.44 -11.73 -16.12
C11 LMT W . 7.81 -12.98 -16.62
C12 LMT W . 6.49 -12.71 -17.28
C1B LMT X . 19.31 9.37 -17.30
C2B LMT X . 18.97 10.22 -16.06
C3B LMT X . 19.90 9.90 -14.86
C4B LMT X . 20.05 8.37 -14.66
C5B LMT X . 20.47 7.80 -16.02
C6B LMT X . 20.78 6.31 -15.89
O1B LMT X . 20.45 9.88 -17.94
O2B LMT X . 19.11 11.53 -16.43
O3B LMT X . 19.46 10.53 -13.71
O4' LMT X . 21.01 8.10 -13.72
O5B LMT X . 19.48 8.02 -16.98
O6B LMT X . 21.09 5.79 -17.12
C1' LMT X . 18.80 9.20 -21.60
C2' LMT X . 20.01 8.29 -21.34
C3' LMT X . 20.44 8.42 -19.85
C4' LMT X . 20.52 9.88 -19.36
C5' LMT X . 19.29 10.65 -19.92
C6' LMT X . 19.27 12.13 -19.58
O1' LMT X . 18.46 9.16 -22.93
O2' LMT X . 19.64 6.99 -21.57
O3' LMT X . 21.65 7.81 -19.65
O5' LMT X . 19.18 10.52 -21.30
O6' LMT X . 20.11 12.29 -18.51
C1 LMT X . 17.25 8.50 -23.20
C2 LMT X . 17.17 8.44 -24.69
C3 LMT X . 15.86 7.98 -25.26
C4 LMT X . 15.54 6.66 -24.64
C5 LMT X . 14.19 6.19 -25.07
C6 LMT X . 14.20 5.64 -26.46
C7 LMT X . 13.01 4.76 -26.65
C8 LMT X . 12.82 4.51 -28.11
C9 LMT X . 13.99 3.87 -28.79
C10 LMT X . 13.77 4.00 -30.27
C11 LMT X . 14.56 2.99 -31.04
C12 LMT X . 14.43 3.19 -32.51
C1B LMT Y . 8.21 -5.16 -48.40
C2B LMT Y . 6.95 -6.05 -48.49
C3B LMT Y . 7.29 -7.54 -48.68
C4B LMT Y . 8.37 -7.73 -49.78
C5B LMT Y . 9.55 -6.84 -49.37
C6B LMT Y . 10.73 -7.06 -50.33
O1B LMT Y . 8.72 -5.20 -47.10
O2B LMT Y . 6.24 -5.86 -47.34
O3B LMT Y . 6.17 -8.29 -48.93
O4' LMT Y . 8.78 -9.03 -49.84
O5B LMT Y . 9.19 -5.48 -49.35
O6B LMT Y . 11.78 -6.26 -49.98
C1' LMT Y . 10.57 -2.41 -44.78
C2' LMT Y . 10.41 -1.92 -46.23
C3' LMT Y . 9.59 -2.92 -47.10
C4' LMT Y . 9.86 -4.41 -46.79
C5' LMT Y . 10.05 -4.54 -45.26
C6' LMT Y . 10.30 -5.95 -44.77
O1' LMT Y . 11.47 -1.64 -44.12
O2' LMT Y . 9.74 -0.73 -46.20
O3' LMT Y . 9.88 -2.66 -48.42
O5' LMT Y . 11.09 -3.72 -44.82
O6' LMT Y . 11.48 -5.91 -44.08
C1 LMT Y . 11.21 -1.49 -42.74
C2 LMT Y . 10.64 -0.11 -42.62
C3 LMT Y . 10.44 0.40 -41.23
C4 LMT Y . 11.78 0.37 -40.55
C5 LMT Y . 11.65 0.83 -39.14
C6 LMT Y . 10.77 -0.07 -38.33
C7 LMT Y . 10.79 0.35 -36.90
C8 LMT Y . 9.56 -0.18 -36.23
C9 LMT Y . 9.48 0.12 -34.77
C10 LMT Y . 9.36 1.62 -34.62
C11 LMT Y . 9.56 2.04 -33.19
C12 LMT Y . 10.89 1.59 -32.68
C1B LMT Z . 12.04 -9.68 0.59
C2B LMT Z . 12.70 -8.30 0.80
C3B LMT Z . 12.32 -7.70 2.18
C4B LMT Z . 12.65 -8.68 3.34
C5B LMT Z . 12.44 -10.12 2.86
C6B LMT Z . 11.96 -11.00 4.01
O1B LMT Z . 12.96 -10.56 0.02
O2B LMT Z . 14.06 -8.47 0.69
O3B LMT Z . 11.02 -7.29 2.20
O4' LMT Z . 13.95 -8.53 3.76
O5B LMT Z . 11.53 -10.19 1.79
O6B LMT Z . 10.77 -10.52 4.51
C1' LMT Z . 10.47 -11.61 -3.10
C2' LMT Z . 10.49 -12.63 -1.95
C3' LMT Z . 11.20 -12.03 -0.71
C4' LMT Z . 12.54 -11.37 -1.08
C5' LMT Z . 12.28 -10.46 -2.30
C6' LMT Z . 13.47 -9.66 -2.75
O1' LMT Z . 9.97 -12.18 -4.23
O2' LMT Z . 9.20 -12.94 -1.63
O3' LMT Z . 11.40 -13.00 0.23
O5' LMT Z . 11.79 -11.21 -3.38
O6' LMT Z . 13.84 -10.18 -3.96
C1 LMT Z . 9.67 -11.25 -5.26
C2 LMT Z . 8.26 -11.53 -5.65
C3 LMT Z . 7.52 -10.40 -6.29
C4 LMT Z . 6.34 -10.96 -7.03
C5 LMT Z . 5.76 -9.93 -7.93
C6 LMT Z . 6.70 -9.56 -9.03
C7 LMT Z . 6.50 -10.46 -10.21
C8 LMT Z . 7.75 -10.48 -11.02
C9 LMT Z . 8.81 -11.37 -10.46
C10 LMT Z . 10.13 -10.86 -10.95
C11 LMT Z . 11.23 -11.82 -10.64
C12 LMT Z . 12.57 -11.28 -11.03
N1 FMN AA . -7.91 -3.91 -28.60
C2 FMN AA . -8.37 -5.05 -28.03
O2 FMN AA . -9.06 -5.86 -28.67
N3 FMN AA . -8.10 -5.31 -26.70
C4 FMN AA . -7.37 -4.50 -25.86
O4 FMN AA . -7.19 -4.85 -24.69
C4A FMN AA . -6.87 -3.31 -26.47
N5 FMN AA . -6.17 -2.48 -25.74
C5A FMN AA . -5.70 -1.32 -26.34
C6 FMN AA . -4.95 -0.44 -25.56
C7 FMN AA . -4.45 0.74 -26.12
C7M FMN AA . -3.62 1.66 -25.27
C8 FMN AA . -4.71 1.04 -27.47
C8M FMN AA . -4.20 2.31 -28.10
C9 FMN AA . -5.47 0.16 -28.23
C9A FMN AA . -5.96 -1.02 -27.67
N10 FMN AA . -6.72 -1.93 -28.42
C10 FMN AA . -7.19 -3.09 -27.85
C1' FMN AA . -7.00 -1.69 -29.84
C2' FMN AA . -5.93 -2.34 -30.71
O2' FMN AA . -4.63 -1.88 -30.35
C3' FMN AA . -6.19 -2.02 -32.18
O3' FMN AA . -7.00 -0.85 -32.26
C4' FMN AA . -6.87 -3.16 -32.94
O4' FMN AA . -7.99 -3.63 -32.18
C5' FMN AA . -7.32 -2.73 -34.32
O5' FMN AA . -7.74 -3.90 -35.04
P FMN AA . -6.66 -4.74 -35.84
O1P FMN AA . -6.64 -6.14 -35.35
O2P FMN AA . -5.41 -3.94 -35.85
C1B LMT BA . -35.36 4.77 -25.77
C2B LMT BA . -36.35 4.51 -24.62
C3B LMT BA . -35.98 3.21 -23.89
C4B LMT BA . -34.49 3.22 -23.46
C5B LMT BA . -33.64 3.59 -24.68
C6B LMT BA . -32.55 2.56 -24.89
O1B LMT BA . -34.72 5.99 -25.57
O2B LMT BA . -36.27 5.58 -23.76
O3B LMT BA . -36.30 2.11 -24.64
O4' LMT BA . -34.28 4.14 -22.45
O5B LMT BA . -34.42 3.74 -25.86
O6B LMT BA . -31.57 2.69 -23.95
C1' LMT BA . -32.90 8.63 -25.58
C2' LMT BA . -34.10 8.59 -24.60
C3' LMT BA . -35.39 8.26 -25.39
C4' LMT BA . -35.14 7.09 -26.34
C5' LMT BA . -33.98 7.51 -27.27
C6' LMT BA . -34.33 7.55 -28.74
O1' LMT BA . -32.10 9.71 -25.35
O2' LMT BA . -33.87 7.59 -23.69
O3' LMT BA . -35.81 9.35 -26.09
O5' LMT BA . -33.42 8.74 -26.89
O6' LMT BA . -33.21 7.95 -29.39
C1 LMT BA . -32.76 10.93 -25.16
C2 LMT BA . -31.82 11.98 -25.70
C3 LMT BA . -30.41 11.90 -25.23
C4 LMT BA . -30.33 12.60 -23.89
C5 LMT BA . -28.91 12.68 -23.44
C6 LMT BA . -28.80 13.00 -21.99
C7 LMT BA . -27.53 12.45 -21.43
C8 LMT BA . -26.48 13.49 -21.48
C9 LMT BA . -25.17 13.06 -20.90
C10 LMT BA . -24.44 14.28 -20.43
C11 LMT BA . -23.04 13.95 -20.00
C12 LMT BA . -22.40 15.08 -19.26
C1B LMT CA . -44.37 -26.75 -11.16
C2B LMT CA . -44.68 -27.57 -12.44
C3B LMT CA . -44.11 -26.90 -13.71
C4B LMT CA . -43.06 -25.82 -13.36
C5B LMT CA . -42.24 -26.34 -12.17
C6B LMT CA . -41.02 -25.46 -11.94
O1B LMT CA . -44.82 -27.47 -10.06
O2B LMT CA . -44.15 -28.83 -12.27
O3B LMT CA . -45.12 -26.41 -14.51
O4' LMT CA . -42.22 -25.59 -14.42
O5B LMT CA . -43.00 -26.45 -10.99
O6B LMT CA . -39.89 -26.13 -12.30
C1' LMT CA . -43.90 -28.42 -6.10
C2' LMT CA . -44.78 -27.19 -6.50
C3' LMT CA . -44.40 -26.55 -7.87
C4' LMT CA . -43.95 -27.55 -8.96
C5' LMT CA . -44.04 -28.96 -8.34
C6' LMT CA . -43.69 -30.08 -9.28
O1' LMT CA . -42.93 -28.00 -5.25
O2' LMT CA . -46.11 -27.58 -6.51
O3' LMT CA . -43.44 -25.59 -7.70
O5' LMT CA . -43.23 -28.99 -7.21
O6' LMT CA . -44.15 -31.23 -8.69
C1 LMT CA . -42.82 -28.74 -4.05
C2 LMT CA . -41.35 -28.90 -3.83
C3 LMT CA . -40.93 -29.78 -2.69
C4 LMT CA . -39.43 -29.73 -2.59
C5 LMT CA . -39.01 -28.55 -1.78
C6 LMT CA . -37.54 -28.56 -1.50
C7 LMT CA . -37.13 -27.27 -0.87
C8 LMT CA . -37.33 -26.16 -1.85
C9 LMT CA . -37.17 -24.80 -1.26
C10 LMT CA . -38.09 -23.88 -2.00
C11 LMT CA . -37.62 -23.63 -3.39
C12 LMT CA . -36.28 -22.98 -3.41
C1B LMT DA . -47.02 -37.34 -8.44
C2B LMT DA . -46.76 -38.87 -8.46
C3B LMT DA . -47.64 -39.63 -9.48
C4B LMT DA . -47.86 -38.87 -10.83
C5B LMT DA . -47.05 -37.57 -10.80
C6B LMT DA . -47.27 -36.79 -12.08
O1B LMT DA . -45.89 -36.69 -7.94
O2B LMT DA . -45.41 -39.07 -8.68
O3B LMT DA . -48.83 -40.02 -8.92
O4' LMT DA . -47.44 -39.63 -11.89
O5B LMT DA . -47.39 -36.80 -9.68
O6B LMT DA . -48.41 -36.03 -11.98
C1' LMT DA . -44.73 -33.89 -5.16
C2' LMT DA . -45.14 -35.26 -4.55
C3' LMT DA . -45.24 -36.32 -5.68
C4' LMT DA . -46.08 -35.82 -6.86
C5' LMT DA . -45.50 -34.44 -7.24
C6' LMT DA . -46.07 -33.83 -8.48
O1' LMT DA . -44.80 -32.92 -4.20
O2' LMT DA . -44.18 -35.64 -3.66
O3' LMT DA . -45.76 -37.48 -5.20
O5' LMT DA . -45.64 -33.54 -6.17
O6' LMT DA . -45.49 -34.52 -9.53
C1 LMT DA . -43.54 -32.44 -3.79
C2 LMT DA . -43.50 -32.71 -2.32
C3 LMT DA . -42.17 -33.08 -1.76
C4 LMT DA . -42.14 -32.59 -0.33
C5 LMT DA . -40.79 -32.81 0.26
C6 LMT DA . -40.62 -32.05 1.54
C7 LMT DA . -39.61 -32.74 2.41
C8 LMT DA . -38.29 -32.72 1.73
C9 LMT DA . -37.16 -33.17 2.60
C10 LMT DA . -35.92 -32.46 2.12
C11 LMT DA . -35.42 -31.48 3.14
C12 LMT DA . -36.18 -30.21 3.10
N1 FMN EA . -15.75 -13.42 -34.05
C2 FMN EA . -16.74 -14.36 -34.09
O2 FMN EA . -16.98 -15.00 -35.12
N3 FMN EA . -17.51 -14.59 -32.98
C4 FMN EA . -17.37 -13.95 -31.75
O4 FMN EA . -18.11 -14.26 -30.81
C4A FMN EA . -16.32 -12.96 -31.71
N5 FMN EA . -16.12 -12.32 -30.61
C5A FMN EA . -15.11 -11.38 -30.57
C6 FMN EA . -14.88 -10.69 -29.38
C7 FMN EA . -13.87 -9.74 -29.30
C7M FMN EA . -13.64 -9.01 -27.99
C8 FMN EA . -13.06 -9.48 -30.41
C8M FMN EA . -11.97 -8.44 -30.36
C9 FMN EA . -13.29 -10.16 -31.60
C9A FMN EA . -14.30 -11.11 -31.68
N10 FMN EA . -14.54 -11.85 -32.86
C10 FMN EA . -15.55 -12.77 -32.93
C1' FMN EA . -13.66 -11.70 -34.03
C2' FMN EA . -14.24 -10.81 -35.13
O2' FMN EA . -13.99 -9.44 -34.83
C3' FMN EA . -13.58 -11.16 -36.46
O3' FMN EA . -13.31 -9.96 -37.18
C4' FMN EA . -14.44 -12.08 -37.34
O4' FMN EA . -14.97 -13.14 -36.55
C5' FMN EA . -15.56 -11.34 -38.04
O5' FMN EA . -15.12 -10.94 -39.36
P FMN EA . -15.86 -11.55 -40.64
O1P FMN EA . -14.88 -11.79 -41.71
O2P FMN EA . -17.04 -10.70 -40.92
FE1 SF4 FA . 6.12 12.09 45.08
FE2 SF4 FA . 3.89 13.61 45.41
FE3 SF4 FA . 3.73 11.23 44.08
FE4 SF4 FA . 5.01 13.36 42.93
S1 SF4 FA . 2.79 13.21 43.45
S2 SF4 FA . 5.75 11.21 43.01
S3 SF4 FA . 5.94 14.34 44.76
S4 SF4 FA . 4.26 11.54 46.28
FE1 SF4 GA . 6.50 20.36 54.38
FE2 SF4 GA . 5.49 18.32 55.91
FE3 SF4 GA . 6.24 17.86 53.33
FE4 SF4 GA . 4.00 19.34 53.86
S1 SF4 GA . 4.34 17.14 54.35
S2 SF4 GA . 5.63 19.82 52.34
S3 SF4 GA . 4.67 20.45 55.74
S4 SF4 GA . 7.59 18.48 55.05
#